data_7WGR
#
_entry.id   7WGR
#
_cell.length_a   1.00
_cell.length_b   1.00
_cell.length_c   1.00
_cell.angle_alpha   90.00
_cell.angle_beta   90.00
_cell.angle_gamma   90.00
#
_symmetry.space_group_name_H-M   'P 1'
#
loop_
_entity.id
_entity.type
_entity.pdbx_description
1 polymer '2-oxoglutarate dehydrogenase, mitochondrial'
2 non-polymer 'CALCIUM ION'
3 non-polymer 'MAGNESIUM ION'
4 non-polymer 'THIAMINE DIPHOSPHATE'
#
_entity_poly.entity_id   1
_entity_poly.type   'polypeptide(L)'
_entity_poly.pdbx_seq_one_letter_code
;AVQSLIRAYQIRGHHVAQLDPLGILDADLDSSVPADIISSTDKLGFYGLDESDLDKVFHLPTTTFIGGQESALPLREIIR
RLEMAYCQHIGVEFMFINDLEQCQWIRQKFETPGIMQFTNEEKRTLLARLVRSTRFEEFLQRKWSSEKRFGLEGCEVLIP
ALKTIIDKSSENGVDYVIMGMPHRGRLNVLANVIRKELEQIFCQFDSKLEAADEGSGDVKYHLGMYHRRINRVTDRNITL
SLVANPSHLEAADPVVMGKTKAEQFYCGDTEGKKVMSILLHGDAAFAGQGIVYETFHLSDLPSYTTHGTVHVVVNNQIGF
TTDPRMARSSPYPTDVARVVNAPIFHVNSDDPEAVMYVCKVAAEWRSTFHKDVVVDLVCYRRNGHNEMDEPMFTQPLMYK
QIRKQKPVLQKYAELLVSQGVVNQPEYEEEISKYDKICEEAFARSKDEKILHIKHWLDSPWPGFFTLDGQPRSMSCPSTG
LTEDILTHIGNVASSVPVENFTIHGGLSRILKTRGEMVKNRTVDWALAEYMAFGSLLKEGIHIRLSGQDVERGTFSHRHH
VLHDQNVDKRTCIPMNHLWPNQAPYTVCNSSLSEYGVLGFELGFAMASPNALVLWEAQFGDFHNTAQCIIDQFICPGQAK
WVRQNGIVLLLPHGMEGMGPEHSSARPERFLQMCNDDPDVLPDLKEANFDINQLYDCNWVVVNCSTPGNFFHVLRRQILL
PFRKPLIIFTPKSLLRHPEARSSFDEMLPGTHFQRVIPEDGPAAQNPENVKRLLFCTGKVYYDLTRERKARDMVGQVAIT
RIEQLSPFPFDLLLKEVQKYPNAELAWCQEEHKNQGYYDYVKPRLRTTISRAKPVWYAGRDPAAAPATGNKKTHLTELQR
LLDTAFDLDVFKNFS
;
_entity_poly.pdbx_strand_id   A,B
#
# COMPACT_ATOMS: atom_id res chain seq x y z
N ALA A 1 16.66 -7.35 44.81
CA ALA A 1 16.33 -8.78 44.72
C ALA A 1 14.94 -8.97 44.15
N VAL A 2 13.98 -8.22 44.68
CA VAL A 2 12.60 -8.31 44.23
C VAL A 2 12.33 -7.39 43.03
N GLN A 3 13.09 -6.31 42.88
CA GLN A 3 12.87 -5.38 41.78
C GLN A 3 12.99 -6.07 40.43
N SER A 4 13.98 -6.95 40.28
CA SER A 4 14.14 -7.69 39.04
C SER A 4 12.94 -8.58 38.76
N LEU A 5 12.39 -9.21 39.81
CA LEU A 5 11.24 -10.09 39.63
C LEU A 5 10.01 -9.31 39.17
N ILE A 6 9.76 -8.16 39.80
CA ILE A 6 8.62 -7.32 39.42
C ILE A 6 8.81 -6.80 38.00
N ARG A 7 10.04 -6.42 37.66
CA ARG A 7 10.33 -5.96 36.29
C ARG A 7 10.06 -7.08 35.29
N ALA A 8 10.48 -8.30 35.63
CA ALA A 8 10.27 -9.44 34.74
C ALA A 8 8.80 -9.72 34.53
N TYR A 9 8.00 -9.62 35.59
CA TYR A 9 6.56 -9.77 35.41
C TYR A 9 5.97 -8.65 34.56
N GLN A 10 6.37 -7.40 34.82
CA GLN A 10 5.87 -6.31 34.00
C GLN A 10 6.27 -6.46 32.53
N ILE A 11 7.32 -7.23 32.25
CA ILE A 11 7.68 -7.49 30.85
C ILE A 11 6.87 -8.66 30.28
N ARG A 12 6.83 -9.80 31.00
CA ARG A 12 6.36 -11.07 30.43
C ARG A 12 5.04 -11.56 31.01
N GLY A 13 4.24 -10.69 31.64
CA GLY A 13 2.99 -11.17 32.21
C GLY A 13 1.98 -11.59 31.16
N HIS A 14 1.87 -10.83 30.08
CA HIS A 14 0.85 -11.08 29.07
C HIS A 14 1.10 -12.37 28.28
N HIS A 15 2.30 -12.95 28.37
CA HIS A 15 2.58 -14.19 27.65
C HIS A 15 1.97 -15.41 28.32
N VAL A 16 1.90 -15.41 29.66
CA VAL A 16 1.33 -16.52 30.40
C VAL A 16 -0.11 -16.26 30.84
N ALA A 17 -0.66 -15.08 30.51
CA ALA A 17 -2.00 -14.66 30.98
C ALA A 17 -3.07 -15.61 30.45
N GLN A 18 -4.18 -15.77 31.18
CA GLN A 18 -5.30 -16.69 30.80
C GLN A 18 -6.33 -15.85 30.04
N LEU A 19 -5.94 -15.37 28.85
CA LEU A 19 -6.81 -14.50 28.00
C LEU A 19 -7.65 -15.34 27.04
N ASP A 20 -7.21 -16.58 26.79
CA ASP A 20 -7.90 -17.50 25.84
C ASP A 20 -9.29 -17.86 26.40
N PRO A 21 -10.44 -17.49 25.76
CA PRO A 21 -11.75 -17.94 26.27
C PRO A 21 -11.81 -19.47 26.17
N LEU A 22 -11.19 -20.04 25.14
CA LEU A 22 -11.16 -21.53 24.98
C LEU A 22 -9.84 -22.05 25.56
N GLY A 23 -9.92 -22.97 26.53
CA GLY A 23 -8.70 -23.61 27.06
C GLY A 23 -7.89 -24.24 25.93
N ILE A 24 -8.36 -24.12 24.68
CA ILE A 24 -7.69 -24.74 23.51
C ILE A 24 -6.70 -23.78 22.83
N LEU A 25 -7.12 -22.98 21.85
CA LEU A 25 -6.20 -22.12 21.06
C LEU A 25 -5.61 -20.97 21.88
N ASP A 26 -4.33 -20.66 21.62
CA ASP A 26 -3.54 -19.58 22.29
C ASP A 26 -3.58 -18.26 21.50
N ALA A 27 -3.27 -17.13 22.15
CA ALA A 27 -3.35 -15.79 21.51
C ALA A 27 -1.97 -15.27 21.09
N ASP A 28 -0.93 -15.56 21.86
CA ASP A 28 0.50 -15.21 21.55
C ASP A 28 1.11 -16.30 20.65
N LEU A 29 0.42 -17.41 20.35
CA LEU A 29 0.86 -18.46 19.38
C LEU A 29 2.06 -19.26 19.89
N ASP A 30 2.35 -19.29 21.21
CA ASP A 30 3.42 -20.13 21.81
C ASP A 30 2.86 -20.64 23.13
N SER A 31 2.93 -21.93 23.44
CA SER A 31 2.36 -22.55 24.68
C SER A 31 3.43 -22.63 25.77
N SER A 32 4.69 -22.33 25.45
CA SER A 32 5.80 -22.42 26.39
C SER A 32 5.74 -21.30 27.41
N VAL A 33 6.15 -21.61 28.64
CA VAL A 33 6.19 -20.64 29.74
C VAL A 33 7.62 -20.15 29.86
N PRO A 34 7.88 -18.86 29.62
CA PRO A 34 9.25 -18.36 29.79
C PRO A 34 9.71 -18.48 31.24
N ALA A 35 11.02 -18.68 31.40
CA ALA A 35 11.59 -18.93 32.71
C ALA A 35 11.46 -17.75 33.66
N ASP A 36 11.11 -16.56 33.13
CA ASP A 36 10.94 -15.39 33.99
C ASP A 36 9.78 -15.58 34.97
N ILE A 37 8.66 -16.14 34.49
CA ILE A 37 7.49 -16.30 35.33
C ILE A 37 7.68 -17.48 36.27
N ILE A 38 7.39 -17.27 37.55
CA ILE A 38 7.48 -18.32 38.56
C ILE A 38 6.18 -19.11 38.51
N SER A 39 6.14 -20.12 37.65
CA SER A 39 4.97 -21.01 37.59
C SER A 39 4.99 -22.06 38.68
N SER A 40 6.12 -22.26 39.35
CA SER A 40 6.22 -23.22 40.44
C SER A 40 7.38 -22.82 41.33
N THR A 41 7.40 -23.36 42.54
CA THR A 41 8.42 -23.01 43.51
C THR A 41 9.82 -23.48 43.08
N ASP A 42 9.92 -24.35 42.08
CA ASP A 42 11.23 -24.81 41.62
C ASP A 42 11.94 -23.78 40.76
N LYS A 43 11.22 -22.80 40.21
CA LYS A 43 11.81 -21.84 39.29
C LYS A 43 12.38 -20.60 39.98
N LEU A 44 12.38 -20.56 41.32
CA LEU A 44 12.97 -19.44 42.03
C LEU A 44 14.48 -19.38 41.89
N GLY A 45 15.11 -20.45 41.42
CA GLY A 45 16.56 -20.45 41.24
C GLY A 45 17.04 -19.57 40.11
N PHE A 46 16.14 -19.18 39.20
CA PHE A 46 16.52 -18.26 38.13
C PHE A 46 16.93 -16.91 38.68
N TYR A 47 16.23 -16.44 39.71
CA TYR A 47 16.57 -15.19 40.39
C TYR A 47 17.44 -15.40 41.62
N GLY A 48 17.88 -16.63 41.89
CA GLY A 48 18.67 -16.92 43.05
C GLY A 48 17.89 -17.16 44.33
N LEU A 49 16.57 -17.08 44.28
CA LEU A 49 15.73 -17.29 45.46
C LEU A 49 15.40 -18.77 45.60
N ASP A 50 14.73 -19.12 46.69
CA ASP A 50 14.37 -20.50 46.97
C ASP A 50 13.09 -20.52 47.81
N GLU A 51 12.63 -21.72 48.14
CA GLU A 51 11.38 -21.88 48.86
C GLU A 51 11.42 -21.23 50.25
N SER A 52 12.62 -21.03 50.82
CA SER A 52 12.73 -20.40 52.12
C SER A 52 12.44 -18.90 52.07
N ASP A 53 12.38 -18.30 50.89
CA ASP A 53 12.14 -16.87 50.75
C ASP A 53 10.67 -16.52 50.56
N LEU A 54 9.79 -17.51 50.42
CA LEU A 54 8.39 -17.24 50.17
C LEU A 54 7.67 -16.63 51.37
N ASP A 55 8.28 -16.65 52.56
CA ASP A 55 7.66 -16.09 53.75
C ASP A 55 8.33 -14.82 54.26
N LYS A 56 9.56 -14.53 53.82
CA LYS A 56 10.24 -13.32 54.26
C LYS A 56 9.56 -12.09 53.65
N VAL A 57 9.42 -11.06 54.47
CA VAL A 57 8.78 -9.82 54.04
C VAL A 57 9.79 -8.99 53.24
N PHE A 58 9.37 -8.51 52.08
CA PHE A 58 10.24 -7.77 51.17
C PHE A 58 9.68 -6.37 50.94
N HIS A 59 10.51 -5.35 51.15
CA HIS A 59 10.10 -3.97 50.95
C HIS A 59 9.85 -3.71 49.47
N LEU A 60 8.76 -3.00 49.17
CA LEU A 60 8.40 -2.72 47.79
C LEU A 60 9.18 -1.53 47.25
N PRO A 61 9.42 -1.49 45.94
CA PRO A 61 10.12 -0.34 45.35
C PRO A 61 9.17 0.84 45.19
N THR A 62 9.68 1.91 44.57
CA THR A 62 8.87 3.07 44.27
C THR A 62 8.12 2.96 42.96
N THR A 63 8.34 1.89 42.16
CA THR A 63 7.69 1.67 40.84
C THR A 63 6.75 0.45 40.91
N THR A 64 6.12 0.18 42.06
CA THR A 64 5.16 -0.95 42.23
C THR A 64 4.04 -0.46 43.14
N PHE A 65 2.76 -0.68 42.77
CA PHE A 65 1.59 -0.13 43.51
C PHE A 65 0.85 -1.24 44.27
N ILE A 66 1.18 -2.51 44.01
CA ILE A 66 0.55 -3.60 44.82
C ILE A 66 0.80 -3.28 46.29
N GLY A 67 -0.25 -3.27 47.11
CA GLY A 67 -0.12 -3.00 48.55
C GLY A 67 -1.29 -2.18 49.02
N GLY A 68 -1.62 -1.11 48.30
CA GLY A 68 -2.74 -0.21 48.65
C GLY A 68 -2.41 0.64 49.86
N GLN A 69 -2.50 0.10 51.08
CA GLN A 69 -2.13 0.82 52.35
C GLN A 69 -1.02 0.00 53.02
N GLU A 70 -0.09 -0.57 52.23
CA GLU A 70 1.01 -1.43 52.76
C GLU A 70 2.35 -1.02 52.15
N SER A 71 3.41 -1.00 52.98
CA SER A 71 4.77 -0.75 52.45
C SER A 71 5.39 -2.09 52.05
N ALA A 72 5.49 -3.02 52.99
CA ALA A 72 6.10 -4.34 52.71
C ALA A 72 5.06 -5.47 52.79
N LEU A 73 4.99 -6.28 51.74
CA LEU A 73 4.08 -7.45 51.75
C LEU A 73 4.97 -8.68 51.91
N PRO A 74 4.54 -9.81 52.54
CA PRO A 74 5.37 -11.02 52.57
C PRO A 74 5.45 -11.57 51.14
N LEU A 75 6.58 -12.14 50.72
CA LEU A 75 6.73 -12.54 49.28
C LEU A 75 5.54 -13.37 48.74
N ARG A 76 4.87 -14.19 49.56
CA ARG A 76 3.67 -14.93 49.08
C ARG A 76 2.56 -13.95 48.64
N GLU A 77 2.55 -12.73 49.18
CA GLU A 77 1.52 -11.73 48.79
C GLU A 77 1.92 -11.07 47.46
N ILE A 78 3.19 -10.66 47.32
CA ILE A 78 3.64 -10.00 46.10
C ILE A 78 3.40 -10.91 44.89
N ILE A 79 3.78 -12.19 45.02
CA ILE A 79 3.62 -13.11 43.89
C ILE A 79 2.15 -13.30 43.55
N ARG A 80 1.29 -13.46 44.55
CA ARG A 80 -0.14 -13.66 44.29
C ARG A 80 -0.75 -12.43 43.64
N ARG A 81 -0.44 -11.24 44.16
CA ARG A 81 -1.01 -10.01 43.62
C ARG A 81 -0.51 -9.75 42.21
N LEU A 82 0.77 -10.02 41.94
CA LEU A 82 1.30 -9.83 40.59
C LEU A 82 0.66 -10.80 39.61
N GLU A 83 0.46 -12.07 40.02
CA GLU A 83 -0.23 -13.00 39.14
C GLU A 83 -1.67 -12.56 38.88
N MET A 84 -2.35 -12.06 39.91
CA MET A 84 -3.71 -11.57 39.73
C MET A 84 -3.75 -10.38 38.78
N ALA A 85 -2.79 -9.46 38.91
CA ALA A 85 -2.82 -8.23 38.13
C ALA A 85 -2.43 -8.46 36.67
N TYR A 86 -1.41 -9.29 36.43
CA TYR A 86 -0.84 -9.40 35.09
C TYR A 86 -1.08 -10.73 34.41
N CYS A 87 -1.45 -11.78 35.14
CA CYS A 87 -1.56 -13.12 34.57
C CYS A 87 -2.97 -13.70 34.68
N GLN A 88 -4.00 -12.85 34.84
CA GLN A 88 -5.39 -13.33 35.05
C GLN A 88 -6.36 -12.44 34.27
N HIS A 89 -6.79 -12.85 33.06
CA HIS A 89 -7.78 -12.13 32.19
C HIS A 89 -7.26 -10.80 31.63
N ILE A 90 -6.07 -10.30 31.99
CA ILE A 90 -5.56 -9.00 31.57
C ILE A 90 -4.06 -9.10 31.35
N GLY A 91 -3.63 -8.74 30.14
CA GLY A 91 -2.22 -8.62 29.83
C GLY A 91 -1.86 -7.22 29.35
N VAL A 92 -0.92 -6.58 30.04
CA VAL A 92 -0.58 -5.19 29.78
C VAL A 92 0.80 -5.14 29.15
N GLU A 93 0.88 -4.56 27.95
CA GLU A 93 2.13 -4.39 27.21
C GLU A 93 2.41 -2.90 27.15
N PHE A 94 3.27 -2.39 28.05
CA PHE A 94 3.49 -0.93 28.11
C PHE A 94 4.94 -0.60 28.47
N MET A 95 5.73 -1.60 28.88
CA MET A 95 7.09 -1.31 29.34
C MET A 95 8.04 -0.89 28.23
N PHE A 96 7.65 -1.04 26.96
CA PHE A 96 8.47 -0.50 25.88
C PHE A 96 8.45 1.03 25.87
N ILE A 97 7.55 1.65 26.62
CA ILE A 97 7.51 3.10 26.74
C ILE A 97 8.71 3.55 27.55
N ASN A 98 9.43 4.56 27.04
CA ASN A 98 10.59 5.10 27.73
C ASN A 98 10.26 6.23 28.69
N ASP A 99 9.12 6.91 28.50
CA ASP A 99 8.69 7.92 29.45
C ASP A 99 8.36 7.27 30.79
N LEU A 100 8.70 7.96 31.87
CA LEU A 100 8.50 7.40 33.20
C LEU A 100 7.14 7.76 33.77
N GLU A 101 6.65 8.97 33.50
CA GLU A 101 5.36 9.39 34.03
C GLU A 101 4.23 8.51 33.51
N GLN A 102 4.24 8.22 32.20
CA GLN A 102 3.21 7.37 31.63
C GLN A 102 3.28 5.95 32.21
N CYS A 103 4.50 5.43 32.39
CA CYS A 103 4.64 4.10 32.98
C CYS A 103 4.10 4.06 34.40
N GLN A 104 4.42 5.07 35.20
CA GLN A 104 3.91 5.10 36.58
C GLN A 104 2.39 5.23 36.60
N TRP A 105 1.83 6.04 35.70
CA TRP A 105 0.38 6.17 35.64
C TRP A 105 -0.29 4.84 35.29
N ILE A 106 0.28 4.13 34.30
CA ILE A 106 -0.28 2.83 33.93
C ILE A 106 -0.18 1.83 35.08
N ARG A 107 1.02 1.72 35.66
CA ARG A 107 1.27 0.76 36.76
C ARG A 107 0.19 0.98 37.82
N GLN A 108 0.08 2.20 38.35
CA GLN A 108 -0.93 2.53 39.39
C GLN A 108 -2.26 1.86 39.04
N LYS A 109 -2.81 2.10 37.84
CA LYS A 109 -4.16 1.58 37.49
C LYS A 109 -4.31 0.06 37.70
N PHE A 110 -3.68 -0.77 36.87
CA PHE A 110 -3.87 -2.24 36.92
C PHE A 110 -3.10 -2.90 38.08
N GLU A 111 -2.13 -2.23 38.70
CA GLU A 111 -1.26 -2.83 39.75
C GLU A 111 -1.59 -2.31 41.15
N THR A 112 -2.72 -1.63 41.39
CA THR A 112 -3.14 -1.19 42.76
C THR A 112 -4.41 -1.94 43.17
N PRO A 113 -4.66 -2.25 44.47
CA PRO A 113 -5.83 -3.06 44.87
C PRO A 113 -7.18 -2.35 45.08
N GLY A 114 -8.29 -3.09 45.14
CA GLY A 114 -9.64 -2.54 45.41
C GLY A 114 -10.02 -1.41 44.47
N ILE A 115 -9.52 -1.41 43.23
CA ILE A 115 -9.78 -0.34 42.22
C ILE A 115 -10.81 -0.81 41.20
N MET A 116 -10.97 -2.13 40.98
CA MET A 116 -11.84 -2.66 39.93
C MET A 116 -13.25 -2.94 40.42
N GLN A 117 -13.54 -2.70 41.70
CA GLN A 117 -14.84 -3.01 42.25
C GLN A 117 -15.91 -2.11 41.65
N PHE A 118 -17.08 -2.69 41.41
CA PHE A 118 -18.21 -2.00 40.80
C PHE A 118 -19.29 -1.74 41.86
N THR A 119 -20.41 -1.20 41.40
CA THR A 119 -21.58 -0.98 42.22
C THR A 119 -22.79 -1.69 41.60
N ASN A 120 -23.82 -1.90 42.42
CA ASN A 120 -24.97 -2.67 41.97
C ASN A 120 -25.68 -2.01 40.79
N GLU A 121 -25.75 -0.68 40.78
CA GLU A 121 -26.35 0.02 39.65
C GLU A 121 -25.56 -0.22 38.37
N GLU A 122 -24.23 -0.19 38.47
CA GLU A 122 -23.39 -0.50 37.31
C GLU A 122 -23.62 -1.92 36.81
N LYS A 123 -23.75 -2.87 37.74
CA LYS A 123 -24.01 -4.25 37.35
C LYS A 123 -25.37 -4.38 36.68
N ARG A 124 -26.38 -3.69 37.20
CA ARG A 124 -27.70 -3.73 36.56
C ARG A 124 -27.65 -3.15 35.16
N THR A 125 -26.94 -2.02 34.97
CA THR A 125 -26.83 -1.42 33.65
C THR A 125 -26.06 -2.33 32.69
N LEU A 126 -25.00 -2.98 33.18
CA LEU A 126 -24.26 -3.92 32.35
C LEU A 126 -25.13 -5.10 31.95
N LEU A 127 -25.94 -5.62 32.87
CA LEU A 127 -26.88 -6.68 32.55
C LEU A 127 -27.86 -6.22 31.49
N ALA A 128 -28.37 -5.00 31.63
CA ALA A 128 -29.32 -4.49 30.65
C ALA A 128 -28.70 -4.40 29.26
N ARG A 129 -27.47 -3.87 29.18
CA ARG A 129 -26.79 -3.76 27.88
C ARG A 129 -26.53 -5.14 27.28
N LEU A 130 -26.06 -6.09 28.11
CA LEU A 130 -25.80 -7.44 27.61
C LEU A 130 -27.09 -8.10 27.11
N VAL A 131 -28.18 -7.92 27.85
CA VAL A 131 -29.46 -8.48 27.42
C VAL A 131 -29.89 -7.86 26.11
N ARG A 132 -29.79 -6.54 25.99
CA ARG A 132 -30.18 -5.88 24.73
C ARG A 132 -29.37 -6.44 23.57
N SER A 133 -28.05 -6.54 23.73
CA SER A 133 -27.20 -7.03 22.65
C SER A 133 -27.53 -8.46 22.27
N THR A 134 -27.61 -9.35 23.27
CA THR A 134 -27.83 -10.77 22.98
C THR A 134 -29.21 -11.01 22.39
N ARG A 135 -30.25 -10.36 22.93
CA ARG A 135 -31.59 -10.56 22.40
C ARG A 135 -31.70 -9.97 21.00
N PHE A 136 -31.04 -8.85 20.72
CA PHE A 136 -31.04 -8.33 19.35
C PHE A 136 -30.37 -9.30 18.40
N GLU A 137 -29.25 -9.89 18.84
CA GLU A 137 -28.55 -10.86 17.99
C GLU A 137 -29.43 -12.07 17.70
N GLU A 138 -30.08 -12.63 18.73
CA GLU A 138 -30.90 -13.82 18.48
C GLU A 138 -32.16 -13.48 17.69
N PHE A 139 -32.70 -12.27 17.88
CA PHE A 139 -33.85 -11.85 17.07
C PHE A 139 -33.48 -11.73 15.61
N LEU A 140 -32.31 -11.15 15.32
CA LEU A 140 -31.83 -11.10 13.95
C LEU A 140 -31.61 -12.50 13.39
N GLN A 141 -31.09 -13.41 14.24
CA GLN A 141 -30.84 -14.77 13.79
C GLN A 141 -32.13 -15.50 13.44
N ARG A 142 -33.13 -15.44 14.33
CA ARG A 142 -34.35 -16.21 14.12
C ARG A 142 -35.26 -15.57 13.07
N LYS A 143 -35.24 -14.24 12.95
CA LYS A 143 -36.04 -13.59 11.92
C LYS A 143 -35.35 -13.54 10.57
N TRP A 144 -34.03 -13.69 10.54
CA TRP A 144 -33.26 -13.70 9.30
C TRP A 144 -32.14 -14.73 9.46
N SER A 145 -32.41 -15.96 9.00
CA SER A 145 -31.41 -17.05 9.12
C SER A 145 -30.62 -17.19 7.82
N SER A 146 -31.30 -17.22 6.67
CA SER A 146 -30.63 -17.41 5.36
C SER A 146 -30.05 -16.08 4.86
N GLU A 147 -29.10 -15.50 5.60
CA GLU A 147 -28.48 -14.24 5.24
C GLU A 147 -26.97 -14.33 5.42
N LYS A 148 -26.25 -13.46 4.70
CA LYS A 148 -24.76 -13.46 4.77
C LYS A 148 -24.29 -12.38 5.75
N ARG A 149 -25.15 -11.92 6.66
CA ARG A 149 -24.77 -10.88 7.59
C ARG A 149 -23.60 -11.33 8.46
N PHE A 150 -22.81 -10.38 8.93
CA PHE A 150 -21.71 -10.65 9.85
C PHE A 150 -22.19 -10.43 11.27
N GLY A 151 -22.13 -11.48 12.08
CA GLY A 151 -22.69 -11.43 13.43
C GLY A 151 -21.67 -11.22 14.51
N LEU A 152 -22.11 -10.68 15.65
CA LEU A 152 -21.23 -10.39 16.77
C LEU A 152 -21.25 -11.48 17.83
N GLU A 153 -21.96 -12.59 17.60
CA GLU A 153 -22.00 -13.66 18.58
C GLU A 153 -20.61 -14.19 18.86
N GLY A 154 -20.30 -14.36 20.15
CA GLY A 154 -18.96 -14.72 20.56
C GLY A 154 -18.29 -13.60 21.32
N CYS A 155 -18.53 -12.36 20.88
CA CYS A 155 -18.07 -11.15 21.57
C CYS A 155 -19.27 -10.22 21.70
N GLU A 156 -20.04 -10.40 22.76
CA GLU A 156 -21.23 -9.59 23.01
C GLU A 156 -20.97 -8.50 24.05
N VAL A 157 -19.73 -8.34 24.49
CA VAL A 157 -19.37 -7.29 25.44
C VAL A 157 -18.85 -6.04 24.75
N LEU A 158 -18.83 -6.02 23.41
CA LEU A 158 -18.34 -4.85 22.69
C LEU A 158 -19.24 -3.63 22.91
N ILE A 159 -20.56 -3.83 22.89
CA ILE A 159 -21.49 -2.70 23.04
C ILE A 159 -21.35 -2.01 24.39
N PRO A 160 -21.36 -2.71 25.53
CA PRO A 160 -21.12 -2.01 26.80
C PRO A 160 -19.75 -1.35 26.86
N ALA A 161 -18.74 -1.94 26.21
CA ALA A 161 -17.41 -1.33 26.19
C ALA A 161 -17.45 0.02 25.49
N LEU A 162 -18.07 0.08 24.30
CA LEU A 162 -18.20 1.33 23.59
C LEU A 162 -19.02 2.35 24.37
N LYS A 163 -20.10 1.91 25.01
CA LYS A 163 -20.91 2.84 25.79
C LYS A 163 -20.13 3.40 26.97
N THR A 164 -19.34 2.56 27.65
CA THR A 164 -18.50 3.04 28.74
C THR A 164 -17.45 4.03 28.25
N ILE A 165 -16.85 3.75 27.10
CA ILE A 165 -15.87 4.67 26.52
C ILE A 165 -16.50 6.03 26.26
N ILE A 166 -17.69 6.03 25.64
CA ILE A 166 -18.33 7.30 25.30
C ILE A 166 -18.77 8.04 26.56
N ASP A 167 -19.25 7.33 27.57
CA ASP A 167 -19.64 7.99 28.81
C ASP A 167 -18.44 8.62 29.51
N LYS A 168 -17.31 7.91 29.55
CA LYS A 168 -16.11 8.48 30.15
C LYS A 168 -15.62 9.70 29.38
N SER A 169 -15.67 9.63 28.04
CA SER A 169 -15.31 10.79 27.24
C SER A 169 -16.23 11.97 27.53
N SER A 170 -17.53 11.71 27.66
CA SER A 170 -18.47 12.79 27.95
C SER A 170 -18.18 13.42 29.29
N GLU A 171 -17.90 12.62 30.32
CA GLU A 171 -17.66 13.20 31.63
C GLU A 171 -16.29 13.85 31.74
N ASN A 172 -15.35 13.51 30.84
CA ASN A 172 -14.03 14.12 30.84
C ASN A 172 -13.98 15.43 30.08
N GLY A 173 -15.03 15.81 29.37
CA GLY A 173 -15.11 17.07 28.66
C GLY A 173 -15.41 16.94 27.18
N VAL A 174 -15.27 15.75 26.60
CA VAL A 174 -15.49 15.59 25.17
C VAL A 174 -16.95 15.84 24.83
N ASP A 175 -17.18 16.57 23.74
CA ASP A 175 -18.52 16.86 23.26
C ASP A 175 -18.76 16.40 21.84
N TYR A 176 -17.76 15.80 21.18
CA TYR A 176 -17.91 15.32 19.82
C TYR A 176 -17.03 14.10 19.65
N VAL A 177 -17.60 13.02 19.09
CA VAL A 177 -16.91 11.76 18.90
C VAL A 177 -17.12 11.30 17.47
N ILE A 178 -16.02 10.90 16.81
CA ILE A 178 -16.08 10.35 15.47
C ILE A 178 -15.57 8.91 15.53
N MET A 179 -16.35 7.98 14.95
CA MET A 179 -16.12 6.55 15.11
C MET A 179 -16.02 5.87 13.77
N GLY A 180 -15.10 4.92 13.67
CA GLY A 180 -15.01 4.06 12.50
C GLY A 180 -14.85 2.62 12.92
N MET A 181 -15.55 1.73 12.21
CA MET A 181 -15.56 0.33 12.63
C MET A 181 -16.00 -0.58 11.49
N PRO A 182 -15.48 -1.80 11.42
CA PRO A 182 -15.75 -2.68 10.27
C PRO A 182 -17.15 -3.28 10.32
N HIS A 183 -17.45 -4.14 9.35
CA HIS A 183 -18.84 -4.68 9.23
C HIS A 183 -19.24 -5.57 10.41
N ARG A 184 -18.31 -6.32 10.99
CA ARG A 184 -18.69 -7.23 12.06
C ARG A 184 -19.20 -6.45 13.26
N GLY A 185 -20.51 -6.50 13.50
CA GLY A 185 -21.11 -5.78 14.60
C GLY A 185 -21.62 -4.41 14.27
N ARG A 186 -21.87 -4.11 13.00
CA ARG A 186 -22.32 -2.78 12.61
C ARG A 186 -23.73 -2.50 13.13
N LEU A 187 -24.63 -3.48 12.98
CA LEU A 187 -26.03 -3.26 13.35
C LEU A 187 -26.20 -3.12 14.86
N ASN A 188 -25.43 -3.88 15.64
CA ASN A 188 -25.52 -3.76 17.09
C ASN A 188 -25.14 -2.36 17.55
N VAL A 189 -24.08 -1.79 16.98
CA VAL A 189 -23.69 -0.42 17.32
C VAL A 189 -24.75 0.56 16.83
N LEU A 190 -25.25 0.36 15.61
CA LEU A 190 -26.26 1.26 15.07
C LEU A 190 -27.58 1.22 15.84
N ALA A 191 -27.83 0.15 16.60
CA ALA A 191 -29.07 0.02 17.33
C ALA A 191 -28.94 0.27 18.83
N ASN A 192 -27.74 0.15 19.39
CA ASN A 192 -27.57 0.23 20.84
C ASN A 192 -26.69 1.39 21.27
N VAL A 193 -25.53 1.57 20.63
CA VAL A 193 -24.62 2.64 21.01
C VAL A 193 -25.05 3.97 20.40
N ILE A 194 -25.06 4.02 19.07
CA ILE A 194 -25.61 5.18 18.35
C ILE A 194 -27.09 4.87 18.16
N ARG A 195 -27.89 5.20 19.18
CA ARG A 195 -29.29 4.80 19.19
C ARG A 195 -30.03 5.34 17.98
N LYS A 196 -30.77 4.45 17.31
CA LYS A 196 -31.49 4.80 16.10
C LYS A 196 -32.85 4.11 16.15
N GLU A 197 -33.80 4.67 15.40
CA GLU A 197 -35.13 4.07 15.32
C GLU A 197 -35.04 2.65 14.79
N LEU A 198 -35.45 1.68 15.61
CA LEU A 198 -35.29 0.28 15.25
C LEU A 198 -36.10 -0.08 14.02
N GLU A 199 -37.22 0.60 13.79
CA GLU A 199 -38.00 0.37 12.59
C GLU A 199 -37.19 0.73 11.34
N GLN A 200 -36.45 1.83 11.39
CA GLN A 200 -35.61 2.21 10.26
C GLN A 200 -34.51 1.17 10.04
N ILE A 201 -33.92 0.65 11.12
CA ILE A 201 -32.88 -0.36 10.98
C ILE A 201 -33.44 -1.63 10.34
N PHE A 202 -34.62 -2.06 10.78
CA PHE A 202 -35.23 -3.24 10.18
C PHE A 202 -35.59 -3.00 8.72
N CYS A 203 -36.04 -1.79 8.39
CA CYS A 203 -36.34 -1.46 7.00
C CYS A 203 -35.08 -1.49 6.14
N GLN A 204 -33.98 -0.94 6.65
CA GLN A 204 -32.73 -0.92 5.90
C GLN A 204 -32.00 -2.25 5.91
N PHE A 205 -32.40 -3.19 6.76
CA PHE A 205 -31.84 -4.54 6.67
C PHE A 205 -32.23 -5.21 5.36
N ASP A 206 -33.48 -5.06 4.94
CA ASP A 206 -33.95 -5.73 3.72
C ASP A 206 -33.44 -5.02 2.47
N SER A 207 -33.45 -3.69 2.49
CA SER A 207 -33.04 -2.88 1.31
C SER A 207 -31.97 -1.87 1.70
N LYS A 208 -31.02 -1.60 0.81
CA LYS A 208 -29.90 -0.69 1.07
C LYS A 208 -29.00 -1.20 2.19
N LEU A 209 -28.98 -2.52 2.39
CA LEU A 209 -28.09 -3.11 3.38
C LEU A 209 -26.65 -3.17 2.89
N GLU A 210 -26.46 -3.25 1.57
CA GLU A 210 -25.12 -3.45 1.02
C GLU A 210 -24.20 -2.28 1.36
N ALA A 211 -24.68 -1.05 1.18
CA ALA A 211 -23.88 0.18 1.40
C ALA A 211 -23.70 0.41 2.90
N ALA A 212 -22.55 0.97 3.32
CA ALA A 212 -22.28 1.30 4.74
C ALA A 212 -23.18 2.45 5.16
N ASP A 213 -23.12 3.59 4.45
CA ASP A 213 -23.93 4.80 4.79
C ASP A 213 -23.41 5.46 6.08
N GLU A 214 -23.99 6.58 6.51
CA GLU A 214 -23.48 7.31 7.70
C GLU A 214 -24.57 7.44 8.77
N GLY A 215 -24.27 7.05 10.01
CA GLY A 215 -25.25 7.12 11.11
C GLY A 215 -24.90 8.23 12.09
N SER A 216 -25.83 9.15 12.35
CA SER A 216 -25.54 10.30 13.24
C SER A 216 -26.54 10.36 14.41
N GLY A 217 -26.14 10.99 15.52
CA GLY A 217 -26.99 11.14 16.69
C GLY A 217 -26.65 12.40 17.47
N ASP A 218 -27.61 13.30 17.58
CA ASP A 218 -27.39 14.57 18.27
C ASP A 218 -28.30 14.70 19.48
N ASN A 237 -25.66 15.30 26.10
CA ASN A 237 -26.10 15.37 24.71
C ASN A 237 -24.91 15.32 23.76
N ILE A 238 -24.03 14.35 23.96
CA ILE A 238 -22.85 14.21 23.11
C ILE A 238 -23.28 13.83 21.70
N THR A 239 -22.66 14.46 20.71
CA THR A 239 -22.92 14.14 19.32
C THR A 239 -22.06 12.96 18.89
N LEU A 240 -22.69 11.98 18.23
CA LEU A 240 -22.01 10.79 17.76
C LEU A 240 -22.15 10.70 16.25
N SER A 241 -21.02 10.52 15.56
CA SER A 241 -20.99 10.40 14.11
C SER A 241 -20.26 9.12 13.73
N LEU A 242 -20.91 8.29 12.93
CA LEU A 242 -20.35 7.05 12.41
C LEU A 242 -20.17 7.22 10.91
N VAL A 243 -18.92 7.29 10.46
CA VAL A 243 -18.63 7.60 9.07
C VAL A 243 -18.79 6.34 8.22
N ALA A 244 -19.01 6.54 6.93
CA ALA A 244 -19.13 5.43 5.99
C ALA A 244 -17.74 4.85 5.69
N ASN A 245 -17.66 3.52 5.66
CA ASN A 245 -16.43 2.84 5.35
C ASN A 245 -16.71 1.67 4.42
N PRO A 246 -15.83 1.39 3.48
CA PRO A 246 -16.01 0.23 2.60
C PRO A 246 -15.45 -1.03 3.25
N SER A 247 -15.62 -2.17 2.56
CA SER A 247 -15.16 -3.45 3.07
C SER A 247 -13.65 -3.60 3.02
N HIS A 248 -12.94 -2.70 2.34
CA HIS A 248 -11.48 -2.73 2.36
C HIS A 248 -11.00 -2.50 3.79
N LEU A 249 -10.24 -3.46 4.31
CA LEU A 249 -9.85 -3.42 5.72
C LEU A 249 -8.82 -2.32 5.97
N GLU A 250 -8.95 -1.61 7.11
CA GLU A 250 -7.99 -0.56 7.55
C GLU A 250 -7.92 0.63 6.59
N ALA A 251 -8.81 0.76 5.59
CA ALA A 251 -8.68 1.78 4.56
C ALA A 251 -9.38 3.08 4.93
N ALA A 252 -9.93 3.19 6.13
CA ALA A 252 -10.69 4.37 6.53
C ALA A 252 -10.16 5.03 7.80
N ASP A 253 -9.05 4.53 8.36
CA ASP A 253 -8.46 5.18 9.53
C ASP A 253 -7.96 6.58 9.24
N PRO A 254 -7.12 6.82 8.21
CA PRO A 254 -6.67 8.20 7.97
C PRO A 254 -7.81 9.15 7.65
N VAL A 255 -8.88 8.67 7.02
CA VAL A 255 -10.04 9.51 6.77
C VAL A 255 -10.64 9.99 8.08
N VAL A 256 -10.78 9.08 9.04
CA VAL A 256 -11.32 9.46 10.36
C VAL A 256 -10.40 10.43 11.05
N MET A 257 -9.08 10.21 10.99
CA MET A 257 -8.15 11.13 11.63
C MET A 257 -8.20 12.51 10.99
N GLY A 258 -8.32 12.57 9.66
CA GLY A 258 -8.44 13.86 9.00
C GLY A 258 -9.72 14.59 9.36
N LYS A 259 -10.83 13.87 9.45
CA LYS A 259 -12.08 14.48 9.88
C LYS A 259 -11.96 15.01 11.30
N THR A 260 -11.32 14.24 12.19
CA THR A 260 -11.13 14.70 13.56
C THR A 260 -10.28 15.97 13.60
N LYS A 261 -9.20 16.00 12.81
CA LYS A 261 -8.36 17.19 12.78
C LYS A 261 -9.12 18.41 12.28
N ALA A 262 -9.92 18.23 11.23
CA ALA A 262 -10.69 19.35 10.69
C ALA A 262 -11.70 19.88 11.71
N GLU A 263 -12.40 18.98 12.39
CA GLU A 263 -13.35 19.42 13.41
C GLU A 263 -12.64 20.11 14.57
N GLN A 264 -11.48 19.59 14.99
CA GLN A 264 -10.72 20.23 16.05
C GLN A 264 -10.29 21.63 15.66
N PHE A 265 -9.83 21.80 14.41
CA PHE A 265 -9.41 23.12 13.95
C PHE A 265 -10.60 24.08 13.90
N TYR A 266 -11.75 23.71 13.31
CA TYR A 266 -12.86 24.70 13.25
C TYR A 266 -13.40 24.99 14.65
N CYS A 267 -13.52 23.97 15.51
CA CYS A 267 -14.13 24.26 16.82
C CYS A 267 -13.22 25.08 17.73
N GLY A 268 -11.97 25.32 17.34
CA GLY A 268 -11.06 26.12 18.12
C GLY A 268 -10.32 25.38 19.21
N ASP A 269 -10.52 24.07 19.36
CA ASP A 269 -9.82 23.29 20.37
C ASP A 269 -8.39 23.07 19.90
N THR A 270 -7.47 23.91 20.39
CA THR A 270 -6.07 23.76 20.00
C THR A 270 -5.49 22.45 20.49
N GLU A 271 -5.82 22.05 21.72
CA GLU A 271 -5.36 20.79 22.29
C GLU A 271 -6.36 19.66 22.11
N GLY A 272 -7.49 19.91 21.43
CA GLY A 272 -8.46 18.88 21.16
C GLY A 272 -9.11 18.29 22.39
N LYS A 273 -9.55 19.13 23.32
CA LYS A 273 -10.16 18.65 24.54
C LYS A 273 -11.62 18.24 24.36
N LYS A 274 -12.23 18.59 23.22
CA LYS A 274 -13.66 18.35 23.02
C LYS A 274 -13.96 17.56 21.75
N VAL A 275 -12.96 16.95 21.12
CA VAL A 275 -13.16 16.10 19.96
C VAL A 275 -12.37 14.82 20.17
N MET A 276 -12.98 13.68 19.86
CA MET A 276 -12.39 12.37 20.13
C MET A 276 -12.58 11.46 18.94
N SER A 277 -11.67 10.50 18.79
CA SER A 277 -11.65 9.59 17.66
C SER A 277 -11.54 8.15 18.15
N ILE A 278 -12.43 7.28 17.65
CA ILE A 278 -12.46 5.88 18.03
C ILE A 278 -12.42 5.04 16.75
N LEU A 279 -11.56 4.02 16.75
CA LEU A 279 -11.42 3.12 15.62
C LEU A 279 -11.48 1.67 16.09
N LEU A 280 -12.09 0.81 15.28
CA LEU A 280 -12.21 -0.61 15.57
C LEU A 280 -11.56 -1.43 14.47
N HIS A 281 -10.85 -2.49 14.88
CA HIS A 281 -10.10 -3.33 13.95
C HIS A 281 -10.31 -4.80 14.30
N GLY A 282 -10.13 -5.66 13.29
CA GLY A 282 -10.02 -7.08 13.54
C GLY A 282 -8.58 -7.50 13.72
N ASP A 283 -8.39 -8.68 14.34
CA ASP A 283 -7.04 -9.13 14.65
C ASP A 283 -6.22 -9.40 13.39
N ALA A 284 -6.83 -10.04 12.39
CA ALA A 284 -6.10 -10.44 11.20
C ALA A 284 -5.70 -9.27 10.31
N ALA A 285 -6.51 -8.22 10.23
CA ALA A 285 -6.19 -7.06 9.40
C ALA A 285 -5.31 -6.05 10.09
N PHE A 286 -5.31 -6.02 11.43
CA PHE A 286 -4.44 -5.12 12.17
C PHE A 286 -2.98 -5.55 12.11
N ALA A 287 -2.69 -6.75 11.61
CA ALA A 287 -1.32 -7.25 11.54
C ALA A 287 -0.98 -7.80 10.15
N GLY A 288 -1.71 -7.38 9.12
CA GLY A 288 -1.45 -7.87 7.79
C GLY A 288 -1.49 -6.78 6.73
N GLN A 289 -1.82 -5.57 7.15
CA GLN A 289 -1.94 -4.42 6.25
C GLN A 289 -0.88 -3.39 6.61
N GLY A 290 -0.18 -2.89 5.59
CA GLY A 290 0.80 -1.84 5.81
C GLY A 290 0.21 -0.46 6.02
N ILE A 291 -1.10 -0.32 5.84
CA ILE A 291 -1.76 0.97 6.02
C ILE A 291 -1.66 1.41 7.48
N VAL A 292 -1.77 0.45 8.40
CA VAL A 292 -1.71 0.76 9.83
C VAL A 292 -0.37 1.39 10.19
N TYR A 293 0.70 0.93 9.54
CA TYR A 293 2.04 1.48 9.78
C TYR A 293 2.09 2.97 9.45
N GLU A 294 1.60 3.33 8.26
CA GLU A 294 1.60 4.73 7.84
C GLU A 294 0.68 5.56 8.72
N THR A 295 -0.50 5.03 9.05
CA THR A 295 -1.44 5.77 9.90
C THR A 295 -0.85 6.02 11.28
N PHE A 296 -0.06 5.06 11.80
CA PHE A 296 0.55 5.25 13.11
C PHE A 296 1.71 6.24 13.05
N HIS A 297 2.47 6.27 11.95
CA HIS A 297 3.48 7.33 11.82
C HIS A 297 2.86 8.70 11.59
N LEU A 298 1.64 8.77 11.05
CA LEU A 298 0.97 10.05 10.91
C LEU A 298 0.48 10.61 12.24
N SER A 299 0.52 9.81 13.32
CA SER A 299 -0.13 10.20 14.56
C SER A 299 0.60 11.34 15.28
N ASP A 300 1.90 11.18 15.54
CA ASP A 300 2.72 12.15 16.33
C ASP A 300 3.15 13.34 15.48
N LEU A 301 3.33 13.15 14.16
CA LEU A 301 3.77 14.25 13.26
C LEU A 301 3.02 15.52 13.68
N PRO A 302 3.67 16.67 13.98
CA PRO A 302 2.94 17.85 14.46
C PRO A 302 1.83 18.34 13.53
N SER A 303 2.03 18.29 12.21
CA SER A 303 1.05 18.76 11.20
C SER A 303 -0.20 17.88 11.18
N TYR A 304 -0.07 16.58 11.47
CA TYR A 304 -1.18 15.57 11.37
C TYR A 304 -1.61 15.06 12.75
N THR A 305 -1.32 15.78 13.85
CA THR A 305 -1.62 15.25 15.23
C THR A 305 -3.07 15.48 15.71
N THR A 306 -3.85 14.40 15.95
CA THR A 306 -5.27 14.48 16.43
C THR A 306 -5.33 14.30 17.95
N HIS A 307 -4.22 14.45 18.65
CA HIS A 307 -4.10 14.45 20.13
C HIS A 307 -4.64 13.18 20.80
N GLY A 308 -4.60 12.02 20.13
CA GLY A 308 -5.02 10.71 20.69
C GLY A 308 -6.12 10.04 19.87
N THR A 309 -6.25 8.71 19.93
CA THR A 309 -7.27 7.91 19.19
C THR A 309 -7.36 6.55 19.90
N VAL A 310 -8.54 6.12 20.38
CA VAL A 310 -8.71 4.85 21.14
C VAL A 310 -8.97 3.70 20.16
N HIS A 311 -7.96 2.90 19.80
CA HIS A 311 -8.09 1.75 18.92
C HIS A 311 -8.57 0.56 19.73
N VAL A 312 -9.57 -0.15 19.21
CA VAL A 312 -10.10 -1.36 19.83
C VAL A 312 -9.99 -2.48 18.81
N VAL A 313 -9.21 -3.51 19.16
CA VAL A 313 -8.97 -4.64 18.27
C VAL A 313 -9.67 -5.86 18.85
N VAL A 314 -10.52 -6.50 18.05
CA VAL A 314 -11.22 -7.71 18.46
C VAL A 314 -10.42 -8.92 17.98
N ASN A 315 -9.95 -9.73 18.93
CA ASN A 315 -9.09 -10.86 18.64
C ASN A 315 -9.91 -12.13 18.73
N ASN A 316 -10.59 -12.46 17.62
CA ASN A 316 -11.41 -13.70 17.57
C ASN A 316 -10.50 -14.90 17.22
N GLN A 317 -9.20 -14.65 17.05
CA GLN A 317 -8.24 -15.77 16.79
C GLN A 317 -8.52 -16.52 15.48
N ILE A 318 -9.12 -15.86 14.47
CA ILE A 318 -9.33 -16.53 13.16
C ILE A 318 -9.66 -15.50 12.07
N GLY A 319 -9.05 -15.62 10.89
CA GLY A 319 -9.38 -14.72 9.75
C GLY A 319 -10.04 -15.54 8.66
N PHE A 320 -11.36 -15.43 8.50
CA PHE A 320 -12.10 -16.27 7.51
C PHE A 320 -11.83 -17.74 7.86
N THR A 321 -10.97 -18.42 7.10
CA THR A 321 -10.59 -19.80 7.41
C THR A 321 -9.09 -19.96 7.64
N THR A 322 -8.38 -18.88 7.91
CA THR A 322 -6.93 -18.94 8.05
C THR A 322 -6.53 -18.95 9.53
N ASP A 323 -5.64 -19.87 9.88
CA ASP A 323 -5.16 -19.97 11.24
C ASP A 323 -4.27 -18.77 11.58
N PRO A 324 -4.28 -18.31 12.83
CA PRO A 324 -3.42 -17.18 13.20
C PRO A 324 -1.93 -17.45 13.01
N ARG A 325 -1.51 -18.71 13.06
CA ARG A 325 -0.09 -19.02 12.88
C ARG A 325 0.36 -18.77 11.44
N MET A 326 -0.54 -19.00 10.48
CA MET A 326 -0.21 -18.81 9.05
C MET A 326 -0.69 -17.42 8.60
N ALA A 327 -0.63 -16.42 9.49
CA ALA A 327 -1.13 -15.10 9.14
C ALA A 327 -0.14 -14.00 9.48
N ARG A 328 0.70 -14.20 10.49
CA ARG A 328 1.59 -13.15 10.95
C ARG A 328 2.84 -13.76 11.54
N SER A 329 3.88 -12.92 11.67
CA SER A 329 5.13 -13.31 12.30
C SER A 329 5.23 -12.85 13.75
N SER A 330 4.57 -11.75 14.09
CA SER A 330 4.59 -11.27 15.46
C SER A 330 3.72 -12.14 16.35
N PRO A 331 4.00 -12.18 17.66
CA PRO A 331 3.15 -12.98 18.56
C PRO A 331 1.70 -12.52 18.60
N TYR A 332 1.47 -11.24 18.90
CA TYR A 332 0.14 -10.67 18.95
C TYR A 332 -0.14 -9.87 17.69
N PRO A 333 -1.43 -9.73 17.27
CA PRO A 333 -1.75 -9.00 16.04
C PRO A 333 -1.77 -7.49 16.33
N THR A 334 -1.17 -7.01 17.44
CA THR A 334 -1.12 -5.56 17.80
C THR A 334 0.31 -5.06 18.00
N ASP A 335 1.28 -5.56 17.22
CA ASP A 335 2.71 -5.21 17.42
C ASP A 335 3.13 -4.00 16.55
N VAL A 336 2.26 -3.43 15.69
CA VAL A 336 2.60 -2.21 14.90
C VAL A 336 2.47 -0.98 15.79
N ALA A 337 1.90 -1.13 16.98
CA ALA A 337 1.67 -0.01 17.89
C ALA A 337 2.78 0.10 18.90
N ARG A 338 3.76 -0.79 18.86
CA ARG A 338 4.92 -0.71 19.77
C ARG A 338 6.00 0.14 19.12
N VAL A 339 5.82 0.53 17.85
CA VAL A 339 6.84 1.41 17.27
C VAL A 339 6.64 2.87 17.67
N VAL A 340 5.45 3.25 18.15
CA VAL A 340 5.18 4.60 18.56
C VAL A 340 4.96 4.71 20.08
N ASN A 341 5.36 3.68 20.83
CA ASN A 341 5.25 3.66 22.29
C ASN A 341 3.80 3.85 22.75
N ALA A 342 2.87 3.19 22.05
CA ALA A 342 1.47 3.20 22.44
C ALA A 342 1.16 1.98 23.28
N PRO A 343 0.74 2.13 24.53
CA PRO A 343 0.50 0.96 25.38
C PRO A 343 -0.67 0.13 24.87
N ILE A 344 -0.62 -1.17 25.15
CA ILE A 344 -1.61 -2.12 24.66
C ILE A 344 -2.18 -2.90 25.84
N PHE A 345 -3.49 -3.12 25.83
CA PHE A 345 -4.17 -3.90 26.86
C PHE A 345 -4.94 -5.02 26.19
N HIS A 346 -4.65 -6.26 26.59
CA HIS A 346 -5.37 -7.43 26.12
C HIS A 346 -6.27 -7.92 27.26
N VAL A 347 -7.55 -8.16 26.95
CA VAL A 347 -8.51 -8.57 27.95
C VAL A 347 -9.33 -9.74 27.42
N ASN A 348 -9.78 -10.59 28.35
CA ASN A 348 -10.63 -11.73 28.01
C ASN A 348 -12.09 -11.28 28.03
N SER A 349 -12.77 -11.44 26.90
CA SER A 349 -14.15 -10.97 26.77
C SER A 349 -15.12 -11.72 27.66
N ASP A 350 -14.72 -12.86 28.22
CA ASP A 350 -15.60 -13.60 29.11
C ASP A 350 -15.92 -12.79 30.37
N ASP A 351 -14.92 -12.14 30.95
CA ASP A 351 -15.13 -11.32 32.14
C ASP A 351 -15.52 -9.91 31.72
N PRO A 352 -16.73 -9.45 32.04
CA PRO A 352 -17.17 -8.13 31.57
C PRO A 352 -16.63 -6.98 32.41
N GLU A 353 -16.43 -7.21 33.71
CA GLU A 353 -15.93 -6.17 34.58
C GLU A 353 -14.53 -5.73 34.17
N ALA A 354 -13.68 -6.69 33.80
CA ALA A 354 -12.34 -6.36 33.33
C ALA A 354 -12.40 -5.51 32.06
N VAL A 355 -13.29 -5.85 31.13
CA VAL A 355 -13.44 -5.06 29.92
C VAL A 355 -13.89 -3.63 30.24
N MET A 356 -14.84 -3.50 31.17
CA MET A 356 -15.33 -2.17 31.53
C MET A 356 -14.20 -1.33 32.14
N TYR A 357 -13.44 -1.93 33.05
CA TYR A 357 -12.34 -1.20 33.69
C TYR A 357 -11.26 -0.83 32.68
N VAL A 358 -10.97 -1.74 31.73
CA VAL A 358 -9.97 -1.44 30.71
C VAL A 358 -10.43 -0.27 29.84
N CYS A 359 -11.71 -0.24 29.47
CA CYS A 359 -12.21 0.88 28.68
C CYS A 359 -12.13 2.19 29.46
N LYS A 360 -12.47 2.15 30.75
CA LYS A 360 -12.35 3.36 31.58
C LYS A 360 -10.91 3.85 31.63
N VAL A 361 -9.97 2.92 31.82
CA VAL A 361 -8.55 3.28 31.90
C VAL A 361 -8.08 3.88 30.59
N ALA A 362 -8.48 3.28 29.45
CA ALA A 362 -8.07 3.80 28.16
C ALA A 362 -8.61 5.21 27.93
N ALA A 363 -9.87 5.45 28.29
CA ALA A 363 -10.44 6.79 28.13
C ALA A 363 -9.70 7.80 28.99
N GLU A 364 -9.40 7.44 30.24
CA GLU A 364 -8.63 8.35 31.10
C GLU A 364 -7.25 8.62 30.52
N TRP A 365 -6.60 7.59 29.98
CA TRP A 365 -5.27 7.76 29.40
C TRP A 365 -5.31 8.74 28.23
N ARG A 366 -6.29 8.58 27.34
CA ARG A 366 -6.39 9.49 26.21
C ARG A 366 -6.66 10.92 26.68
N SER A 367 -7.58 11.08 27.63
CA SER A 367 -7.88 12.43 28.12
C SER A 367 -6.73 13.05 28.89
N THR A 368 -5.80 12.24 29.39
CA THR A 368 -4.67 12.77 30.16
C THR A 368 -3.45 13.07 29.30
N PHE A 369 -2.93 12.06 28.62
CA PHE A 369 -1.64 12.19 27.93
C PHE A 369 -1.78 12.55 26.45
N HIS A 370 -3.00 12.60 25.92
CA HIS A 370 -3.23 12.95 24.52
C HIS A 370 -2.44 12.05 23.58
N LYS A 371 -2.42 10.76 23.90
CA LYS A 371 -1.67 9.77 23.12
C LYS A 371 -2.58 8.63 22.73
N ASP A 372 -2.19 7.92 21.65
CA ASP A 372 -2.94 6.77 21.20
C ASP A 372 -2.87 5.64 22.22
N VAL A 373 -3.94 4.85 22.27
CA VAL A 373 -3.98 3.67 23.13
C VAL A 373 -4.80 2.60 22.42
N VAL A 374 -4.35 1.35 22.53
CA VAL A 374 -4.97 0.21 21.87
C VAL A 374 -5.42 -0.78 22.93
N VAL A 375 -6.66 -1.25 22.80
CA VAL A 375 -7.22 -2.25 23.71
C VAL A 375 -7.64 -3.46 22.90
N ASP A 376 -7.20 -4.64 23.33
CA ASP A 376 -7.43 -5.88 22.62
C ASP A 376 -8.41 -6.74 23.40
N LEU A 377 -9.56 -7.04 22.80
CA LEU A 377 -10.58 -7.89 23.42
C LEU A 377 -10.45 -9.28 22.83
N VAL A 378 -9.95 -10.22 23.63
CA VAL A 378 -9.81 -11.61 23.20
C VAL A 378 -11.16 -12.31 23.33
N CYS A 379 -11.61 -12.92 22.23
CA CYS A 379 -12.93 -13.54 22.18
C CYS A 379 -12.86 -14.73 21.23
N TYR A 380 -14.03 -15.21 20.81
CA TYR A 380 -14.13 -16.29 19.84
C TYR A 380 -15.28 -15.99 18.88
N ARG A 381 -15.40 -16.81 17.86
CA ARG A 381 -16.45 -16.68 16.86
C ARG A 381 -17.36 -17.90 16.95
N ARG A 382 -18.66 -17.65 17.18
CA ARG A 382 -19.60 -18.75 17.40
C ARG A 382 -19.97 -19.45 16.11
N ASN A 383 -20.13 -18.67 15.04
CA ASN A 383 -20.56 -19.26 13.74
C ASN A 383 -19.44 -19.09 12.71
N GLY A 384 -19.73 -19.41 11.46
CA GLY A 384 -18.78 -19.25 10.38
C GLY A 384 -18.56 -17.78 10.04
N HIS A 385 -17.80 -17.57 8.97
CA HIS A 385 -17.53 -16.21 8.52
C HIS A 385 -18.82 -15.47 8.23
N ASN A 386 -19.70 -16.15 7.47
CA ASN A 386 -21.06 -15.62 7.24
C ASN A 386 -21.98 -16.48 8.12
N GLU A 387 -23.26 -16.17 8.17
CA GLU A 387 -24.20 -16.89 9.03
C GLU A 387 -24.64 -18.21 8.43
N MET A 388 -24.13 -18.58 7.25
CA MET A 388 -24.43 -19.87 6.64
C MET A 388 -23.17 -20.54 6.12
N ASP A 389 -22.02 -20.22 6.71
CA ASP A 389 -20.75 -20.81 6.34
C ASP A 389 -20.50 -22.08 7.17
N GLU A 390 -19.72 -22.99 6.60
CA GLU A 390 -19.43 -24.25 7.26
C GLU A 390 -17.99 -24.24 7.78
N PRO A 391 -17.78 -24.09 9.09
CA PRO A 391 -16.41 -24.03 9.63
C PRO A 391 -15.82 -25.37 10.07
N MET A 392 -16.60 -26.45 10.06
CA MET A 392 -16.07 -27.76 10.43
C MET A 392 -15.17 -28.35 9.34
N PHE A 393 -15.21 -27.81 8.13
CA PHE A 393 -14.38 -28.33 7.05
C PHE A 393 -12.90 -28.13 7.34
N THR A 394 -12.54 -26.98 7.92
CA THR A 394 -11.14 -26.59 8.08
C THR A 394 -10.65 -26.64 9.52
N GLN A 395 -11.48 -26.24 10.49
CA GLN A 395 -11.09 -26.21 11.90
C GLN A 395 -12.05 -27.09 12.69
N PRO A 396 -11.81 -28.40 12.77
CA PRO A 396 -12.73 -29.28 13.48
C PRO A 396 -12.68 -29.14 15.00
N LEU A 397 -11.48 -29.11 15.57
CA LEU A 397 -11.35 -29.06 17.02
C LEU A 397 -11.85 -27.74 17.60
N MET A 398 -11.58 -26.62 16.91
CA MET A 398 -12.01 -25.32 17.41
C MET A 398 -13.51 -25.29 17.64
N TYR A 399 -14.29 -25.68 16.64
CA TYR A 399 -15.74 -25.64 16.81
C TYR A 399 -16.26 -26.81 17.63
N LYS A 400 -15.56 -27.95 17.62
CA LYS A 400 -15.91 -29.02 18.55
C LYS A 400 -15.84 -28.55 19.99
N GLN A 401 -14.88 -27.69 20.31
CA GLN A 401 -14.84 -27.06 21.63
C GLN A 401 -15.85 -25.93 21.77
N ILE A 402 -16.10 -25.18 20.68
CA ILE A 402 -17.02 -24.04 20.76
C ILE A 402 -18.43 -24.49 21.12
N ARG A 403 -18.91 -25.55 20.48
CA ARG A 403 -20.27 -26.03 20.75
C ARG A 403 -20.46 -26.58 22.15
N LYS A 404 -19.46 -26.52 23.03
CA LYS A 404 -19.61 -27.00 24.40
C LYS A 404 -19.30 -25.89 25.41
N GLN A 405 -19.66 -24.66 25.09
CA GLN A 405 -19.41 -23.53 25.98
C GLN A 405 -20.67 -22.67 26.10
N LYS A 406 -20.92 -22.22 27.33
CA LYS A 406 -22.06 -21.35 27.60
C LYS A 406 -21.79 -19.92 27.12
N PRO A 407 -22.82 -19.22 26.66
CA PRO A 407 -22.64 -17.81 26.30
C PRO A 407 -22.36 -16.96 27.52
N VAL A 408 -21.76 -15.78 27.25
CA VAL A 408 -21.35 -14.90 28.34
C VAL A 408 -22.55 -14.39 29.12
N LEU A 409 -23.67 -14.12 28.42
CA LEU A 409 -24.85 -13.62 29.10
C LEU A 409 -25.39 -14.62 30.11
N GLN A 410 -25.42 -15.90 29.73
CA GLN A 410 -25.96 -16.93 30.62
C GLN A 410 -25.15 -17.04 31.91
N LYS A 411 -23.82 -17.12 31.78
CA LYS A 411 -22.99 -17.26 32.97
C LYS A 411 -23.00 -15.99 33.81
N TYR A 412 -23.03 -14.82 33.17
CA TYR A 412 -23.12 -13.57 33.93
C TYR A 412 -24.43 -13.50 34.70
N ALA A 413 -25.54 -13.89 34.07
CA ALA A 413 -26.83 -13.87 34.75
C ALA A 413 -26.85 -14.86 35.91
N GLU A 414 -26.28 -16.05 35.70
CA GLU A 414 -26.21 -17.02 36.80
C GLU A 414 -25.37 -16.49 37.95
N LEU A 415 -24.23 -15.86 37.65
CA LEU A 415 -23.38 -15.31 38.70
C LEU A 415 -24.10 -14.21 39.46
N LEU A 416 -24.82 -13.34 38.76
CA LEU A 416 -25.53 -12.25 39.43
C LEU A 416 -26.70 -12.77 40.25
N VAL A 417 -27.38 -13.81 39.77
CA VAL A 417 -28.45 -14.43 40.56
C VAL A 417 -27.88 -15.04 41.83
N SER A 418 -26.73 -15.73 41.72
CA SER A 418 -26.10 -16.29 42.90
C SER A 418 -25.67 -15.22 43.88
N GLN A 419 -25.14 -14.10 43.38
CA GLN A 419 -24.73 -13.01 44.26
C GLN A 419 -25.94 -12.31 44.89
N GLY A 420 -27.07 -12.28 44.21
CA GLY A 420 -28.26 -11.63 44.71
C GLY A 420 -28.54 -10.26 44.17
N VAL A 421 -27.77 -9.80 43.17
CA VAL A 421 -28.00 -8.47 42.61
C VAL A 421 -29.36 -8.39 41.94
N VAL A 422 -29.69 -9.40 41.14
CA VAL A 422 -30.92 -9.43 40.36
C VAL A 422 -31.65 -10.73 40.64
N ASN A 423 -32.97 -10.65 40.71
CA ASN A 423 -33.81 -11.84 40.88
C ASN A 423 -34.20 -12.39 39.51
N GLN A 424 -34.47 -13.69 39.47
CA GLN A 424 -34.85 -14.35 38.22
C GLN A 424 -36.09 -13.74 37.57
N PRO A 425 -37.19 -13.46 38.30
CA PRO A 425 -38.35 -12.85 37.62
C PRO A 425 -38.04 -11.52 36.97
N GLU A 426 -37.18 -10.69 37.58
CA GLU A 426 -36.82 -9.41 36.97
C GLU A 426 -36.08 -9.61 35.66
N TYR A 427 -35.14 -10.56 35.63
CA TYR A 427 -34.40 -10.85 34.40
C TYR A 427 -35.31 -11.39 33.31
N GLU A 428 -36.23 -12.29 33.68
CA GLU A 428 -37.19 -12.80 32.71
C GLU A 428 -38.09 -11.69 32.18
N GLU A 429 -38.54 -10.79 33.06
CA GLU A 429 -39.37 -9.67 32.63
C GLU A 429 -38.60 -8.74 31.70
N GLU A 430 -37.31 -8.51 31.98
CA GLU A 430 -36.50 -7.70 31.09
C GLU A 430 -36.40 -8.33 29.70
N ILE A 431 -36.16 -9.64 29.65
CA ILE A 431 -36.09 -10.33 28.37
C ILE A 431 -37.42 -10.20 27.63
N SER A 432 -38.52 -10.43 28.34
CA SER A 432 -39.83 -10.39 27.69
C SER A 432 -40.17 -9.00 27.17
N LYS A 433 -39.87 -7.96 27.95
CA LYS A 433 -40.19 -6.60 27.52
C LYS A 433 -39.34 -6.18 26.33
N TYR A 434 -38.05 -6.52 26.34
CA TYR A 434 -37.24 -6.19 25.16
C TYR A 434 -37.69 -6.97 23.94
N ASP A 435 -38.11 -8.23 24.13
CA ASP A 435 -38.66 -8.99 23.01
C ASP A 435 -39.89 -8.29 22.44
N LYS A 436 -40.82 -7.91 23.30
CA LYS A 436 -42.04 -7.24 22.84
C LYS A 436 -41.71 -5.95 22.11
N ILE A 437 -40.73 -5.20 22.61
CA ILE A 437 -40.25 -4.02 21.86
C ILE A 437 -39.78 -4.44 20.48
N CYS A 438 -39.08 -5.57 20.39
CA CYS A 438 -38.59 -6.03 19.09
C CYS A 438 -39.73 -6.34 18.12
N GLU A 439 -40.74 -7.09 18.56
CA GLU A 439 -41.84 -7.39 17.63
C GLU A 439 -42.66 -6.16 17.31
N GLU A 440 -42.79 -5.23 18.27
CA GLU A 440 -43.50 -3.98 17.96
C GLU A 440 -42.78 -3.19 16.88
N ALA A 441 -41.45 -3.06 17.01
CA ALA A 441 -40.67 -2.36 16.00
C ALA A 441 -40.76 -3.08 14.65
N PHE A 442 -40.69 -4.42 14.66
CA PHE A 442 -40.77 -5.17 13.41
C PHE A 442 -42.13 -4.98 12.75
N ALA A 443 -43.20 -4.99 13.54
CA ALA A 443 -44.54 -4.79 12.99
C ALA A 443 -44.71 -3.39 12.43
N ARG A 444 -44.17 -2.37 13.12
CA ARG A 444 -44.27 -1.02 12.59
C ARG A 444 -43.44 -0.85 11.33
N SER A 445 -42.31 -1.55 11.23
CA SER A 445 -41.45 -1.43 10.05
C SER A 445 -42.17 -1.90 8.79
N LYS A 446 -42.89 -3.02 8.88
CA LYS A 446 -43.62 -3.54 7.73
C LYS A 446 -45.08 -3.77 8.07
N MET A 474 -28.50 29.14 -10.23
CA MET A 474 -27.05 29.00 -10.24
C MET A 474 -26.46 29.55 -11.52
N SER A 475 -25.28 30.17 -11.41
CA SER A 475 -24.59 30.72 -12.56
C SER A 475 -23.10 30.76 -12.28
N CYS A 476 -22.31 30.86 -13.34
CA CYS A 476 -20.87 30.91 -13.18
C CYS A 476 -20.44 32.26 -12.62
N PRO A 477 -19.73 32.31 -11.51
CA PRO A 477 -19.34 33.59 -10.91
C PRO A 477 -18.24 34.26 -11.72
N SER A 478 -17.95 35.50 -11.33
CA SER A 478 -16.82 36.26 -11.88
C SER A 478 -15.67 36.17 -10.88
N THR A 479 -14.52 35.67 -11.35
CA THR A 479 -13.37 35.42 -10.49
C THR A 479 -12.31 36.49 -10.57
N GLY A 480 -12.60 37.63 -11.21
CA GLY A 480 -11.62 38.68 -11.34
C GLY A 480 -11.37 39.43 -10.06
N LEU A 481 -10.30 40.23 -10.07
CA LEU A 481 -9.92 41.06 -8.94
C LEU A 481 -9.52 42.43 -9.43
N THR A 482 -9.82 43.45 -8.62
CA THR A 482 -9.39 44.80 -8.96
C THR A 482 -7.87 44.92 -8.82
N GLU A 483 -7.33 45.94 -9.49
CA GLU A 483 -5.88 46.00 -9.67
C GLU A 483 -5.13 46.23 -8.37
N ASP A 484 -5.73 46.92 -7.40
CA ASP A 484 -5.01 47.26 -6.18
C ASP A 484 -4.70 46.01 -5.36
N ILE A 485 -5.64 45.06 -5.29
CA ILE A 485 -5.37 43.81 -4.58
C ILE A 485 -4.21 43.06 -5.23
N LEU A 486 -4.23 42.96 -6.57
CA LEU A 486 -3.16 42.26 -7.28
C LEU A 486 -1.82 42.94 -7.04
N THR A 487 -1.78 44.27 -7.12
CA THR A 487 -0.55 45.00 -6.89
C THR A 487 -0.03 44.80 -5.47
N HIS A 488 -0.93 44.84 -4.48
CA HIS A 488 -0.51 44.65 -3.10
C HIS A 488 0.07 43.25 -2.87
N ILE A 489 -0.61 42.23 -3.40
CA ILE A 489 -0.10 40.87 -3.22
C ILE A 489 1.23 40.69 -3.96
N GLY A 490 1.36 41.29 -5.14
CA GLY A 490 2.62 41.19 -5.87
C GLY A 490 3.76 41.85 -5.13
N ASN A 491 3.54 43.04 -4.58
CA ASN A 491 4.59 43.72 -3.83
C ASN A 491 4.98 42.95 -2.57
N VAL A 492 3.99 42.42 -1.85
CA VAL A 492 4.32 41.69 -0.63
C VAL A 492 5.04 40.39 -0.95
N ALA A 493 4.63 39.68 -2.02
CA ALA A 493 5.18 38.33 -2.38
C ALA A 493 6.58 38.45 -2.97
N SER A 494 6.89 39.55 -3.69
CA SER A 494 8.19 39.75 -4.37
C SER A 494 9.23 40.39 -3.44
N SER A 495 8.88 40.68 -2.19
CA SER A 495 9.78 41.33 -1.21
C SER A 495 9.78 40.52 0.10
N VAL A 496 10.67 40.83 1.04
CA VAL A 496 10.71 40.16 2.38
C VAL A 496 9.95 41.07 3.37
N PRO A 497 8.94 40.60 4.14
CA PRO A 497 8.30 41.45 5.15
C PRO A 497 9.15 41.77 6.38
N VAL A 498 9.84 40.78 6.97
CA VAL A 498 10.61 40.96 8.24
C VAL A 498 11.81 41.88 7.95
N GLU A 499 12.16 42.82 8.83
CA GLU A 499 13.22 43.85 8.55
C GLU A 499 14.64 43.33 8.81
N ASN A 500 14.87 42.51 9.83
CA ASN A 500 16.23 42.01 10.22
C ASN A 500 16.40 40.60 9.66
N PHE A 501 15.77 40.27 8.52
CA PHE A 501 15.73 38.92 7.97
C PHE A 501 16.54 38.90 6.69
N THR A 502 17.61 38.12 6.67
CA THR A 502 18.51 38.03 5.52
C THR A 502 18.38 36.68 4.85
N ILE A 503 18.44 36.67 3.52
CA ILE A 503 18.22 35.46 2.74
C ILE A 503 19.44 35.16 1.87
N HIS A 504 19.35 34.07 1.11
CA HIS A 504 20.43 33.67 0.20
C HIS A 504 20.49 34.60 -1.00
N GLY A 505 21.65 34.61 -1.66
CA GLY A 505 21.81 35.45 -2.85
C GLY A 505 20.93 35.00 -3.99
N GLY A 506 20.84 33.69 -4.23
CA GLY A 506 19.96 33.19 -5.27
C GLY A 506 18.51 33.51 -4.99
N LEU A 507 18.09 33.39 -3.74
CA LEU A 507 16.73 33.77 -3.37
C LEU A 507 16.51 35.27 -3.58
N SER A 508 17.54 36.08 -3.30
CA SER A 508 17.43 37.51 -3.55
C SER A 508 17.25 37.79 -5.04
N ARG A 509 17.98 37.07 -5.89
CA ARG A 509 17.81 37.24 -7.33
C ARG A 509 16.42 36.81 -7.78
N ILE A 510 15.90 35.72 -7.19
CA ILE A 510 14.55 35.29 -7.50
C ILE A 510 13.53 36.35 -7.13
N LEU A 511 13.68 36.94 -5.94
CA LEU A 511 12.75 37.98 -5.51
C LEU A 511 12.88 39.23 -6.36
N LYS A 512 14.10 39.56 -6.80
CA LYS A 512 14.27 40.70 -7.69
C LYS A 512 13.58 40.46 -9.03
N THR A 513 13.69 39.24 -9.56
CA THR A 513 12.97 38.90 -10.79
C THR A 513 11.46 38.97 -10.58
N ARG A 514 10.99 38.53 -9.41
CA ARG A 514 9.57 38.63 -9.09
C ARG A 514 9.10 40.07 -9.07
N GLY A 515 9.90 40.95 -8.45
CA GLY A 515 9.54 42.36 -8.44
C GLY A 515 9.56 42.99 -9.82
N GLU A 516 10.52 42.59 -10.66
CA GLU A 516 10.55 43.09 -12.03
C GLU A 516 9.33 42.64 -12.80
N MET A 517 8.89 41.40 -12.61
CA MET A 517 7.67 40.92 -13.25
C MET A 517 6.45 41.68 -12.75
N VAL A 518 6.37 41.92 -11.43
CA VAL A 518 5.22 42.60 -10.86
C VAL A 518 5.12 44.02 -11.40
N LYS A 519 6.24 44.74 -11.41
CA LYS A 519 6.22 46.12 -11.88
C LYS A 519 5.92 46.22 -13.38
N ASN A 520 6.11 45.15 -14.14
CA ASN A 520 5.84 45.14 -15.57
C ASN A 520 4.50 44.53 -15.91
N ARG A 521 3.66 44.25 -14.91
CA ARG A 521 2.32 43.68 -15.10
C ARG A 521 2.40 42.33 -15.81
N THR A 522 3.12 41.40 -15.18
CA THR A 522 3.28 40.06 -15.71
C THR A 522 3.33 39.09 -14.54
N VAL A 523 2.74 37.91 -14.73
CA VAL A 523 2.58 36.92 -13.67
C VAL A 523 3.10 35.57 -14.16
N ASP A 524 3.86 34.89 -13.31
CA ASP A 524 4.31 33.54 -13.56
C ASP A 524 3.58 32.58 -12.63
N TRP A 525 4.00 31.30 -12.63
CA TRP A 525 3.27 30.27 -11.91
C TRP A 525 3.22 30.56 -10.41
N ALA A 526 4.38 30.88 -9.82
CA ALA A 526 4.43 31.14 -8.38
C ALA A 526 3.62 32.38 -8.02
N LEU A 527 3.72 33.44 -8.82
CA LEU A 527 2.95 34.64 -8.56
C LEU A 527 1.45 34.39 -8.68
N ALA A 528 1.05 33.58 -9.66
CA ALA A 528 -0.37 33.24 -9.79
C ALA A 528 -0.85 32.47 -8.58
N GLU A 529 -0.06 31.52 -8.10
CA GLU A 529 -0.43 30.78 -6.90
C GLU A 529 -0.57 31.71 -5.70
N TYR A 530 0.40 32.62 -5.53
CA TYR A 530 0.33 33.59 -4.44
C TYR A 530 -0.92 34.44 -4.53
N MET A 531 -1.22 34.94 -5.73
CA MET A 531 -2.38 35.82 -5.89
C MET A 531 -3.68 35.08 -5.60
N ALA A 532 -3.83 33.86 -6.10
CA ALA A 532 -5.04 33.09 -5.82
C ALA A 532 -5.19 32.82 -4.33
N PHE A 533 -4.11 32.38 -3.69
CA PHE A 533 -4.19 32.06 -2.27
C PHE A 533 -4.51 33.29 -1.44
N GLY A 534 -3.87 34.43 -1.75
CA GLY A 534 -4.15 35.64 -1.01
C GLY A 534 -5.55 36.18 -1.23
N SER A 535 -6.03 36.10 -2.47
CA SER A 535 -7.40 36.54 -2.74
C SER A 535 -8.40 35.70 -1.98
N LEU A 536 -8.19 34.38 -1.92
CA LEU A 536 -9.11 33.55 -1.15
C LEU A 536 -8.97 33.81 0.35
N LEU A 537 -7.75 34.05 0.83
CA LEU A 537 -7.55 34.33 2.25
C LEU A 537 -8.19 35.64 2.67
N LYS A 538 -8.32 36.59 1.75
CA LYS A 538 -8.98 37.85 2.08
C LYS A 538 -10.45 37.64 2.40
N GLU A 539 -11.12 36.74 1.67
CA GLU A 539 -12.54 36.51 1.87
C GLU A 539 -12.86 35.72 3.12
N GLY A 540 -11.86 35.20 3.82
CA GLY A 540 -12.08 34.41 5.01
C GLY A 540 -12.08 32.91 4.81
N ILE A 541 -11.65 32.43 3.64
CA ILE A 541 -11.62 30.99 3.36
C ILE A 541 -10.28 30.43 3.80
N HIS A 542 -10.32 29.36 4.60
CA HIS A 542 -9.10 28.72 5.04
C HIS A 542 -8.45 27.96 3.89
N ILE A 543 -7.12 27.97 3.85
CA ILE A 543 -6.35 27.30 2.80
C ILE A 543 -5.30 26.43 3.47
N ARG A 544 -5.25 25.17 3.08
CA ARG A 544 -4.25 24.21 3.56
C ARG A 544 -3.60 23.53 2.37
N LEU A 545 -2.27 23.55 2.34
CA LEU A 545 -1.51 22.88 1.24
C LEU A 545 -0.56 21.87 1.90
N SER A 546 -0.79 20.57 1.66
CA SER A 546 0.05 19.53 2.33
C SER A 546 0.54 18.53 1.28
N GLY A 547 1.66 17.86 1.55
CA GLY A 547 2.24 16.90 0.59
C GLY A 547 3.75 16.90 0.68
N GLN A 548 4.40 16.27 -0.29
CA GLN A 548 5.87 16.16 -0.23
C GLN A 548 6.51 17.45 -0.74
N ASP A 549 7.59 17.90 -0.10
CA ASP A 549 8.44 19.02 -0.52
C ASP A 549 7.65 20.16 -1.16
N VAL A 550 6.59 20.58 -0.47
CA VAL A 550 5.76 21.69 -0.97
C VAL A 550 6.20 23.05 -0.44
N GLU A 551 6.90 23.10 0.70
CA GLU A 551 7.33 24.38 1.25
C GLU A 551 8.30 25.08 0.31
N ARG A 552 9.22 24.34 -0.29
CA ARG A 552 10.17 24.89 -1.25
C ARG A 552 9.80 24.60 -2.69
N GLY A 553 9.11 23.50 -2.96
CA GLY A 553 8.78 23.11 -4.31
C GLY A 553 9.74 22.07 -4.85
N THR A 554 9.21 21.07 -5.56
CA THR A 554 10.07 20.03 -6.11
C THR A 554 10.99 20.53 -7.20
N PHE A 555 10.64 21.64 -7.86
CA PHE A 555 11.53 22.28 -8.82
C PHE A 555 12.07 23.61 -8.30
N SER A 556 11.85 23.92 -7.02
CA SER A 556 12.37 25.13 -6.38
C SER A 556 11.91 26.38 -7.12
N HIS A 557 10.60 26.51 -7.27
CA HIS A 557 10.01 27.60 -8.03
C HIS A 557 9.09 28.51 -7.22
N ARG A 558 8.48 28.00 -6.14
CA ARG A 558 7.45 28.80 -5.40
C ARG A 558 8.01 29.45 -4.13
N HIS A 559 8.95 28.79 -3.44
CA HIS A 559 9.58 29.35 -2.21
C HIS A 559 8.52 29.99 -1.31
N HIS A 560 7.50 29.23 -0.91
CA HIS A 560 6.46 29.75 -0.04
C HIS A 560 6.95 30.01 1.38
N VAL A 561 8.04 29.36 1.78
CA VAL A 561 8.59 29.50 3.13
C VAL A 561 10.03 30.00 3.00
N LEU A 562 10.35 31.06 3.72
CA LEU A 562 11.67 31.66 3.70
C LEU A 562 12.43 31.28 4.97
N HIS A 563 13.71 30.91 4.82
CA HIS A 563 14.55 30.50 5.91
C HIS A 563 15.68 31.50 6.11
N ASP A 564 16.03 31.75 7.37
CA ASP A 564 17.13 32.67 7.70
C ASP A 564 18.45 31.91 7.71
N GLN A 565 19.48 32.54 7.14
CA GLN A 565 20.75 31.85 6.93
C GLN A 565 21.49 31.62 8.24
N ASN A 566 21.58 32.65 9.08
CA ASN A 566 22.42 32.58 10.28
C ASN A 566 21.65 32.31 11.56
N VAL A 567 20.46 32.93 11.74
CA VAL A 567 19.70 32.74 13.00
C VAL A 567 18.95 31.41 12.88
N ASP A 568 18.89 30.63 13.95
CA ASP A 568 18.36 29.27 13.96
C ASP A 568 16.84 29.28 13.92
N LYS A 569 16.27 28.37 13.12
CA LYS A 569 14.78 28.17 13.10
C LYS A 569 13.97 29.44 12.88
N ARG A 570 14.56 30.49 12.30
CA ARG A 570 13.87 31.79 12.06
C ARG A 570 13.11 31.66 10.73
N THR A 571 11.79 31.40 10.80
CA THR A 571 10.96 31.24 9.58
C THR A 571 10.28 32.56 9.26
N CYS A 572 9.83 32.75 8.02
CA CYS A 572 9.17 34.01 7.59
C CYS A 572 8.23 33.69 6.41
N ILE A 573 6.95 33.41 6.66
CA ILE A 573 5.93 33.14 5.59
C ILE A 573 5.42 34.51 5.11
N PRO A 574 5.76 35.01 3.89
CA PRO A 574 5.35 36.37 3.50
C PRO A 574 3.85 36.54 3.30
N MET A 575 3.13 35.49 2.93
CA MET A 575 1.72 35.60 2.63
C MET A 575 0.85 35.59 3.89
N ASN A 576 1.40 35.24 5.04
CA ASN A 576 0.73 35.40 6.32
C ASN A 576 0.73 36.84 6.81
N HIS A 577 1.12 37.79 5.96
CA HIS A 577 1.21 39.19 6.34
C HIS A 577 0.45 40.12 5.40
N LEU A 578 -0.40 39.60 4.52
CA LEU A 578 -1.07 40.41 3.51
C LEU A 578 -2.02 41.42 4.14
N TRP A 579 -3.18 40.97 4.61
CA TRP A 579 -4.24 41.92 5.07
C TRP A 579 -4.40 41.86 6.58
N PRO A 580 -4.92 42.94 7.23
CA PRO A 580 -5.01 42.99 8.71
C PRO A 580 -5.92 41.90 9.28
N ASN A 581 -7.08 41.64 8.64
CA ASN A 581 -7.98 40.55 9.08
C ASN A 581 -8.10 39.54 7.93
N GLN A 582 -7.72 38.27 8.15
CA GLN A 582 -7.72 37.27 7.06
C GLN A 582 -7.61 35.86 7.62
N ALA A 583 -8.00 34.84 6.83
CA ALA A 583 -8.03 33.47 7.27
C ALA A 583 -6.62 32.92 7.44
N PRO A 584 -6.44 31.92 8.30
CA PRO A 584 -5.10 31.34 8.49
C PRO A 584 -4.64 30.60 7.24
N TYR A 585 -3.32 30.42 7.17
CA TYR A 585 -2.66 29.74 6.06
C TYR A 585 -1.67 28.73 6.61
N THR A 586 -1.71 27.51 6.07
CA THR A 586 -0.87 26.42 6.57
C THR A 586 -0.23 25.68 5.40
N VAL A 587 1.08 25.46 5.50
CA VAL A 587 1.83 24.63 4.56
C VAL A 587 2.63 23.62 5.36
N CYS A 588 2.55 22.35 4.96
CA CYS A 588 3.10 21.26 5.74
C CYS A 588 3.91 20.33 4.85
N ASN A 589 5.00 19.80 5.39
CA ASN A 589 5.73 18.71 4.77
C ASN A 589 5.30 17.40 5.41
N SER A 590 4.96 16.42 4.58
CA SER A 590 4.45 15.14 5.03
C SER A 590 5.53 14.07 4.92
N SER A 591 5.17 12.86 5.34
CA SER A 591 6.07 11.71 5.23
C SER A 591 6.05 11.19 3.79
N LEU A 592 6.83 10.14 3.54
CA LEU A 592 6.90 9.56 2.21
C LEU A 592 5.67 8.70 1.89
N SER A 593 4.83 8.42 2.89
CA SER A 593 3.61 7.67 2.63
C SER A 593 2.68 8.45 1.72
N GLU A 594 2.43 7.92 0.53
CA GLU A 594 1.49 8.52 -0.40
C GLU A 594 0.05 8.10 -0.13
N TYR A 595 -0.17 7.11 0.75
CA TYR A 595 -1.50 6.58 0.97
C TYR A 595 -2.17 7.24 2.18
N GLY A 596 -1.44 7.31 3.30
CA GLY A 596 -2.02 7.90 4.50
C GLY A 596 -2.26 9.39 4.38
N VAL A 597 -1.36 10.11 3.72
CA VAL A 597 -1.49 11.56 3.61
C VAL A 597 -2.70 11.93 2.76
N LEU A 598 -2.90 11.22 1.66
CA LEU A 598 -4.06 11.49 0.81
C LEU A 598 -5.36 11.23 1.55
N GLY A 599 -5.42 10.14 2.31
CA GLY A 599 -6.61 9.86 3.11
C GLY A 599 -6.84 10.90 4.19
N PHE A 600 -5.77 11.36 4.83
CA PHE A 600 -5.90 12.41 5.83
C PHE A 600 -6.46 13.68 5.21
N GLU A 601 -5.93 14.08 4.04
CA GLU A 601 -6.44 15.27 3.37
C GLU A 601 -7.90 15.09 2.96
N LEU A 602 -8.26 13.90 2.48
CA LEU A 602 -9.65 13.64 2.10
C LEU A 602 -10.58 13.75 3.29
N GLY A 603 -10.19 13.19 4.44
CA GLY A 603 -10.99 13.27 5.68
C GLY A 603 -11.14 14.72 6.11
N PHE A 604 -10.11 15.54 5.92
CA PHE A 604 -10.11 16.98 6.30
C PHE A 604 -11.07 17.75 5.37
N ALA A 605 -11.14 17.42 4.10
CA ALA A 605 -11.96 18.19 3.15
C ALA A 605 -13.43 17.80 3.23
N MET A 606 -13.84 17.11 4.29
CA MET A 606 -15.24 16.65 4.45
C MET A 606 -15.92 17.47 5.55
N ALA A 607 -15.15 17.87 6.56
CA ALA A 607 -15.76 18.55 7.74
C ALA A 607 -16.51 19.81 7.33
N SER A 608 -15.88 20.70 6.55
CA SER A 608 -16.55 21.99 6.23
C SER A 608 -16.38 22.39 4.74
N PRO A 609 -17.40 23.01 4.07
CA PRO A 609 -17.25 23.47 2.69
C PRO A 609 -16.37 24.72 2.57
N ASN A 610 -16.25 25.52 3.63
CA ASN A 610 -15.49 26.78 3.48
C ASN A 610 -14.00 26.53 3.72
N ALA A 611 -13.37 25.77 2.82
CA ALA A 611 -11.93 25.46 2.96
C ALA A 611 -11.38 25.00 1.61
N LEU A 612 -10.08 25.19 1.38
CA LEU A 612 -9.39 24.76 0.17
C LEU A 612 -8.21 23.88 0.61
N VAL A 613 -8.36 22.57 0.47
CA VAL A 613 -7.33 21.61 0.84
C VAL A 613 -6.69 21.10 -0.44
N LEU A 614 -5.36 21.25 -0.53
CA LEU A 614 -4.61 20.84 -1.71
C LEU A 614 -3.57 19.80 -1.29
N TRP A 615 -3.47 18.73 -2.09
CA TRP A 615 -2.48 17.69 -1.91
C TRP A 615 -1.57 17.67 -3.13
N GLU A 616 -0.26 17.72 -2.89
CA GLU A 616 0.73 17.81 -3.95
C GLU A 616 1.64 16.59 -3.92
N ALA A 617 1.85 15.98 -5.07
CA ALA A 617 2.76 14.85 -5.22
C ALA A 617 4.05 15.31 -5.88
N GLN A 618 5.16 14.65 -5.51
CA GLN A 618 6.44 14.98 -6.11
C GLN A 618 6.44 14.73 -7.61
N PHE A 619 5.88 13.59 -8.03
CA PHE A 619 5.67 13.30 -9.44
C PHE A 619 4.32 12.62 -9.59
N GLY A 620 3.78 12.67 -10.80
CA GLY A 620 2.49 12.07 -11.07
C GLY A 620 2.48 10.56 -11.18
N ASP A 621 3.64 9.92 -10.98
CA ASP A 621 3.74 8.47 -11.14
C ASP A 621 3.47 7.70 -9.85
N PHE A 622 3.75 8.30 -8.69
CA PHE A 622 3.62 7.58 -7.43
C PHE A 622 2.21 7.58 -6.87
N HIS A 623 1.27 8.30 -7.51
CA HIS A 623 -0.09 8.37 -7.01
C HIS A 623 -0.74 7.00 -6.94
N ASN A 624 -0.30 6.07 -7.79
CA ASN A 624 -0.88 4.72 -7.78
C ASN A 624 -0.67 4.03 -6.43
N THR A 625 0.33 4.45 -5.65
CA THR A 625 0.51 3.91 -4.32
C THR A 625 -0.71 4.10 -3.44
N ALA A 626 -1.52 5.14 -3.71
CA ALA A 626 -2.75 5.39 -2.99
C ALA A 626 -3.98 5.12 -3.84
N GLN A 627 -3.85 4.23 -4.84
CA GLN A 627 -4.96 3.95 -5.75
C GLN A 627 -6.24 3.61 -5.00
N CYS A 628 -6.12 2.83 -3.92
CA CYS A 628 -7.30 2.43 -3.16
C CYS A 628 -8.11 3.64 -2.71
N ILE A 629 -7.44 4.69 -2.22
CA ILE A 629 -8.17 5.88 -1.79
C ILE A 629 -8.94 6.49 -2.95
N ILE A 630 -8.33 6.54 -4.13
CA ILE A 630 -9.04 7.03 -5.29
C ILE A 630 -10.12 6.05 -5.73
N ASP A 631 -9.92 4.75 -5.47
CA ASP A 631 -10.86 3.74 -5.94
C ASP A 631 -12.15 3.75 -5.12
N GLN A 632 -12.08 3.69 -3.78
CA GLN A 632 -13.28 3.48 -2.92
C GLN A 632 -13.75 4.74 -2.18
N PHE A 633 -13.03 5.86 -2.24
CA PHE A 633 -13.41 7.05 -1.42
C PHE A 633 -13.63 8.31 -2.22
N ILE A 634 -12.82 8.65 -3.22
CA ILE A 634 -12.96 9.95 -3.94
C ILE A 634 -13.87 9.75 -5.14
N CYS A 635 -13.70 8.63 -5.86
CA CYS A 635 -14.55 8.32 -7.05
C CYS A 635 -16.05 8.20 -6.68
N PRO A 636 -16.54 7.25 -5.83
CA PRO A 636 -17.97 7.10 -5.56
C PRO A 636 -18.35 7.68 -4.20
N GLY A 637 -17.91 8.90 -3.91
CA GLY A 637 -18.15 9.49 -2.58
C GLY A 637 -19.50 10.20 -2.48
N GLN A 638 -20.14 10.46 -3.61
CA GLN A 638 -21.45 11.17 -3.63
C GLN A 638 -22.44 10.22 -4.30
N ALA A 639 -21.96 9.18 -4.97
CA ALA A 639 -22.89 8.28 -5.69
C ALA A 639 -23.39 7.23 -4.71
N LYS A 640 -22.53 6.82 -3.78
CA LYS A 640 -22.89 5.80 -2.79
C LYS A 640 -23.42 6.51 -1.56
N TRP A 641 -22.53 7.10 -0.75
CA TRP A 641 -22.97 7.92 0.40
C TRP A 641 -23.33 9.33 -0.10
N VAL A 642 -23.98 10.16 0.70
CA VAL A 642 -24.44 11.51 0.21
C VAL A 642 -23.39 12.62 0.41
N ARG A 643 -22.51 12.54 1.42
CA ARG A 643 -21.51 13.60 1.74
C ARG A 643 -20.83 14.21 0.50
N GLN A 644 -20.50 15.51 0.54
CA GLN A 644 -19.84 16.18 -0.62
C GLN A 644 -18.38 16.53 -0.27
N ASN A 645 -17.46 16.44 -1.24
CA ASN A 645 -16.01 16.76 -1.02
C ASN A 645 -15.47 17.70 -2.11
N GLY A 646 -14.50 18.55 -1.76
CA GLY A 646 -13.84 19.43 -2.74
C GLY A 646 -12.33 19.45 -2.60
N ILE A 647 -11.68 18.31 -2.34
CA ILE A 647 -10.19 18.22 -2.24
C ILE A 647 -9.58 18.59 -3.59
N VAL A 648 -8.44 19.30 -3.60
CA VAL A 648 -7.75 19.55 -4.90
C VAL A 648 -6.54 18.64 -4.99
N LEU A 649 -6.40 17.90 -6.10
CA LEU A 649 -5.22 17.05 -6.27
C LEU A 649 -4.32 17.64 -7.35
N LEU A 650 -3.05 17.83 -7.00
CA LEU A 650 -2.04 18.39 -7.90
C LEU A 650 -1.07 17.28 -8.27
N LEU A 651 -0.88 17.07 -9.57
CA LEU A 651 -0.03 15.99 -10.08
C LEU A 651 0.89 16.53 -11.17
N PRO A 652 2.18 16.66 -10.93
CA PRO A 652 3.11 17.04 -12.01
C PRO A 652 3.11 15.99 -13.10
N HIS A 653 3.15 16.45 -14.35
CA HIS A 653 2.94 15.56 -15.49
C HIS A 653 3.60 16.15 -16.73
N GLY A 654 4.48 15.36 -17.35
CA GLY A 654 5.16 15.79 -18.55
C GLY A 654 6.28 14.86 -18.98
N MET A 655 6.46 14.71 -20.29
CA MET A 655 7.48 13.83 -20.84
C MET A 655 8.71 14.67 -21.22
N GLU A 656 9.82 14.47 -20.48
CA GLU A 656 11.03 15.31 -20.72
C GLU A 656 12.30 14.44 -20.80
N GLY A 657 12.17 13.11 -20.74
CA GLY A 657 13.35 12.26 -20.78
C GLY A 657 14.04 12.03 -19.46
N MET A 658 13.31 12.22 -18.36
CA MET A 658 13.87 11.99 -17.00
C MET A 658 13.86 10.48 -16.71
N GLY A 659 13.07 9.71 -17.45
CA GLY A 659 13.00 8.28 -17.27
C GLY A 659 11.63 7.72 -17.58
N PRO A 660 11.50 6.40 -17.53
CA PRO A 660 10.18 5.77 -17.71
C PRO A 660 9.28 5.85 -16.49
N GLU A 661 9.82 6.31 -15.36
CA GLU A 661 9.09 6.33 -14.10
C GLU A 661 9.01 7.72 -13.48
N HIS A 662 9.69 8.71 -14.05
CA HIS A 662 9.54 10.11 -13.65
C HIS A 662 8.83 10.92 -14.73
N SER A 663 8.09 10.20 -15.58
CA SER A 663 7.36 10.87 -16.70
C SER A 663 5.94 10.33 -16.77
N SER A 664 4.95 11.20 -17.06
CA SER A 664 3.55 10.86 -17.20
C SER A 664 2.87 10.64 -15.85
N ALA A 665 1.61 11.04 -15.73
CA ALA A 665 0.88 10.89 -14.45
C ALA A 665 -0.32 9.97 -14.62
N ARG A 666 -0.36 9.19 -15.70
CA ARG A 666 -1.45 8.24 -15.99
C ARG A 666 -2.77 9.00 -16.13
N PRO A 667 -2.96 9.99 -17.04
CA PRO A 667 -4.29 10.61 -17.14
C PRO A 667 -5.36 9.69 -17.69
N GLU A 668 -4.99 8.66 -18.46
CA GLU A 668 -5.98 7.75 -19.01
C GLU A 668 -6.59 6.87 -17.93
N ARG A 669 -5.94 6.72 -16.78
CA ARG A 669 -6.54 6.00 -15.67
C ARG A 669 -7.63 6.82 -15.00
N PHE A 670 -7.40 8.13 -14.85
CA PHE A 670 -8.40 9.00 -14.26
C PHE A 670 -9.56 9.26 -15.24
N LEU A 671 -9.26 9.35 -16.53
CA LEU A 671 -10.29 9.72 -17.49
C LEU A 671 -11.29 8.60 -17.76
N GLN A 672 -10.94 7.36 -17.44
CA GLN A 672 -11.87 6.24 -17.64
C GLN A 672 -12.85 6.08 -16.49
N MET A 673 -12.58 6.72 -15.35
CA MET A 673 -13.48 6.60 -14.16
C MET A 673 -14.47 7.75 -14.15
N CYS A 674 -15.20 7.95 -15.26
CA CYS A 674 -16.15 9.04 -15.38
C CYS A 674 -17.51 8.48 -15.79
N ASN A 675 -18.56 8.91 -15.08
CA ASN A 675 -19.91 8.44 -15.35
C ASN A 675 -20.53 9.23 -16.52
N ASP A 676 -19.80 9.25 -17.62
CA ASP A 676 -20.22 9.93 -18.84
C ASP A 676 -20.34 8.92 -19.97
N ASP A 677 -21.43 9.01 -20.73
CA ASP A 677 -21.65 8.12 -21.85
C ASP A 677 -21.08 8.77 -23.11
N PRO A 678 -20.04 8.20 -23.73
CA PRO A 678 -19.45 8.85 -24.91
C PRO A 678 -20.36 8.92 -26.11
N ASP A 679 -21.42 8.11 -26.16
CA ASP A 679 -22.24 7.98 -27.36
C ASP A 679 -23.43 8.93 -27.40
N VAL A 680 -23.62 9.75 -26.37
CA VAL A 680 -24.75 10.67 -26.31
C VAL A 680 -24.23 12.10 -26.28
N LEU A 681 -24.81 12.95 -27.14
CA LEU A 681 -24.45 14.36 -27.17
C LEU A 681 -25.47 15.14 -26.35
N PRO A 682 -25.08 15.77 -25.25
CA PRO A 682 -26.05 16.48 -24.42
C PRO A 682 -26.65 17.68 -25.14
N ASP A 683 -27.71 18.22 -24.55
CA ASP A 683 -28.39 19.39 -25.10
C ASP A 683 -27.50 20.62 -24.95
N LEU A 684 -26.97 21.11 -26.06
CA LEU A 684 -26.05 22.23 -26.04
C LEU A 684 -26.74 23.58 -25.92
N LYS A 685 -28.07 23.62 -25.97
CA LYS A 685 -28.84 24.86 -25.94
C LYS A 685 -29.63 25.01 -24.64
N GLU A 686 -29.03 24.57 -23.52
CA GLU A 686 -29.67 24.77 -22.20
C GLU A 686 -29.34 26.18 -21.77
N ALA A 687 -29.89 26.63 -20.65
CA ALA A 687 -29.54 27.97 -20.15
C ALA A 687 -28.05 28.03 -19.82
N ASN A 688 -27.55 27.04 -19.12
CA ASN A 688 -26.14 27.12 -18.70
C ASN A 688 -25.30 26.10 -19.48
N PHE A 689 -25.58 24.81 -19.31
CA PHE A 689 -24.79 23.73 -19.96
C PHE A 689 -23.31 23.84 -19.57
N ASP A 690 -23.04 24.34 -18.38
CA ASP A 690 -21.64 24.52 -17.96
C ASP A 690 -21.67 24.34 -16.46
N ILE A 691 -22.69 24.92 -15.82
CA ILE A 691 -22.86 24.72 -14.36
C ILE A 691 -23.76 23.50 -14.21
N ASN A 692 -24.66 23.26 -15.16
CA ASN A 692 -25.48 22.06 -15.10
C ASN A 692 -24.67 20.82 -15.43
N GLN A 693 -23.84 20.88 -16.46
CA GLN A 693 -22.96 19.77 -16.79
C GLN A 693 -22.00 19.47 -15.65
N LEU A 694 -21.46 20.52 -15.04
CA LEU A 694 -20.55 20.36 -13.91
C LEU A 694 -21.25 19.83 -12.66
N TYR A 695 -22.57 19.99 -12.56
CA TYR A 695 -23.30 19.56 -11.39
C TYR A 695 -23.49 18.04 -11.34
N ASP A 696 -23.52 17.39 -12.51
CA ASP A 696 -23.81 15.96 -12.54
C ASP A 696 -22.57 15.10 -12.40
N CYS A 697 -21.41 15.67 -12.75
CA CYS A 697 -20.17 14.85 -12.77
C CYS A 697 -19.73 14.39 -11.39
N ASN A 698 -18.69 13.58 -11.34
CA ASN A 698 -18.15 13.05 -10.10
C ASN A 698 -16.85 13.72 -9.65
N TRP A 699 -15.96 14.06 -10.58
CA TRP A 699 -14.92 15.04 -10.28
C TRP A 699 -14.58 15.75 -11.59
N VAL A 700 -13.65 16.70 -11.48
CA VAL A 700 -13.19 17.47 -12.63
C VAL A 700 -11.72 17.15 -12.86
N VAL A 701 -11.33 17.09 -14.13
CA VAL A 701 -9.93 16.85 -14.53
C VAL A 701 -9.51 17.98 -15.45
N VAL A 702 -8.43 18.67 -15.10
CA VAL A 702 -7.94 19.81 -15.86
C VAL A 702 -6.43 19.68 -16.06
N ASN A 703 -5.94 20.22 -17.17
CA ASN A 703 -4.52 20.28 -17.47
C ASN A 703 -4.18 21.72 -17.82
N CYS A 704 -3.62 22.45 -16.86
CA CYS A 704 -3.42 23.90 -16.97
C CYS A 704 -2.00 24.18 -17.45
N SER A 705 -1.89 25.10 -18.42
CA SER A 705 -0.55 25.51 -18.94
C SER A 705 -0.26 26.96 -18.54
N THR A 706 -1.20 27.89 -18.78
CA THR A 706 -1.00 29.28 -18.41
C THR A 706 -1.32 29.49 -16.93
N PRO A 707 -0.62 30.43 -16.28
CA PRO A 707 -0.90 30.69 -14.86
C PRO A 707 -2.27 31.32 -14.61
N GLY A 708 -2.81 32.06 -15.58
CA GLY A 708 -4.09 32.70 -15.37
C GLY A 708 -5.22 31.69 -15.17
N ASN A 709 -5.21 30.62 -15.97
CA ASN A 709 -6.22 29.58 -15.81
C ASN A 709 -6.06 28.86 -14.48
N PHE A 710 -4.81 28.67 -14.04
CA PHE A 710 -4.57 28.06 -12.73
C PHE A 710 -5.11 28.93 -11.61
N PHE A 711 -5.03 30.25 -11.77
CA PHE A 711 -5.62 31.18 -10.83
C PHE A 711 -7.15 31.07 -10.83
N HIS A 712 -7.74 31.12 -12.03
CA HIS A 712 -9.19 31.18 -12.15
C HIS A 712 -9.84 29.88 -11.67
N VAL A 713 -9.24 28.73 -11.95
CA VAL A 713 -9.86 27.47 -11.56
C VAL A 713 -9.82 27.31 -10.04
N LEU A 714 -8.74 27.75 -9.39
CA LEU A 714 -8.69 27.69 -7.94
C LEU A 714 -9.72 28.62 -7.31
N ARG A 715 -9.93 29.80 -7.90
CA ARG A 715 -11.00 30.66 -7.39
C ARG A 715 -12.38 30.04 -7.61
N ARG A 716 -12.61 29.46 -8.79
CA ARG A 716 -13.90 28.88 -9.11
C ARG A 716 -14.23 27.68 -8.23
N GLN A 717 -13.20 26.97 -7.76
CA GLN A 717 -13.46 25.82 -6.89
C GLN A 717 -14.20 26.26 -5.62
N ILE A 718 -13.83 27.40 -5.06
CA ILE A 718 -14.46 27.85 -3.82
C ILE A 718 -15.73 28.65 -4.12
N LEU A 719 -15.70 29.52 -5.14
CA LEU A 719 -16.83 30.41 -5.35
C LEU A 719 -18.10 29.67 -5.78
N LEU A 720 -17.99 28.40 -6.17
CA LEU A 720 -19.16 27.66 -6.62
C LEU A 720 -20.04 27.28 -5.43
N PRO A 721 -21.37 27.16 -5.66
CA PRO A 721 -22.27 26.80 -4.55
C PRO A 721 -21.97 25.44 -3.93
N PHE A 722 -21.59 24.49 -4.78
CA PHE A 722 -21.35 23.11 -4.29
C PHE A 722 -19.86 22.78 -4.32
N ARG A 723 -19.52 21.54 -3.97
CA ARG A 723 -18.14 21.09 -3.93
C ARG A 723 -17.99 19.78 -4.70
N LYS A 724 -16.96 19.72 -5.54
CA LYS A 724 -16.61 18.50 -6.27
C LYS A 724 -15.09 18.38 -6.31
N PRO A 725 -14.55 17.16 -6.30
CA PRO A 725 -13.10 17.00 -6.34
C PRO A 725 -12.50 17.52 -7.65
N LEU A 726 -11.28 18.01 -7.56
CA LEU A 726 -10.57 18.58 -8.69
C LEU A 726 -9.20 17.93 -8.82
N ILE A 727 -8.86 17.49 -10.03
CA ILE A 727 -7.57 16.92 -10.35
C ILE A 727 -6.91 17.84 -11.37
N ILE A 728 -5.70 18.30 -11.06
CA ILE A 728 -4.97 19.23 -11.91
C ILE A 728 -3.64 18.59 -12.31
N PHE A 729 -3.34 18.62 -13.61
CA PHE A 729 -2.08 18.11 -14.14
C PHE A 729 -1.15 19.30 -14.34
N THR A 730 -0.32 19.57 -13.34
CA THR A 730 0.58 20.72 -13.40
C THR A 730 1.80 20.40 -14.26
N PRO A 731 2.36 21.39 -14.95
CA PRO A 731 3.54 21.15 -15.77
C PRO A 731 4.82 21.14 -14.93
N LYS A 732 5.92 20.84 -15.61
CA LYS A 732 7.24 20.76 -14.91
C LYS A 732 8.25 21.67 -15.62
N SER A 733 8.27 21.67 -16.95
CA SER A 733 9.24 22.48 -17.68
C SER A 733 8.72 23.86 -18.04
N LEU A 734 7.45 24.16 -17.76
CA LEU A 734 6.88 25.46 -18.03
C LEU A 734 7.01 26.42 -16.86
N LEU A 735 7.56 25.98 -15.73
CA LEU A 735 7.76 26.87 -14.60
C LEU A 735 8.76 27.97 -14.92
N ARG A 736 9.85 27.63 -15.62
CA ARG A 736 10.94 28.59 -15.95
C ARG A 736 10.83 29.02 -17.42
N HIS A 737 9.79 28.63 -18.15
CA HIS A 737 9.71 28.93 -19.58
C HIS A 737 9.60 30.43 -19.79
N PRO A 738 10.36 31.01 -20.72
CA PRO A 738 10.31 32.48 -20.91
C PRO A 738 8.95 33.00 -21.34
N GLU A 739 8.20 32.25 -22.15
CA GLU A 739 6.91 32.72 -22.64
C GLU A 739 5.72 32.12 -21.90
N ALA A 740 5.99 31.36 -20.82
CA ALA A 740 4.90 30.83 -19.97
C ALA A 740 4.51 31.94 -19.00
N ARG A 741 3.87 33.01 -19.51
CA ARG A 741 3.54 34.19 -18.72
C ARG A 741 2.24 34.78 -19.25
N SER A 742 1.61 35.62 -18.43
CA SER A 742 0.37 36.27 -18.81
C SER A 742 0.30 37.64 -18.14
N SER A 743 -0.53 38.51 -18.71
CA SER A 743 -0.67 39.86 -18.21
C SER A 743 -1.69 39.92 -17.08
N PHE A 744 -1.78 41.09 -16.45
CA PHE A 744 -2.80 41.32 -15.45
C PHE A 744 -4.19 41.49 -16.05
N ASP A 745 -4.27 41.74 -17.36
CA ASP A 745 -5.56 41.96 -18.01
C ASP A 745 -6.44 40.72 -18.02
N GLU A 746 -5.87 39.54 -17.77
CA GLU A 746 -6.65 38.32 -17.63
C GLU A 746 -7.03 38.01 -16.19
N MET A 747 -6.67 38.89 -15.25
CA MET A 747 -6.97 38.70 -13.83
C MET A 747 -7.86 39.82 -13.30
N LEU A 748 -8.40 40.65 -14.17
CA LEU A 748 -9.19 41.80 -13.81
C LEU A 748 -10.66 41.43 -13.69
N PRO A 749 -11.49 42.30 -13.13
CA PRO A 749 -12.93 42.00 -13.05
C PRO A 749 -13.54 41.83 -14.43
N GLY A 750 -14.51 40.92 -14.51
CA GLY A 750 -15.14 40.59 -15.77
C GLY A 750 -14.52 39.43 -16.51
N THR A 751 -13.61 38.70 -15.89
CA THR A 751 -12.90 37.59 -16.52
C THR A 751 -13.32 36.28 -15.86
N HIS A 752 -13.63 35.29 -16.68
CA HIS A 752 -14.02 33.96 -16.22
C HIS A 752 -12.97 32.94 -16.64
N PHE A 753 -13.00 31.78 -15.97
CA PHE A 753 -12.12 30.69 -16.33
C PHE A 753 -12.46 30.20 -17.74
N GLN A 754 -11.42 29.97 -18.54
CA GLN A 754 -11.58 29.56 -19.92
C GLN A 754 -11.32 28.06 -20.02
N ARG A 755 -12.38 27.29 -20.28
CA ARG A 755 -12.23 25.84 -20.39
C ARG A 755 -11.47 25.46 -21.65
N VAL A 756 -11.65 26.20 -22.73
CA VAL A 756 -10.95 25.98 -23.99
C VAL A 756 -10.39 27.32 -24.45
N ILE A 757 -9.09 27.34 -24.75
CA ILE A 757 -8.42 28.54 -25.26
C ILE A 757 -8.39 28.44 -26.78
N PRO A 758 -9.08 29.30 -27.51
CA PRO A 758 -9.08 29.20 -28.97
C PRO A 758 -7.73 29.57 -29.58
N GLU A 759 -7.64 29.51 -30.90
CA GLU A 759 -6.40 29.78 -31.61
C GLU A 759 -6.31 31.27 -31.92
N ASP A 760 -5.32 31.94 -31.35
CA ASP A 760 -5.08 33.36 -31.59
C ASP A 760 -3.82 33.52 -32.42
N GLY A 761 -3.92 34.30 -33.49
CA GLY A 761 -2.80 34.53 -34.38
C GLY A 761 -3.25 34.81 -35.79
N PRO A 762 -2.30 34.82 -36.74
CA PRO A 762 -2.68 35.07 -38.14
C PRO A 762 -3.63 34.04 -38.71
N ALA A 763 -3.64 32.82 -38.16
CA ALA A 763 -4.58 31.80 -38.63
C ALA A 763 -6.02 32.22 -38.37
N ALA A 764 -6.28 32.81 -37.20
CA ALA A 764 -7.63 33.25 -36.88
C ALA A 764 -8.08 34.41 -37.76
N GLN A 765 -7.14 35.26 -38.19
CA GLN A 765 -7.51 36.39 -39.04
C GLN A 765 -8.04 35.92 -40.38
N ASN A 766 -7.43 34.88 -40.96
CA ASN A 766 -7.85 34.30 -42.24
C ASN A 766 -8.10 32.80 -41.99
N PRO A 767 -9.29 32.45 -41.50
CA PRO A 767 -9.52 31.06 -41.09
C PRO A 767 -9.83 30.12 -42.25
N GLU A 768 -10.21 30.63 -43.42
CA GLU A 768 -10.55 29.75 -44.53
C GLU A 768 -9.32 29.12 -45.18
N ASN A 769 -8.14 29.69 -44.96
CA ASN A 769 -6.90 29.17 -45.55
C ASN A 769 -6.15 28.24 -44.61
N VAL A 770 -6.70 27.92 -43.45
CA VAL A 770 -6.02 27.09 -42.47
C VAL A 770 -6.23 25.62 -42.81
N LYS A 771 -5.15 24.85 -42.73
CA LYS A 771 -5.21 23.40 -42.85
C LYS A 771 -4.74 22.77 -41.55
N ARG A 772 -5.01 21.47 -41.39
CA ARG A 772 -4.50 20.71 -40.21
C ARG A 772 -4.92 21.35 -38.88
N LEU A 773 -6.23 21.52 -38.64
CA LEU A 773 -6.67 21.95 -37.32
C LEU A 773 -6.12 20.99 -36.28
N LEU A 774 -5.46 21.52 -35.26
CA LEU A 774 -4.64 20.71 -34.38
C LEU A 774 -5.06 20.94 -32.94
N PHE A 775 -5.24 19.84 -32.20
CA PHE A 775 -5.60 19.88 -30.79
C PHE A 775 -4.42 19.41 -29.95
N CYS A 776 -4.20 20.08 -28.82
CA CYS A 776 -3.13 19.69 -27.90
C CYS A 776 -3.62 19.86 -26.47
N THR A 777 -2.80 19.40 -25.52
CA THR A 777 -3.17 19.52 -24.07
C THR A 777 -1.89 19.55 -23.22
N GLY A 778 -1.37 20.75 -22.91
CA GLY A 778 -0.23 20.90 -22.03
C GLY A 778 0.92 21.61 -22.71
N LYS A 779 2.15 21.18 -22.37
CA LYS A 779 3.35 21.86 -22.85
C LYS A 779 3.55 21.68 -24.35
N VAL A 780 2.97 20.63 -24.93
CA VAL A 780 3.24 20.29 -26.33
C VAL A 780 2.99 21.49 -27.23
N TYR A 781 1.91 22.22 -26.96
CA TYR A 781 1.58 23.45 -27.68
C TYR A 781 2.82 24.29 -27.94
N TYR A 782 3.53 24.66 -26.87
CA TYR A 782 4.70 25.50 -27.01
C TYR A 782 5.70 24.91 -27.99
N ASP A 783 6.04 23.63 -27.80
CA ASP A 783 6.94 22.96 -28.73
C ASP A 783 6.43 23.09 -30.15
N LEU A 784 5.15 22.78 -30.35
CA LEU A 784 4.55 22.88 -31.68
C LEU A 784 4.78 24.27 -32.26
N THR A 785 4.50 25.30 -31.47
CA THR A 785 4.65 26.66 -31.97
C THR A 785 6.07 26.89 -32.44
N ARG A 786 7.05 26.47 -31.63
CA ARG A 786 8.44 26.62 -32.04
C ARG A 786 8.68 25.97 -33.39
N GLU A 787 8.22 24.73 -33.55
CA GLU A 787 8.42 24.03 -34.82
C GLU A 787 7.71 24.77 -35.94
N ARG A 788 6.52 25.31 -35.67
CA ARG A 788 5.85 26.11 -36.70
C ARG A 788 6.70 27.30 -37.08
N LYS A 789 7.27 27.99 -36.08
CA LYS A 789 8.14 29.12 -36.37
C LYS A 789 9.40 28.67 -37.10
N ALA A 790 9.79 27.40 -36.96
CA ALA A 790 10.95 26.90 -37.69
C ALA A 790 10.59 26.48 -39.11
N ARG A 791 9.30 26.33 -39.42
CA ARG A 791 8.88 25.83 -40.72
C ARG A 791 8.05 26.82 -41.52
N ASP A 792 7.83 28.03 -41.00
CA ASP A 792 7.03 29.05 -41.67
C ASP A 792 5.66 28.51 -42.04
N MET A 793 5.03 27.82 -41.08
CA MET A 793 3.67 27.24 -41.31
C MET A 793 2.62 28.10 -40.61
N VAL A 794 3.00 29.30 -40.14
CA VAL A 794 2.03 30.19 -39.52
C VAL A 794 1.01 30.62 -40.58
N GLY A 795 -0.26 30.51 -40.24
CA GLY A 795 -1.32 30.72 -41.21
C GLY A 795 -1.74 29.47 -41.96
N GLN A 796 -1.03 28.36 -41.77
CA GLN A 796 -1.40 27.08 -42.37
C GLN A 796 -1.67 26.00 -41.34
N VAL A 797 -1.42 26.25 -40.06
CA VAL A 797 -1.72 25.30 -38.99
C VAL A 797 -2.31 26.09 -37.82
N ALA A 798 -3.43 25.59 -37.29
CA ALA A 798 -4.07 26.19 -36.12
C ALA A 798 -3.98 25.21 -34.96
N ILE A 799 -3.46 25.68 -33.84
CA ILE A 799 -3.23 24.84 -32.65
C ILE A 799 -4.08 25.38 -31.52
N THR A 800 -4.88 24.50 -30.91
CA THR A 800 -5.78 24.88 -29.83
C THR A 800 -5.60 23.94 -28.64
N ARG A 801 -5.66 24.51 -27.44
CA ARG A 801 -5.56 23.76 -26.20
C ARG A 801 -6.94 23.42 -25.67
N ILE A 802 -6.97 22.49 -24.72
CA ILE A 802 -8.19 22.08 -24.04
C ILE A 802 -7.84 21.96 -22.56
N GLU A 803 -8.23 22.97 -21.77
CA GLU A 803 -7.85 22.99 -20.36
C GLU A 803 -8.64 21.99 -19.54
N GLN A 804 -9.96 21.89 -19.83
CA GLN A 804 -10.84 20.95 -19.10
C GLN A 804 -11.21 19.75 -19.94
N LEU A 805 -10.90 18.54 -19.46
CA LEU A 805 -11.22 17.29 -20.19
C LEU A 805 -12.45 16.64 -19.55
N SER A 806 -12.54 16.67 -18.22
CA SER A 806 -13.75 16.17 -17.52
C SER A 806 -14.32 17.34 -16.70
N PRO A 807 -15.65 17.60 -16.66
CA PRO A 807 -16.60 17.56 -17.82
C PRO A 807 -16.04 17.92 -19.20
N PHE A 808 -16.56 17.27 -20.27
CA PHE A 808 -16.03 17.52 -21.63
C PHE A 808 -16.69 18.77 -22.24
N PRO A 809 -15.95 19.83 -22.66
CA PRO A 809 -16.61 20.95 -23.33
C PRO A 809 -17.22 20.65 -24.70
N PHE A 810 -18.45 20.18 -24.80
CA PHE A 810 -19.02 19.77 -26.12
C PHE A 810 -19.58 20.95 -26.90
N ASP A 811 -19.63 22.15 -26.33
CA ASP A 811 -20.16 23.34 -26.99
C ASP A 811 -19.06 24.24 -27.56
N LEU A 812 -18.08 24.62 -26.73
CA LEU A 812 -16.98 25.45 -27.23
C LEU A 812 -16.18 24.71 -28.29
N LEU A 813 -15.93 23.42 -28.09
CA LEU A 813 -15.20 22.63 -29.07
C LEU A 813 -15.97 22.55 -30.39
N LEU A 814 -17.29 22.38 -30.32
CA LEU A 814 -18.09 22.37 -31.55
C LEU A 814 -18.02 23.72 -32.25
N LYS A 815 -18.10 24.82 -31.49
CA LYS A 815 -18.02 26.14 -32.10
C LYS A 815 -16.68 26.36 -32.80
N GLU A 816 -15.59 25.97 -32.15
CA GLU A 816 -14.28 26.21 -32.75
C GLU A 816 -14.00 25.25 -33.90
N VAL A 817 -14.59 24.05 -33.87
CA VAL A 817 -14.48 23.15 -35.01
C VAL A 817 -15.25 23.70 -36.20
N GLN A 818 -16.42 24.27 -35.94
CA GLN A 818 -17.18 24.92 -37.01
C GLN A 818 -16.52 26.21 -37.48
N LYS A 819 -15.62 26.77 -36.68
CA LYS A 819 -14.91 27.99 -37.09
C LYS A 819 -14.06 27.74 -38.34
N TYR A 820 -13.37 26.61 -38.39
CA TYR A 820 -12.52 26.26 -39.53
C TYR A 820 -13.18 25.15 -40.33
N PRO A 821 -13.77 25.46 -41.49
CA PRO A 821 -14.49 24.42 -42.24
C PRO A 821 -13.59 23.36 -42.86
N ASN A 822 -12.61 23.82 -43.66
CA ASN A 822 -11.70 22.89 -44.39
C ASN A 822 -10.39 22.72 -43.61
N ALA A 823 -10.40 21.88 -42.58
CA ALA A 823 -9.23 21.63 -41.75
C ALA A 823 -9.32 20.23 -41.16
N GLU A 824 -8.27 19.44 -41.37
CA GLU A 824 -8.27 18.05 -40.91
C GLU A 824 -8.00 18.00 -39.41
N LEU A 825 -8.91 17.41 -38.66
CA LEU A 825 -8.74 17.28 -37.22
C LEU A 825 -7.60 16.32 -36.91
N ALA A 826 -6.82 16.67 -35.88
CA ALA A 826 -5.73 15.82 -35.43
C ALA A 826 -5.51 16.05 -33.95
N TRP A 827 -4.92 15.05 -33.30
CA TRP A 827 -4.63 15.11 -31.87
C TRP A 827 -3.14 14.88 -31.66
N CYS A 828 -2.48 15.83 -30.98
CA CYS A 828 -1.02 15.70 -30.76
C CYS A 828 -0.71 15.45 -29.27
N GLN A 829 -0.06 14.33 -28.95
CA GLN A 829 0.35 14.08 -27.58
C GLN A 829 1.83 13.74 -27.61
N GLU A 830 2.53 13.86 -26.48
CA GLU A 830 3.96 13.45 -26.42
C GLU A 830 4.05 12.18 -25.58
N GLU A 831 2.96 11.39 -25.56
CA GLU A 831 2.86 10.12 -24.79
C GLU A 831 2.52 9.03 -25.80
N HIS A 832 2.54 7.77 -25.40
CA HIS A 832 2.25 6.61 -26.31
C HIS A 832 0.76 6.61 -26.66
N LYS A 833 0.36 5.97 -27.76
CA LYS A 833 -1.05 5.97 -28.23
C LYS A 833 -1.93 5.19 -27.26
N ASN A 834 -1.41 4.10 -26.67
CA ASN A 834 -2.17 3.25 -25.70
C ASN A 834 -2.37 4.00 -24.37
N GLN A 835 -1.64 5.09 -24.12
CA GLN A 835 -1.72 5.89 -22.86
C GLN A 835 -2.13 7.33 -23.18
N GLY A 836 -2.19 8.24 -22.18
CA GLY A 836 -2.47 9.64 -22.40
C GLY A 836 -3.94 10.00 -22.51
N TYR A 837 -4.33 10.67 -23.58
CA TYR A 837 -5.71 11.20 -23.69
C TYR A 837 -6.37 10.77 -24.99
N TYR A 838 -5.72 9.99 -25.84
CA TYR A 838 -6.33 9.64 -27.13
C TYR A 838 -7.57 8.80 -26.96
N ASP A 839 -7.50 7.75 -26.14
CA ASP A 839 -8.63 6.82 -26.02
C ASP A 839 -9.85 7.51 -25.39
N TYR A 840 -9.63 8.57 -24.62
CA TYR A 840 -10.75 9.30 -24.05
C TYR A 840 -11.26 10.37 -25.01
N VAL A 841 -10.34 11.15 -25.58
CA VAL A 841 -10.74 12.31 -26.38
C VAL A 841 -11.37 11.88 -27.69
N LYS A 842 -10.86 10.82 -28.32
CA LYS A 842 -11.33 10.44 -29.65
C LYS A 842 -12.82 10.12 -29.70
N PRO A 843 -13.38 9.27 -28.83
CA PRO A 843 -14.84 9.07 -28.88
C PRO A 843 -15.62 10.35 -28.64
N ARG A 844 -15.15 11.21 -27.74
CA ARG A 844 -15.87 12.44 -27.44
C ARG A 844 -15.78 13.43 -28.60
N LEU A 845 -14.61 13.52 -29.25
CA LEU A 845 -14.51 14.38 -30.43
C LEU A 845 -15.36 13.86 -31.57
N ARG A 846 -15.43 12.55 -31.75
CA ARG A 846 -16.29 12.01 -32.80
C ARG A 846 -17.76 12.11 -32.45
N THR A 847 -18.11 12.21 -31.17
CA THR A 847 -19.49 12.45 -30.76
C THR A 847 -19.88 13.91 -30.94
N THR A 848 -18.95 14.83 -30.67
CA THR A 848 -19.26 16.26 -30.75
C THR A 848 -19.71 16.63 -32.16
N ILE A 849 -18.97 16.20 -33.18
CA ILE A 849 -19.44 16.29 -34.56
C ILE A 849 -20.30 15.06 -34.82
N SER A 850 -21.06 15.09 -35.92
CA SER A 850 -21.94 13.95 -36.28
C SER A 850 -21.11 12.87 -36.96
N ARG A 851 -20.04 12.40 -36.31
CA ARG A 851 -19.12 11.40 -36.91
C ARG A 851 -18.96 11.71 -38.40
N ALA A 852 -18.71 12.98 -38.76
CA ALA A 852 -18.53 13.36 -40.16
C ALA A 852 -17.08 13.53 -40.55
N LYS A 853 -16.14 13.46 -39.60
CA LYS A 853 -14.73 13.63 -39.90
C LYS A 853 -13.92 12.73 -38.98
N PRO A 854 -12.96 11.98 -39.52
CA PRO A 854 -12.11 11.14 -38.68
C PRO A 854 -11.18 11.99 -37.82
N VAL A 855 -10.81 11.43 -36.68
CA VAL A 855 -9.87 12.06 -35.75
C VAL A 855 -8.57 11.31 -35.86
N TRP A 856 -7.55 11.96 -36.42
CA TRP A 856 -6.26 11.33 -36.63
C TRP A 856 -5.42 11.36 -35.35
N TYR A 857 -4.22 10.83 -35.45
CA TYR A 857 -3.29 10.78 -34.33
C TYR A 857 -1.91 11.26 -34.77
N ALA A 858 -1.24 12.02 -33.89
CA ALA A 858 0.12 12.51 -34.16
C ALA A 858 0.92 12.45 -32.85
N GLY A 859 1.54 11.31 -32.56
CA GLY A 859 2.24 11.12 -31.31
C GLY A 859 3.12 9.89 -31.35
N ARG A 860 3.55 9.46 -30.16
CA ARG A 860 4.42 8.30 -30.05
C ARG A 860 3.64 7.02 -30.32
N ASP A 861 4.37 5.96 -30.65
CA ASP A 861 3.81 4.65 -30.90
C ASP A 861 3.54 3.93 -29.57
N PRO A 862 2.63 2.96 -29.57
CA PRO A 862 2.31 2.26 -28.31
C PRO A 862 3.53 1.56 -27.72
N ALA A 863 3.57 1.51 -26.40
CA ALA A 863 4.65 0.85 -25.69
C ALA A 863 4.13 0.32 -24.37
N ALA A 864 4.87 -0.63 -23.80
CA ALA A 864 4.51 -1.24 -22.53
C ALA A 864 4.99 -0.46 -21.32
N ALA A 865 5.69 0.65 -21.53
CA ALA A 865 6.22 1.48 -20.46
C ALA A 865 5.83 2.94 -20.69
N PRO A 866 5.72 3.73 -19.62
CA PRO A 866 5.36 5.15 -19.79
C PRO A 866 6.33 5.91 -20.67
N ALA A 867 7.62 5.60 -20.61
CA ALA A 867 8.63 6.28 -21.41
C ALA A 867 9.79 5.33 -21.65
N THR A 868 10.75 5.78 -22.45
CA THR A 868 11.93 4.99 -22.78
C THR A 868 13.07 5.30 -21.84
N GLY A 869 13.95 4.32 -21.65
CA GLY A 869 15.13 4.46 -20.83
C GLY A 869 16.39 4.81 -21.55
N ASN A 870 16.32 5.05 -22.86
CA ASN A 870 17.49 5.40 -23.67
C ASN A 870 17.41 6.87 -24.06
N LYS A 871 18.47 7.62 -23.79
CA LYS A 871 18.45 9.06 -24.06
C LYS A 871 18.51 9.35 -25.55
N LYS A 872 19.14 8.49 -26.34
CA LYS A 872 19.31 8.76 -27.77
C LYS A 872 17.99 8.64 -28.52
N THR A 873 17.16 7.65 -28.16
CA THR A 873 15.93 7.42 -28.90
C THR A 873 14.86 8.46 -28.59
N HIS A 874 14.98 9.17 -27.47
CA HIS A 874 14.00 10.22 -27.15
C HIS A 874 14.01 11.32 -28.20
N LEU A 875 15.20 11.78 -28.60
CA LEU A 875 15.29 12.84 -29.58
C LEU A 875 14.73 12.40 -30.93
N THR A 876 15.03 11.17 -31.35
CA THR A 876 14.49 10.66 -32.59
C THR A 876 12.96 10.54 -32.53
N GLU A 877 12.44 10.07 -31.39
CA GLU A 877 11.00 9.97 -31.23
C GLU A 877 10.34 11.34 -31.31
N LEU A 878 10.91 12.34 -30.64
CA LEU A 878 10.34 13.68 -30.66
C LEU A 878 10.41 14.28 -32.07
N GLN A 879 11.53 14.06 -32.77
CA GLN A 879 11.66 14.58 -34.12
C GLN A 879 10.62 13.94 -35.05
N ARG A 880 10.43 12.62 -34.92
CA ARG A 880 9.41 11.94 -35.72
C ARG A 880 8.02 12.46 -35.39
N LEU A 881 7.77 12.71 -34.10
CA LEU A 881 6.48 13.27 -33.67
C LEU A 881 6.22 14.61 -34.34
N LEU A 882 7.19 15.52 -34.26
CA LEU A 882 7.03 16.83 -34.88
C LEU A 882 6.87 16.71 -36.39
N ASP A 883 7.63 15.82 -37.01
CA ASP A 883 7.54 15.63 -38.45
C ASP A 883 6.15 15.17 -38.86
N THR A 884 5.62 14.13 -38.22
CA THR A 884 4.30 13.63 -38.60
C THR A 884 3.21 14.61 -38.20
N ALA A 885 3.48 15.48 -37.23
CA ALA A 885 2.50 16.48 -36.84
C ALA A 885 2.41 17.59 -37.88
N PHE A 886 3.54 18.01 -38.44
CA PHE A 886 3.55 19.21 -39.26
C PHE A 886 3.57 18.96 -40.76
N ASP A 887 3.92 17.76 -41.22
CA ASP A 887 3.80 17.47 -42.65
C ASP A 887 2.34 17.19 -43.00
N LEU A 888 1.96 17.52 -44.24
CA LEU A 888 0.55 17.58 -44.61
C LEU A 888 0.05 16.32 -45.32
N ASP A 889 0.86 15.29 -45.46
CA ASP A 889 0.32 14.14 -46.24
C ASP A 889 0.55 12.83 -45.49
N VAL A 890 0.76 12.85 -44.18
CA VAL A 890 1.06 11.54 -43.51
C VAL A 890 -0.20 10.67 -43.51
N PHE A 891 -1.38 11.25 -43.70
CA PHE A 891 -2.63 10.45 -43.77
C PHE A 891 -3.30 10.52 -45.15
N LYS A 892 -3.14 11.62 -45.89
CA LYS A 892 -3.77 11.79 -47.18
C LYS A 892 -3.14 10.92 -48.27
N ASN A 893 -2.05 10.23 -47.97
CA ASN A 893 -1.34 9.44 -48.96
C ASN A 893 -2.12 8.20 -49.37
N PHE A 894 -3.12 7.82 -48.57
CA PHE A 894 -3.90 6.62 -48.86
C PHE A 894 -4.68 6.77 -50.16
N SER A 895 -5.28 7.93 -50.38
CA SER A 895 -6.05 8.18 -51.60
C SER A 895 -5.17 8.82 -52.67
N ALA B 1 22.63 -5.03 42.45
CA ALA B 1 22.93 -3.61 42.47
C ALA B 1 23.48 -3.15 41.13
N VAL B 2 24.43 -3.93 40.60
CA VAL B 2 25.03 -3.61 39.30
C VAL B 2 24.24 -4.19 38.14
N GLN B 3 23.48 -5.27 38.37
CA GLN B 3 22.71 -5.90 37.30
C GLN B 3 21.71 -4.92 36.70
N SER B 4 21.04 -4.14 37.55
CA SER B 4 20.09 -3.16 37.06
C SER B 4 20.77 -2.11 36.20
N LEU B 5 21.97 -1.65 36.61
CA LEU B 5 22.69 -0.64 35.84
C LEU B 5 23.11 -1.19 34.48
N ILE B 6 23.61 -2.42 34.45
CA ILE B 6 24.02 -3.02 33.17
C ILE B 6 22.82 -3.21 32.26
N ARG B 7 21.69 -3.65 32.82
CA ARG B 7 20.47 -3.75 32.03
C ARG B 7 20.04 -2.39 31.50
N ALA B 8 20.15 -1.34 32.33
CA ALA B 8 19.77 0.00 31.91
C ALA B 8 20.61 0.46 30.73
N TYR B 9 21.92 0.20 30.78
CA TYR B 9 22.76 0.53 29.63
C TYR B 9 22.38 -0.29 28.40
N GLN B 10 22.19 -1.60 28.57
CA GLN B 10 21.79 -2.42 27.42
C GLN B 10 20.46 -1.98 26.84
N ILE B 11 19.64 -1.27 27.61
CA ILE B 11 18.38 -0.75 27.06
C ILE B 11 18.60 0.60 26.38
N ARG B 12 19.28 1.54 27.05
CA ARG B 12 19.28 2.94 26.64
C ARG B 12 20.64 3.46 26.19
N GLY B 13 21.57 2.57 25.81
CA GLY B 13 22.87 3.06 25.38
C GLY B 13 22.82 3.80 24.06
N HIS B 14 22.02 3.31 23.11
CA HIS B 14 22.01 3.88 21.77
C HIS B 14 21.39 5.26 21.72
N HIS B 15 20.71 5.69 22.79
CA HIS B 15 20.12 7.03 22.80
C HIS B 15 21.15 8.11 23.06
N VAL B 16 22.19 7.82 23.84
CA VAL B 16 23.22 8.79 24.15
C VAL B 16 24.49 8.58 23.34
N ALA B 17 24.39 7.88 22.22
CA ALA B 17 25.60 7.52 21.45
C ALA B 17 26.03 8.67 20.54
N GLN B 18 27.35 8.81 20.33
CA GLN B 18 27.85 9.84 19.37
C GLN B 18 27.80 9.23 17.97
N LEU B 19 26.62 8.80 17.52
CA LEU B 19 26.50 8.21 16.17
C LEU B 19 26.47 9.36 15.16
N ASP B 20 26.52 10.61 15.65
CA ASP B 20 26.32 11.76 14.73
C ASP B 20 27.63 12.11 14.04
N PRO B 21 27.78 11.98 12.69
CA PRO B 21 29.04 12.36 12.05
C PRO B 21 29.30 13.88 12.08
N LEU B 22 28.30 14.68 11.71
CA LEU B 22 28.50 16.15 11.65
C LEU B 22 28.78 16.69 13.05
N GLY B 23 28.06 16.21 14.07
CA GLY B 23 28.21 16.72 15.45
C GLY B 23 27.04 17.62 15.81
N ILE B 24 26.29 18.11 14.83
CA ILE B 24 25.18 19.08 15.08
C ILE B 24 23.83 18.36 15.13
N LEU B 25 23.35 17.83 14.00
CA LEU B 25 22.01 17.18 13.93
C LEU B 25 22.01 15.84 14.66
N ASP B 26 21.03 15.58 15.52
CA ASP B 26 20.96 14.34 16.33
C ASP B 26 20.36 13.16 15.54
N ALA B 27 20.61 11.92 16.01
CA ALA B 27 20.14 10.72 15.34
C ALA B 27 18.81 10.20 15.87
N ASP B 28 18.56 10.32 17.19
CA ASP B 28 17.33 9.85 17.79
C ASP B 28 16.29 10.95 17.94
N LEU B 29 16.48 12.10 17.27
CA LEU B 29 15.52 13.24 17.28
C LEU B 29 15.25 13.73 18.71
N ASP B 30 16.18 13.53 19.67
CA ASP B 30 16.02 14.07 21.01
C ASP B 30 17.40 14.19 21.64
N SER B 31 17.75 15.40 22.07
CA SER B 31 19.04 15.65 22.69
C SER B 31 19.03 15.42 24.20
N SER B 32 17.87 15.10 24.78
CA SER B 32 17.81 14.86 26.21
C SER B 32 18.52 13.57 26.59
N VAL B 33 19.12 13.58 27.77
CA VAL B 33 19.82 12.41 28.31
C VAL B 33 18.93 11.78 29.37
N PRO B 34 18.39 10.57 29.14
CA PRO B 34 17.57 9.93 30.17
C PRO B 34 18.38 9.62 31.42
N ALA B 35 17.69 9.61 32.56
CA ALA B 35 18.37 9.47 33.85
C ALA B 35 19.03 8.12 34.03
N ASP B 36 18.72 7.15 33.17
CA ASP B 36 19.34 5.83 33.30
C ASP B 36 20.84 5.89 33.07
N ILE B 37 21.28 6.63 32.06
CA ILE B 37 22.70 6.70 31.75
C ILE B 37 23.40 7.63 32.73
N ILE B 38 24.52 7.18 33.28
CA ILE B 38 25.30 7.96 34.24
C ILE B 38 26.22 8.87 33.43
N SER B 39 25.71 10.07 33.12
CA SER B 39 26.52 11.07 32.43
C SER B 39 27.43 11.84 33.38
N SER B 40 27.19 11.76 34.68
CA SER B 40 28.02 12.42 35.68
C SER B 40 27.86 11.71 37.01
N THR B 41 28.80 11.96 37.91
CA THR B 41 28.80 11.29 39.20
C THR B 41 27.60 11.67 40.07
N ASP B 42 26.88 12.74 39.72
CA ASP B 42 25.71 13.15 40.48
C ASP B 42 24.49 12.26 40.23
N LYS B 43 24.47 11.53 39.11
CA LYS B 43 23.30 10.76 38.72
C LYS B 43 23.31 9.34 39.31
N LEU B 44 24.30 9.00 40.14
CA LEU B 44 24.31 7.68 40.76
C LEU B 44 23.19 7.50 41.78
N GLY B 45 22.54 8.58 42.20
CA GLY B 45 21.44 8.48 43.16
C GLY B 45 20.19 7.84 42.58
N PHE B 46 20.09 7.76 41.25
CA PHE B 46 18.94 7.09 40.64
C PHE B 46 18.92 5.61 40.99
N TYR B 47 20.09 4.98 41.02
CA TYR B 47 20.22 3.58 41.41
C TYR B 47 20.56 3.41 42.90
N GLY B 48 20.61 4.50 43.66
CA GLY B 48 20.97 4.45 45.06
C GLY B 48 22.46 4.46 45.34
N LEU B 49 23.30 4.51 44.31
CA LEU B 49 24.74 4.54 44.49
C LEU B 49 25.23 5.97 44.68
N ASP B 50 26.51 6.13 44.95
CA ASP B 50 27.10 7.44 45.18
C ASP B 50 28.58 7.39 44.80
N GLU B 51 29.26 8.52 44.97
CA GLU B 51 30.66 8.62 44.56
C GLU B 51 31.56 7.68 45.34
N SER B 52 31.13 7.21 46.52
CA SER B 52 31.93 6.27 47.28
C SER B 52 31.93 4.87 46.69
N ASP B 53 31.06 4.59 45.73
CA ASP B 53 30.97 3.27 45.11
C ASP B 53 31.78 3.15 43.83
N LEU B 54 32.36 4.24 43.33
CA LEU B 54 33.11 4.19 42.08
C LEU B 54 34.41 3.41 42.19
N ASP B 55 34.88 3.10 43.40
CA ASP B 55 36.11 2.35 43.59
C ASP B 55 35.90 0.95 44.15
N LYS B 56 34.73 0.67 44.73
CA LYS B 56 34.46 -0.67 45.24
C LYS B 56 34.34 -1.66 44.09
N VAL B 57 34.94 -2.84 44.27
CA VAL B 57 34.95 -3.86 43.24
C VAL B 57 33.63 -4.60 43.25
N PHE B 58 33.03 -4.79 42.08
CA PHE B 58 31.77 -5.48 41.93
C PHE B 58 31.94 -6.70 41.03
N HIS B 59 31.16 -7.74 41.33
CA HIS B 59 31.19 -8.99 40.59
C HIS B 59 30.20 -8.95 39.45
N LEU B 60 30.66 -9.34 38.26
CA LEU B 60 29.83 -9.28 37.06
C LEU B 60 28.82 -10.43 37.05
N PRO B 61 27.67 -10.20 36.43
CA PRO B 61 26.66 -11.26 36.32
C PRO B 61 27.02 -12.26 35.23
N THR B 62 26.12 -13.21 35.00
CA THR B 62 26.30 -14.18 33.93
C THR B 62 25.85 -13.65 32.57
N THR B 63 25.19 -12.49 32.54
CA THR B 63 24.75 -11.88 31.30
C THR B 63 25.63 -10.72 30.87
N THR B 64 26.84 -10.62 31.41
CA THR B 64 27.78 -9.56 31.06
C THR B 64 29.10 -10.18 30.65
N PHE B 65 29.71 -9.63 29.60
CA PHE B 65 30.90 -10.22 29.00
C PHE B 65 32.09 -9.26 28.94
N ILE B 66 32.04 -8.14 29.67
CA ILE B 66 33.16 -7.21 29.67
C ILE B 66 34.33 -7.68 30.51
N GLY B 67 34.17 -8.77 31.25
CA GLY B 67 35.24 -9.19 32.15
C GLY B 67 36.54 -9.49 31.44
N GLY B 68 36.46 -10.19 30.29
CA GLY B 68 37.65 -10.54 29.51
C GLY B 68 38.63 -11.29 30.36
N GLN B 69 38.35 -12.56 30.65
CA GLN B 69 39.25 -13.41 31.45
C GLN B 69 39.49 -12.72 32.79
N GLU B 70 38.41 -12.18 33.39
CA GLU B 70 38.48 -11.53 34.72
C GLU B 70 37.06 -11.62 35.32
N SER B 71 36.94 -11.86 36.64
CA SER B 71 35.63 -12.07 37.30
C SER B 71 35.04 -10.74 37.78
N ALA B 72 35.61 -10.11 38.82
CA ALA B 72 35.10 -8.87 39.40
C ALA B 72 36.01 -7.71 39.00
N LEU B 73 35.41 -6.53 38.87
CA LEU B 73 36.15 -5.35 38.43
C LEU B 73 35.73 -4.14 39.24
N PRO B 74 36.60 -3.15 39.39
CA PRO B 74 36.17 -1.89 40.00
C PRO B 74 35.12 -1.19 39.15
N LEU B 75 34.15 -0.56 39.81
CA LEU B 75 32.99 -0.01 39.12
C LEU B 75 33.40 0.98 38.03
N ARG B 76 34.53 1.67 38.22
CA ARG B 76 35.03 2.57 37.18
C ARG B 76 35.34 1.80 35.89
N GLU B 77 35.91 0.60 36.03
CA GLU B 77 36.16 -0.21 34.84
C GLU B 77 34.87 -0.60 34.15
N ILE B 78 33.85 -1.00 34.92
CA ILE B 78 32.57 -1.38 34.32
C ILE B 78 31.96 -0.20 33.58
N ILE B 79 31.94 0.98 34.21
CA ILE B 79 31.31 2.13 33.56
C ILE B 79 32.07 2.54 32.31
N ARG B 80 33.40 2.54 32.37
CA ARG B 80 34.19 2.94 31.20
C ARG B 80 34.00 1.95 30.05
N ARG B 81 34.06 0.65 30.35
CA ARG B 81 33.92 -0.36 29.30
C ARG B 81 32.51 -0.35 28.72
N LEU B 82 31.50 -0.15 29.57
CA LEU B 82 30.13 -0.10 29.08
C LEU B 82 29.89 1.12 28.20
N GLU B 83 30.46 2.27 28.57
CA GLU B 83 30.37 3.45 27.70
C GLU B 83 31.09 3.22 26.38
N MET B 84 32.25 2.56 26.42
CA MET B 84 32.97 2.26 25.17
C MET B 84 32.17 1.30 24.30
N ALA B 85 31.49 0.33 24.91
CA ALA B 85 30.78 -0.67 24.14
C ALA B 85 29.48 -0.12 23.55
N TYR B 86 28.69 0.59 24.35
CA TYR B 86 27.32 0.97 23.88
C TYR B 86 27.13 2.45 23.55
N CYS B 87 27.96 3.35 24.09
CA CYS B 87 27.71 4.80 23.92
C CYS B 87 28.77 5.49 23.04
N GLN B 88 29.58 4.76 22.27
CA GLN B 88 30.54 5.45 21.38
C GLN B 88 29.95 5.53 19.98
N HIS B 89 30.65 4.99 19.00
CA HIS B 89 30.17 5.01 17.60
C HIS B 89 29.21 3.88 17.26
N ILE B 90 29.00 2.93 18.19
CA ILE B 90 28.11 1.79 17.91
C ILE B 90 27.01 1.76 18.97
N GLY B 91 25.77 1.74 18.51
CA GLY B 91 24.61 1.56 19.37
C GLY B 91 23.81 0.32 18.99
N VAL B 92 23.52 -0.52 19.96
CA VAL B 92 22.90 -1.83 19.71
C VAL B 92 21.50 -1.80 20.30
N GLU B 93 20.48 -2.04 19.47
CA GLU B 93 19.08 -2.13 19.95
C GLU B 93 18.65 -3.60 19.87
N PHE B 94 18.77 -4.37 20.96
CA PHE B 94 18.50 -5.84 20.82
C PHE B 94 17.71 -6.43 21.98
N MET B 95 17.54 -5.73 23.10
CA MET B 95 16.91 -6.38 24.27
C MET B 95 15.41 -6.61 24.08
N PHE B 96 14.79 -6.05 23.05
CA PHE B 96 13.38 -6.37 22.77
C PHE B 96 13.26 -7.84 22.40
N ILE B 97 14.36 -8.52 22.04
CA ILE B 97 14.33 -9.95 21.76
C ILE B 97 14.06 -10.70 23.05
N ASN B 98 13.10 -11.63 23.00
CA ASN B 98 12.75 -12.44 24.17
C ASN B 98 13.60 -13.70 24.28
N ASP B 99 14.13 -14.21 23.17
CA ASP B 99 15.01 -15.36 23.23
C ASP B 99 16.29 -15.02 23.98
N LEU B 100 16.77 -15.96 24.80
CA LEU B 100 17.93 -15.71 25.64
C LEU B 100 19.24 -16.03 24.94
N GLU B 101 19.28 -17.11 24.16
CA GLU B 101 20.53 -17.49 23.50
C GLU B 101 20.97 -16.44 22.50
N GLN B 102 20.03 -15.88 21.73
CA GLN B 102 20.37 -14.83 20.79
C GLN B 102 20.90 -13.59 21.51
N CYS B 103 20.27 -13.24 22.64
CA CYS B 103 20.74 -12.09 23.41
C CYS B 103 22.15 -12.32 23.93
N GLN B 104 22.43 -13.52 24.45
CA GLN B 104 23.77 -13.81 24.95
C GLN B 104 24.80 -13.79 23.83
N TRP B 105 24.44 -14.30 22.64
CA TRP B 105 25.35 -14.26 21.51
C TRP B 105 25.66 -12.82 21.10
N ILE B 106 24.64 -11.96 21.05
CA ILE B 106 24.85 -10.56 20.69
C ILE B 106 25.73 -9.89 21.73
N ARG B 107 25.48 -10.14 23.01
CA ARG B 107 26.31 -9.55 24.06
C ARG B 107 27.76 -9.99 23.94
N GLN B 108 27.99 -11.28 23.68
CA GLN B 108 29.36 -11.75 23.54
C GLN B 108 30.05 -11.11 22.34
N LYS B 109 29.32 -10.94 21.24
CA LYS B 109 29.91 -10.32 20.06
C LYS B 109 30.25 -8.85 20.30
N PHE B 110 29.38 -8.12 20.98
CA PHE B 110 29.50 -6.66 21.05
C PHE B 110 29.92 -6.15 22.42
N GLU B 111 30.33 -7.01 23.35
CA GLU B 111 30.64 -6.54 24.70
C GLU B 111 31.86 -7.23 25.28
N THR B 112 32.84 -7.57 24.46
CA THR B 112 34.04 -8.21 24.98
C THR B 112 35.29 -7.46 24.55
N PRO B 113 36.30 -7.36 25.43
CA PRO B 113 37.50 -6.61 25.08
C PRO B 113 38.38 -7.36 24.09
N GLY B 114 39.14 -6.59 23.33
CA GLY B 114 40.15 -7.15 22.43
C GLY B 114 39.59 -8.03 21.33
N ILE B 115 38.40 -7.70 20.82
CA ILE B 115 37.81 -8.45 19.72
C ILE B 115 37.69 -7.62 18.45
N MET B 116 37.78 -6.30 18.52
CA MET B 116 37.62 -5.44 17.36
C MET B 116 38.94 -5.10 16.68
N GLN B 117 40.06 -5.62 17.20
CA GLN B 117 41.37 -5.31 16.64
C GLN B 117 41.52 -5.93 15.25
N PHE B 118 42.21 -5.21 14.38
CA PHE B 118 42.44 -5.62 13.01
C PHE B 118 43.91 -5.98 12.82
N THR B 119 44.26 -6.31 11.58
CA THR B 119 45.62 -6.60 11.18
C THR B 119 46.04 -5.63 10.07
N ASN B 120 47.36 -5.52 9.87
CA ASN B 120 47.88 -4.54 8.92
C ASN B 120 47.42 -4.84 7.51
N GLU B 121 47.30 -6.11 7.15
CA GLU B 121 46.80 -6.47 5.82
C GLU B 121 45.35 -6.02 5.65
N GLU B 122 44.53 -6.20 6.68
CA GLU B 122 43.15 -5.73 6.63
C GLU B 122 43.10 -4.22 6.48
N LYS B 123 43.96 -3.50 7.20
CA LYS B 123 44.00 -2.04 7.08
C LYS B 123 44.42 -1.62 5.68
N ARG B 124 45.40 -2.30 5.09
CA ARG B 124 45.83 -1.98 3.73
C ARG B 124 44.69 -2.23 2.74
N THR B 125 43.98 -3.34 2.89
CA THR B 125 42.86 -3.63 1.98
C THR B 125 41.74 -2.61 2.14
N LEU B 126 41.45 -2.21 3.38
CA LEU B 126 40.43 -1.19 3.62
C LEU B 126 40.84 0.14 3.00
N LEU B 127 42.11 0.51 3.14
CA LEU B 127 42.61 1.71 2.48
C LEU B 127 42.45 1.62 0.97
N ALA B 128 42.77 0.45 0.40
CA ALA B 128 42.64 0.28 -1.05
C ALA B 128 41.19 0.46 -1.49
N ARG B 129 40.25 -0.15 -0.76
CA ARG B 129 38.84 -0.01 -1.11
C ARG B 129 38.37 1.43 -0.97
N LEU B 130 38.77 2.11 0.10
CA LEU B 130 38.38 3.49 0.30
C LEU B 130 38.92 4.39 -0.82
N VAL B 131 40.19 4.17 -1.20
CA VAL B 131 40.76 4.94 -2.30
C VAL B 131 39.99 4.66 -3.59
N ARG B 132 39.69 3.39 -3.86
CA ARG B 132 38.97 3.06 -5.08
C ARG B 132 37.64 3.80 -5.13
N SER B 133 36.86 3.74 -4.04
CA SER B 133 35.56 4.37 -4.00
C SER B 133 35.68 5.90 -4.16
N THR B 134 36.55 6.52 -3.37
CA THR B 134 36.64 7.98 -3.39
C THR B 134 37.16 8.50 -4.72
N ARG B 135 38.18 7.86 -5.28
CA ARG B 135 38.71 8.31 -6.56
C ARG B 135 37.71 8.10 -7.68
N PHE B 136 36.94 7.00 -7.64
CA PHE B 136 35.89 6.81 -8.63
C PHE B 136 34.84 7.91 -8.51
N GLU B 137 34.47 8.27 -7.27
CA GLU B 137 33.48 9.33 -7.08
C GLU B 137 33.98 10.66 -7.63
N GLU B 138 35.22 11.03 -7.32
CA GLU B 138 35.70 12.33 -7.81
C GLU B 138 35.92 12.30 -9.32
N PHE B 139 36.28 11.14 -9.88
CA PHE B 139 36.42 11.03 -11.33
C PHE B 139 35.07 11.22 -12.01
N LEU B 140 34.02 10.59 -11.47
CA LEU B 140 32.68 10.81 -12.00
C LEU B 140 32.27 12.28 -11.86
N GLN B 141 32.64 12.91 -10.74
CA GLN B 141 32.28 14.30 -10.51
C GLN B 141 32.95 15.23 -11.53
N ARG B 142 34.27 15.08 -11.70
CA ARG B 142 35.02 15.99 -12.55
C ARG B 142 34.83 15.71 -14.03
N LYS B 143 34.55 14.46 -14.40
CA LYS B 143 34.28 14.16 -15.81
C LYS B 143 32.82 14.37 -16.17
N TRP B 144 31.93 14.36 -15.17
CA TRP B 144 30.50 14.57 -15.38
C TRP B 144 29.99 15.41 -14.21
N SER B 145 29.96 16.73 -14.41
CA SER B 145 29.52 17.66 -13.34
C SER B 145 28.04 18.02 -13.54
N SER B 146 27.65 18.37 -14.77
CA SER B 146 26.25 18.80 -15.04
C SER B 146 25.36 17.58 -15.27
N GLU B 147 25.25 16.70 -14.28
CA GLU B 147 24.48 15.46 -14.38
C GLU B 147 23.78 15.20 -13.06
N LYS B 148 22.92 14.17 -13.06
CA LYS B 148 22.22 13.73 -11.82
C LYS B 148 22.59 12.26 -11.60
N ARG B 149 23.77 12.04 -11.02
CA ARG B 149 24.31 10.66 -10.84
C ARG B 149 24.02 10.09 -9.43
N PHE B 150 23.25 10.80 -8.60
CA PHE B 150 22.95 10.36 -7.20
C PHE B 150 24.23 9.88 -6.54
N GLY B 151 25.11 10.77 -6.15
CA GLY B 151 26.41 10.32 -5.61
C GLY B 151 26.33 9.76 -4.23
N LEU B 152 27.34 8.98 -3.81
CA LEU B 152 27.45 8.37 -2.46
C LEU B 152 28.54 9.12 -1.70
N GLU B 153 28.62 10.44 -1.87
CA GLU B 153 29.68 11.28 -1.24
C GLU B 153 29.31 11.50 0.23
N GLY B 154 30.30 11.49 1.14
CA GLY B 154 30.05 11.61 2.59
C GLY B 154 29.66 10.28 3.20
N CYS B 155 29.77 9.17 2.46
CA CYS B 155 29.39 7.80 2.91
C CYS B 155 30.02 6.75 1.98
N GLU B 156 31.35 6.77 1.79
CA GLU B 156 32.07 5.86 0.87
C GLU B 156 32.35 4.52 1.55
N VAL B 157 32.12 4.43 2.86
CA VAL B 157 32.43 3.18 3.64
C VAL B 157 31.45 2.07 3.25
N LEU B 158 30.46 2.37 2.40
CA LEU B 158 29.47 1.36 2.01
C LEU B 158 30.12 0.22 1.24
N ILE B 159 31.01 0.54 0.30
CA ILE B 159 31.61 -0.50 -0.55
C ILE B 159 32.42 -1.50 0.26
N PRO B 160 33.34 -1.09 1.15
CA PRO B 160 34.02 -2.09 1.99
C PRO B 160 33.06 -2.88 2.86
N ALA B 161 31.97 -2.26 3.31
CA ALA B 161 30.98 -2.97 4.11
C ALA B 161 30.36 -4.11 3.33
N LEU B 162 29.90 -3.82 2.10
CA LEU B 162 29.33 -4.87 1.26
C LEU B 162 30.35 -5.95 0.92
N LYS B 163 31.60 -5.56 0.65
CA LYS B 163 32.62 -6.56 0.36
C LYS B 163 32.91 -7.45 1.56
N THR B 164 32.92 -6.89 2.77
CA THR B 164 33.08 -7.69 3.98
C THR B 164 31.91 -8.65 4.17
N ILE B 165 30.69 -8.17 3.93
CA ILE B 165 29.52 -9.05 4.01
C ILE B 165 29.68 -10.24 3.07
N ILE B 166 30.05 -9.96 1.82
CA ILE B 166 30.14 -11.04 0.83
C ILE B 166 31.27 -12.00 1.16
N ASP B 167 32.41 -11.48 1.64
CA ASP B 167 33.52 -12.36 2.02
C ASP B 167 33.15 -13.26 3.19
N LYS B 168 32.48 -12.70 4.20
CA LYS B 168 32.06 -13.52 5.34
C LYS B 168 31.04 -14.57 4.91
N SER B 169 30.11 -14.20 4.04
CA SER B 169 29.16 -15.17 3.52
C SER B 169 29.87 -16.29 2.77
N SER B 170 30.86 -15.93 1.94
CA SER B 170 31.60 -16.93 1.19
C SER B 170 32.34 -17.89 2.13
N GLU B 171 32.98 -17.37 3.17
CA GLU B 171 33.73 -18.25 4.05
C GLU B 171 32.81 -19.05 4.97
N ASN B 172 31.56 -18.61 5.15
CA ASN B 172 30.61 -19.35 5.98
C ASN B 172 29.87 -20.44 5.23
N GLY B 173 30.04 -20.54 3.91
CA GLY B 173 29.42 -21.59 3.11
C GLY B 173 28.54 -21.08 1.99
N VAL B 174 28.15 -19.81 2.00
CA VAL B 174 27.25 -19.29 0.98
C VAL B 174 27.95 -19.30 -0.38
N ASP B 175 27.22 -19.71 -1.40
CA ASP B 175 27.74 -19.75 -2.77
C ASP B 175 26.90 -18.94 -3.74
N TYR B 176 25.82 -18.31 -3.28
CA TYR B 176 24.97 -17.51 -4.15
C TYR B 176 24.37 -16.39 -3.32
N VAL B 177 24.46 -15.16 -3.83
CA VAL B 177 23.98 -13.98 -3.13
C VAL B 177 23.11 -13.17 -4.09
N ILE B 178 21.93 -12.77 -3.62
CA ILE B 178 21.03 -11.91 -4.39
C ILE B 178 20.88 -10.59 -3.65
N MET B 179 21.05 -9.49 -4.37
CA MET B 179 21.19 -8.17 -3.78
C MET B 179 20.16 -7.20 -4.38
N GLY B 180 19.59 -6.38 -3.53
CA GLY B 180 18.71 -5.31 -3.97
C GLY B 180 19.13 -4.00 -3.34
N MET B 181 19.05 -2.92 -4.12
CA MET B 181 19.68 -1.69 -3.70
C MET B 181 19.10 -0.50 -4.45
N PRO B 182 18.88 0.64 -3.78
CA PRO B 182 18.34 1.83 -4.45
C PRO B 182 19.39 2.53 -5.32
N HIS B 183 19.00 3.66 -5.91
CA HIS B 183 19.91 4.33 -6.89
C HIS B 183 21.12 4.99 -6.23
N ARG B 184 21.01 5.47 -4.99
CA ARG B 184 22.13 6.17 -4.38
C ARG B 184 23.29 5.20 -4.18
N GLY B 185 24.36 5.39 -4.95
CA GLY B 185 25.52 4.53 -4.86
C GLY B 185 25.51 3.32 -5.75
N ARG B 186 24.69 3.33 -6.81
CA ARG B 186 24.56 2.16 -7.68
C ARG B 186 25.84 1.91 -8.48
N LEU B 187 26.42 2.97 -9.06
CA LEU B 187 27.59 2.80 -9.91
C LEU B 187 28.81 2.34 -9.10
N ASN B 188 28.95 2.81 -7.86
CA ASN B 188 30.06 2.37 -7.03
C ASN B 188 29.99 0.86 -6.78
N VAL B 189 28.80 0.34 -6.50
CA VAL B 189 28.65 -1.09 -6.31
C VAL B 189 28.89 -1.84 -7.62
N LEU B 190 28.35 -1.32 -8.73
CA LEU B 190 28.53 -1.97 -10.02
C LEU B 190 29.97 -1.95 -10.49
N ALA B 191 30.81 -1.06 -9.97
CA ALA B 191 32.19 -0.98 -10.39
C ALA B 191 33.18 -1.58 -9.40
N ASN B 192 32.80 -1.72 -8.13
CA ASN B 192 33.74 -2.15 -7.10
C ASN B 192 33.34 -3.46 -6.44
N VAL B 193 32.06 -3.60 -6.05
CA VAL B 193 31.62 -4.83 -5.37
C VAL B 193 31.32 -5.92 -6.39
N ILE B 194 30.35 -5.68 -7.26
CA ILE B 194 30.07 -6.57 -8.39
C ILE B 194 30.95 -6.07 -9.53
N ARG B 195 32.20 -6.55 -9.54
CA ARG B 195 33.19 -6.02 -10.47
C ARG B 195 32.73 -6.19 -11.92
N LYS B 196 32.85 -5.11 -12.69
CA LYS B 196 32.40 -5.08 -14.06
C LYS B 196 33.41 -4.28 -14.88
N GLU B 197 33.44 -4.54 -16.18
CA GLU B 197 34.33 -3.81 -17.07
C GLU B 197 34.02 -2.32 -17.01
N LEU B 198 35.01 -1.53 -16.57
CA LEU B 198 34.78 -0.11 -16.35
C LEU B 198 34.45 0.61 -17.65
N GLU B 199 34.97 0.12 -18.78
CA GLU B 199 34.62 0.71 -20.07
C GLU B 199 33.13 0.58 -20.34
N GLN B 200 32.56 -0.59 -20.02
CA GLN B 200 31.11 -0.78 -20.19
C GLN B 200 30.32 0.16 -19.29
N ILE B 201 30.78 0.36 -18.06
CA ILE B 201 30.09 1.27 -17.14
C ILE B 201 30.13 2.69 -17.65
N PHE B 202 31.29 3.13 -18.16
CA PHE B 202 31.39 4.48 -18.71
C PHE B 202 30.52 4.62 -19.96
N CYS B 203 30.45 3.57 -20.78
CA CYS B 203 29.59 3.62 -21.96
C CYS B 203 28.11 3.71 -21.57
N GLN B 204 27.71 2.97 -20.55
CA GLN B 204 26.32 2.97 -20.11
C GLN B 204 25.97 4.19 -19.26
N PHE B 205 26.97 4.95 -18.81
CA PHE B 205 26.68 6.21 -18.13
C PHE B 205 26.04 7.20 -19.10
N ASP B 206 26.56 7.28 -20.33
CA ASP B 206 26.05 8.27 -21.28
C ASP B 206 24.72 7.83 -21.90
N SER B 207 24.60 6.52 -22.16
CA SER B 207 23.38 5.97 -22.82
C SER B 207 22.79 4.86 -21.95
N LYS B 208 21.47 4.75 -21.89
CA LYS B 208 20.77 3.78 -21.05
C LYS B 208 21.04 3.99 -19.57
N LEU B 209 21.25 5.24 -19.15
CA LEU B 209 21.56 5.52 -17.75
C LEU B 209 20.32 5.40 -16.87
N GLU B 210 19.16 5.80 -17.38
CA GLU B 210 17.94 5.82 -16.57
C GLU B 210 17.60 4.42 -16.07
N ALA B 211 17.67 3.42 -16.95
CA ALA B 211 17.30 2.07 -16.58
C ALA B 211 18.35 1.46 -15.64
N ALA B 212 17.86 0.86 -14.56
CA ALA B 212 18.71 0.11 -13.63
C ALA B 212 18.63 -1.36 -14.04
N ASP B 213 19.59 -1.77 -14.86
CA ASP B 213 19.54 -3.14 -15.40
C ASP B 213 20.04 -4.16 -14.38
N GLU B 214 20.28 -5.39 -14.84
CA GLU B 214 20.71 -6.48 -13.99
C GLU B 214 22.18 -6.79 -14.24
N GLY B 215 22.96 -6.85 -13.17
CA GLY B 215 24.37 -7.18 -13.28
C GLY B 215 24.72 -8.51 -12.65
N SER B 216 25.44 -9.35 -13.38
CA SER B 216 25.78 -10.68 -12.92
C SER B 216 27.29 -10.88 -12.95
N GLY B 217 27.81 -11.51 -11.90
CA GLY B 217 29.22 -11.86 -11.85
C GLY B 217 29.42 -13.29 -11.36
N ASP B 218 30.03 -14.11 -12.21
CA ASP B 218 30.24 -15.52 -11.89
C ASP B 218 31.72 -15.84 -11.76
N ASN B 237 34.81 -18.18 -5.92
CA ASN B 237 34.03 -17.93 -7.12
C ASN B 237 32.54 -17.76 -6.83
N ILE B 238 32.23 -16.98 -5.79
CA ILE B 238 30.84 -16.75 -5.42
C ILE B 238 30.14 -15.97 -6.52
N THR B 239 28.91 -16.40 -6.84
CA THR B 239 28.09 -15.75 -7.86
C THR B 239 27.32 -14.60 -7.23
N LEU B 240 27.32 -13.46 -7.90
CA LEU B 240 26.62 -12.26 -7.43
C LEU B 240 25.64 -11.80 -8.49
N SER B 241 24.39 -11.56 -8.08
CA SER B 241 23.36 -11.08 -8.99
C SER B 241 22.72 -9.84 -8.39
N LEU B 242 22.60 -8.78 -9.19
CA LEU B 242 21.95 -7.54 -8.78
C LEU B 242 20.64 -7.43 -9.56
N VAL B 243 19.53 -7.57 -8.84
CA VAL B 243 18.22 -7.55 -9.48
C VAL B 243 17.88 -6.14 -9.92
N ALA B 244 17.18 -6.02 -11.05
CA ALA B 244 16.71 -4.72 -11.50
C ALA B 244 15.59 -4.22 -10.59
N ASN B 245 15.67 -2.95 -10.21
CA ASN B 245 14.68 -2.35 -9.35
C ASN B 245 14.18 -1.03 -9.94
N PRO B 246 12.92 -0.69 -9.71
CA PRO B 246 12.40 0.58 -10.23
C PRO B 246 12.62 1.72 -9.25
N SER B 247 12.27 2.95 -9.64
CA SER B 247 12.51 4.10 -8.77
C SER B 247 11.52 4.18 -7.63
N HIS B 248 10.44 3.40 -7.65
CA HIS B 248 9.56 3.32 -6.49
C HIS B 248 10.33 2.77 -5.30
N LEU B 249 10.21 3.45 -4.17
CA LEU B 249 11.01 3.12 -3.00
C LEU B 249 10.47 1.87 -2.31
N GLU B 250 11.37 0.94 -2.00
CA GLU B 250 11.06 -0.25 -1.21
C GLU B 250 10.05 -1.16 -1.91
N ALA B 251 9.95 -1.06 -3.23
CA ALA B 251 8.98 -1.84 -3.99
C ALA B 251 9.56 -3.15 -4.52
N ALA B 252 10.80 -3.48 -4.16
CA ALA B 252 11.46 -4.67 -4.69
C ALA B 252 11.95 -5.62 -3.61
N ASP B 253 11.65 -5.37 -2.33
CA ASP B 253 12.04 -6.33 -1.30
C ASP B 253 11.36 -7.68 -1.44
N PRO B 254 10.03 -7.77 -1.53
CA PRO B 254 9.42 -9.10 -1.68
C PRO B 254 9.84 -9.82 -2.94
N VAL B 255 10.14 -9.08 -4.01
CA VAL B 255 10.63 -9.70 -5.24
C VAL B 255 11.95 -10.41 -4.99
N VAL B 256 12.86 -9.74 -4.26
CA VAL B 256 14.15 -10.34 -3.91
C VAL B 256 13.93 -11.55 -3.02
N MET B 257 13.03 -11.46 -2.05
CA MET B 257 12.76 -12.60 -1.18
C MET B 257 12.20 -13.79 -1.96
N GLY B 258 11.31 -13.54 -2.92
CA GLY B 258 10.78 -14.61 -3.73
C GLY B 258 11.84 -15.26 -4.60
N LYS B 259 12.72 -14.45 -5.20
CA LYS B 259 13.82 -15.01 -5.97
C LYS B 259 14.73 -15.87 -5.10
N THR B 260 15.04 -15.39 -3.89
CA THR B 260 15.87 -16.17 -2.98
C THR B 260 15.20 -17.50 -2.62
N LYS B 261 13.90 -17.47 -2.34
CA LYS B 261 13.19 -18.70 -2.02
C LYS B 261 13.20 -19.68 -3.18
N ALA B 262 12.99 -19.18 -4.40
CA ALA B 262 12.99 -20.06 -5.56
C ALA B 262 14.35 -20.71 -5.78
N GLU B 263 15.42 -19.91 -5.65
CA GLU B 263 16.76 -20.48 -5.81
C GLU B 263 17.07 -21.49 -4.70
N GLN B 264 16.65 -21.20 -3.47
CA GLN B 264 16.86 -22.15 -2.37
C GLN B 264 16.14 -23.46 -2.64
N PHE B 265 14.90 -23.38 -3.13
CA PHE B 265 14.15 -24.60 -3.42
C PHE B 265 14.79 -25.39 -4.55
N TYR B 266 15.22 -24.71 -5.62
CA TYR B 266 15.78 -25.42 -6.76
C TYR B 266 17.13 -26.04 -6.43
N CYS B 267 17.95 -25.36 -5.64
CA CYS B 267 19.27 -25.88 -5.33
C CYS B 267 19.25 -27.02 -4.30
N GLY B 268 18.09 -27.30 -3.71
CA GLY B 268 17.98 -28.36 -2.73
C GLY B 268 18.32 -27.96 -1.31
N ASP B 269 18.67 -26.70 -1.07
CA ASP B 269 19.04 -26.23 0.26
C ASP B 269 17.76 -26.07 1.08
N THR B 270 17.45 -27.07 1.90
CA THR B 270 16.26 -26.99 2.75
C THR B 270 16.39 -25.88 3.78
N GLU B 271 17.56 -25.76 4.40
CA GLU B 271 17.82 -24.71 5.38
C GLU B 271 18.48 -23.48 4.79
N GLY B 272 18.70 -23.45 3.48
CA GLY B 272 19.27 -22.29 2.82
C GLY B 272 20.67 -21.93 3.27
N LYS B 273 21.55 -22.91 3.35
CA LYS B 273 22.91 -22.66 3.80
C LYS B 273 23.80 -22.06 2.71
N LYS B 274 23.36 -22.08 1.46
CA LYS B 274 24.19 -21.64 0.35
C LYS B 274 23.55 -20.54 -0.50
N VAL B 275 22.47 -19.92 -0.02
CA VAL B 275 21.83 -18.81 -0.71
C VAL B 275 21.59 -17.70 0.31
N MET B 276 21.88 -16.46 -0.09
CA MET B 276 21.82 -15.34 0.83
C MET B 276 21.14 -14.15 0.14
N SER B 277 20.51 -13.29 0.95
CA SER B 277 19.77 -12.16 0.46
C SER B 277 20.22 -10.89 1.18
N ILE B 278 20.54 -9.85 0.40
CA ILE B 278 21.00 -8.58 0.93
C ILE B 278 20.13 -7.47 0.35
N LEU B 279 19.67 -6.56 1.21
CA LEU B 279 18.84 -5.45 0.79
C LEU B 279 19.37 -4.15 1.37
N LEU B 280 19.27 -3.08 0.59
CA LEU B 280 19.71 -1.75 0.99
C LEU B 280 18.53 -0.78 0.98
N HIS B 281 18.48 0.08 2.00
CA HIS B 281 17.38 1.00 2.20
C HIS B 281 17.90 2.38 2.57
N GLY B 282 17.10 3.41 2.28
CA GLY B 282 17.34 4.74 2.77
C GLY B 282 16.58 4.97 4.07
N ASP B 283 17.06 5.93 4.87
CA ASP B 283 16.48 6.15 6.19
C ASP B 283 15.05 6.67 6.10
N ALA B 284 14.77 7.55 5.13
CA ALA B 284 13.45 8.16 5.08
C ALA B 284 12.38 7.19 4.57
N ALA B 285 12.74 6.32 3.63
CA ALA B 285 11.78 5.37 3.08
C ALA B 285 11.59 4.13 3.94
N PHE B 286 12.58 3.78 4.76
CA PHE B 286 12.45 2.63 5.65
C PHE B 286 11.48 2.88 6.79
N ALA B 287 11.04 4.12 7.01
CA ALA B 287 10.12 4.45 8.08
C ALA B 287 8.92 5.26 7.58
N GLY B 288 8.64 5.21 6.28
CA GLY B 288 7.54 5.97 5.73
C GLY B 288 6.63 5.16 4.82
N GLN B 289 7.05 3.94 4.49
CA GLN B 289 6.30 3.08 3.59
C GLN B 289 5.76 1.88 4.34
N GLY B 290 4.49 1.55 4.11
CA GLY B 290 3.90 0.37 4.69
C GLY B 290 4.31 -0.93 4.05
N ILE B 291 5.04 -0.86 2.94
CA ILE B 291 5.52 -2.05 2.26
C ILE B 291 6.46 -2.83 3.16
N VAL B 292 7.30 -2.12 3.91
CA VAL B 292 8.30 -2.76 4.77
C VAL B 292 7.62 -3.60 5.84
N TYR B 293 6.51 -3.12 6.37
CA TYR B 293 5.73 -3.87 7.36
C TYR B 293 5.28 -5.22 6.79
N GLU B 294 4.67 -5.19 5.60
CA GLU B 294 4.18 -6.42 4.98
C GLU B 294 5.33 -7.36 4.65
N THR B 295 6.43 -6.82 4.15
CA THR B 295 7.57 -7.67 3.80
C THR B 295 8.18 -8.30 5.05
N PHE B 296 8.19 -7.56 6.17
CA PHE B 296 8.74 -8.12 7.40
C PHE B 296 7.82 -9.18 8.01
N HIS B 297 6.51 -9.06 7.82
CA HIS B 297 5.63 -10.12 8.31
C HIS B 297 5.74 -11.41 7.51
N LEU B 298 6.27 -11.36 6.28
CA LEU B 298 6.49 -12.57 5.51
C LEU B 298 7.74 -13.32 5.92
N SER B 299 8.56 -12.75 6.82
CA SER B 299 9.87 -13.31 7.11
C SER B 299 9.76 -14.66 7.81
N ASP B 300 8.83 -14.80 8.76
CA ASP B 300 8.74 -15.99 9.59
C ASP B 300 7.69 -16.99 9.14
N LEU B 301 6.76 -16.57 8.25
CA LEU B 301 5.66 -17.46 7.80
C LEU B 301 6.32 -18.70 7.20
N PRO B 302 5.88 -19.95 7.51
CA PRO B 302 6.60 -21.14 7.02
C PRO B 302 6.71 -21.18 5.50
N SER B 303 5.76 -20.60 4.77
CA SER B 303 5.76 -20.67 3.28
C SER B 303 6.61 -19.56 2.66
N TYR B 304 6.81 -18.45 3.39
CA TYR B 304 7.57 -17.29 2.84
C TYR B 304 8.89 -17.07 3.58
N THR B 305 9.44 -18.08 4.26
CA THR B 305 10.67 -17.94 5.09
C THR B 305 11.94 -18.32 4.30
N THR B 306 12.83 -17.36 3.99
CA THR B 306 14.08 -17.63 3.29
C THR B 306 15.24 -17.85 4.27
N HIS B 307 14.92 -18.06 5.54
CA HIS B 307 15.96 -18.39 6.55
C HIS B 307 17.02 -17.28 6.66
N GLY B 308 16.63 -16.02 6.47
CA GLY B 308 17.62 -14.94 6.73
C GLY B 308 17.84 -13.93 5.63
N THR B 309 17.71 -12.64 5.96
CA THR B 309 18.04 -11.55 5.05
C THR B 309 18.81 -10.50 5.82
N VAL B 310 19.75 -9.83 5.14
CA VAL B 310 20.55 -8.77 5.76
C VAL B 310 20.11 -7.44 5.19
N HIS B 311 19.60 -6.57 6.06
CA HIS B 311 19.16 -5.23 5.68
C HIS B 311 20.21 -4.22 6.10
N VAL B 312 20.55 -3.31 5.19
CA VAL B 312 21.48 -2.22 5.48
C VAL B 312 20.77 -0.91 5.16
N VAL B 313 20.58 -0.08 6.18
CA VAL B 313 19.87 1.19 6.05
C VAL B 313 20.88 2.32 6.19
N VAL B 314 20.95 3.20 5.20
CA VAL B 314 21.85 4.35 5.24
C VAL B 314 21.11 5.54 5.80
N ASN B 315 21.58 6.03 6.96
CA ASN B 315 20.93 7.17 7.65
C ASN B 315 21.68 8.46 7.32
N ASN B 316 21.39 9.09 6.19
CA ASN B 316 22.03 10.38 5.85
C ASN B 316 21.29 11.50 6.58
N GLN B 317 20.32 11.15 7.44
CA GLN B 317 19.60 12.18 8.26
C GLN B 317 18.87 13.23 7.42
N ILE B 318 18.41 12.88 6.22
CA ILE B 318 17.62 13.82 5.43
C ILE B 318 16.98 13.06 4.25
N GLY B 319 15.74 13.46 3.91
CA GLY B 319 15.05 12.91 2.73
C GLY B 319 14.75 14.06 1.79
N PHE B 320 15.48 14.18 0.68
CA PHE B 320 15.33 15.34 -0.25
C PHE B 320 15.57 16.61 0.56
N THR B 321 14.53 17.43 0.78
CA THR B 321 14.67 18.66 1.60
C THR B 321 13.85 18.51 2.89
N THR B 322 13.34 17.34 3.21
CA THR B 322 12.49 17.17 4.41
C THR B 322 13.38 16.72 5.53
N ASP B 323 13.23 17.31 6.70
CA ASP B 323 14.12 16.98 7.84
C ASP B 323 13.62 15.70 8.51
N PRO B 324 14.40 15.05 9.38
CA PRO B 324 13.95 13.87 10.12
C PRO B 324 12.73 14.02 11.05
N ARG B 325 12.54 15.19 11.70
CA ARG B 325 11.44 15.35 12.71
C ARG B 325 10.09 15.56 12.05
N MET B 326 10.06 15.97 10.81
CA MET B 326 8.73 16.05 10.14
C MET B 326 8.60 14.90 9.14
N ALA B 327 9.15 13.72 9.46
CA ALA B 327 9.11 12.61 8.53
C ALA B 327 8.58 11.33 9.17
N ARG B 328 8.77 11.18 10.48
CA ARG B 328 8.39 9.94 11.15
C ARG B 328 7.99 10.24 12.58
N SER B 329 7.28 9.28 13.18
CA SER B 329 6.78 9.38 14.55
C SER B 329 7.57 8.50 15.51
N SER B 330 8.75 8.05 15.11
CA SER B 330 9.58 7.16 15.89
C SER B 330 10.98 7.75 16.02
N PRO B 331 11.72 7.38 17.07
CA PRO B 331 13.08 7.92 17.23
C PRO B 331 13.99 7.63 16.06
N TYR B 332 14.20 6.35 15.76
CA TYR B 332 15.14 5.97 14.68
C TYR B 332 14.35 5.55 13.45
N PRO B 333 14.89 5.62 12.20
CA PRO B 333 14.12 5.17 11.05
C PRO B 333 14.17 3.64 10.91
N THR B 334 14.48 2.86 11.96
CA THR B 334 14.73 1.41 11.93
C THR B 334 13.75 0.67 12.84
N ASP B 335 12.61 1.25 13.24
CA ASP B 335 11.69 0.67 14.25
C ASP B 335 10.83 -0.48 13.71
N VAL B 336 10.51 -0.51 12.42
CA VAL B 336 9.68 -1.60 11.79
C VAL B 336 10.28 -2.96 12.08
N ALA B 337 11.61 -3.09 12.15
CA ALA B 337 12.30 -4.38 12.35
C ALA B 337 12.10 -4.92 13.76
N ARG B 338 11.64 -4.13 14.72
CA ARG B 338 11.52 -4.56 16.15
C ARG B 338 10.19 -5.28 16.42
N VAL B 339 9.26 -5.29 15.45
CA VAL B 339 7.94 -6.01 15.59
C VAL B 339 8.18 -7.52 15.37
N VAL B 340 9.33 -7.92 14.79
CA VAL B 340 9.72 -9.30 14.52
C VAL B 340 10.96 -9.71 15.30
N ASN B 341 11.34 -8.93 16.31
CA ASN B 341 12.49 -9.23 17.16
C ASN B 341 13.78 -9.36 16.35
N ALA B 342 13.98 -8.47 15.39
CA ALA B 342 15.20 -8.44 14.60
C ALA B 342 16.15 -7.41 15.20
N PRO B 343 17.33 -7.81 15.65
CA PRO B 343 18.24 -6.84 16.29
C PRO B 343 18.75 -5.81 15.29
N ILE B 344 19.06 -4.62 15.82
CA ILE B 344 19.47 -3.50 14.99
C ILE B 344 20.80 -2.96 15.51
N PHE B 345 21.69 -2.60 14.58
CA PHE B 345 22.98 -2.01 14.92
C PHE B 345 23.13 -0.69 14.19
N HIS B 346 23.34 0.39 14.93
CA HIS B 346 23.61 1.71 14.37
C HIS B 346 25.09 2.00 14.55
N VAL B 347 25.74 2.47 13.49
CA VAL B 347 27.17 2.75 13.54
C VAL B 347 27.45 4.06 12.84
N ASN B 348 28.48 4.76 13.31
CA ASN B 348 28.95 6.00 12.72
C ASN B 348 29.87 5.68 11.55
N SER B 349 29.53 6.18 10.36
CA SER B 349 30.30 5.87 9.17
C SER B 349 31.70 6.49 9.19
N ASP B 350 31.96 7.42 10.10
CA ASP B 350 33.29 8.02 10.19
C ASP B 350 34.34 6.99 10.55
N ASP B 351 34.03 6.11 11.52
CA ASP B 351 34.96 5.08 11.93
C ASP B 351 34.78 3.84 11.06
N PRO B 352 35.77 3.46 10.26
CA PRO B 352 35.57 2.33 9.34
C PRO B 352 35.72 0.96 9.99
N GLU B 353 36.58 0.88 11.01
CA GLU B 353 36.78 -0.40 11.70
C GLU B 353 35.50 -0.86 12.37
N ALA B 354 34.76 0.06 12.97
CA ALA B 354 33.47 -0.28 13.58
C ALA B 354 32.49 -0.80 12.54
N VAL B 355 32.46 -0.16 11.37
CA VAL B 355 31.58 -0.63 10.29
C VAL B 355 31.95 -2.04 9.87
N MET B 356 33.26 -2.30 9.72
CA MET B 356 33.70 -3.62 9.29
C MET B 356 33.30 -4.68 10.31
N TYR B 357 33.52 -4.38 11.60
CA TYR B 357 33.18 -5.36 12.64
C TYR B 357 31.67 -5.59 12.71
N VAL B 358 30.88 -4.54 12.54
CA VAL B 358 29.42 -4.70 12.55
C VAL B 358 28.97 -5.56 11.39
N CYS B 359 29.57 -5.37 10.20
CA CYS B 359 29.23 -6.20 9.06
C CYS B 359 29.58 -7.66 9.31
N LYS B 360 30.76 -7.91 9.89
CA LYS B 360 31.15 -9.28 10.22
C LYS B 360 30.18 -9.91 11.21
N VAL B 361 29.78 -9.15 12.23
CA VAL B 361 28.85 -9.66 13.23
C VAL B 361 27.51 -9.99 12.61
N ALA B 362 27.01 -9.11 11.73
CA ALA B 362 25.72 -9.35 11.08
C ALA B 362 25.77 -10.59 10.21
N ALA B 363 26.85 -10.78 9.45
CA ALA B 363 26.97 -11.97 8.62
C ALA B 363 27.00 -13.24 9.47
N GLU B 364 27.75 -13.21 10.58
CA GLU B 364 27.78 -14.37 11.47
C GLU B 364 26.40 -14.64 12.06
N TRP B 365 25.68 -13.59 12.45
CA TRP B 365 24.35 -13.77 13.01
C TRP B 365 23.41 -14.43 12.00
N ARG B 366 23.43 -13.96 10.75
CA ARG B 366 22.56 -14.57 9.75
C ARG B 366 22.95 -16.03 9.50
N SER B 367 24.25 -16.32 9.41
CA SER B 367 24.66 -17.70 9.17
C SER B 367 24.40 -18.60 10.37
N THR B 368 24.22 -18.04 11.56
CA THR B 368 23.99 -18.84 12.76
C THR B 368 22.51 -19.06 13.04
N PHE B 369 21.75 -17.99 13.23
CA PHE B 369 20.38 -18.08 13.71
C PHE B 369 19.35 -18.08 12.59
N HIS B 370 19.76 -17.88 11.34
CA HIS B 370 18.85 -17.87 10.19
C HIS B 370 17.72 -16.86 10.39
N LYS B 371 18.07 -15.69 10.92
CA LYS B 371 17.11 -14.63 11.21
C LYS B 371 17.55 -13.33 10.55
N ASP B 372 16.57 -12.45 10.33
CA ASP B 372 16.86 -11.14 9.75
C ASP B 372 17.70 -10.30 10.72
N VAL B 373 18.53 -9.43 10.14
CA VAL B 373 19.32 -8.49 10.92
C VAL B 373 19.45 -7.20 10.12
N VAL B 374 19.37 -6.07 10.82
CA VAL B 374 19.41 -4.75 10.20
C VAL B 374 20.59 -3.99 10.77
N VAL B 375 21.37 -3.36 9.89
CA VAL B 375 22.52 -2.54 10.27
C VAL B 375 22.31 -1.13 9.73
N ASP B 376 22.48 -0.14 10.60
CA ASP B 376 22.22 1.26 10.26
C ASP B 376 23.55 2.00 10.18
N LEU B 377 23.83 2.57 9.02
CA LEU B 377 25.06 3.31 8.78
C LEU B 377 24.74 4.80 8.89
N VAL B 378 25.11 5.41 10.01
CA VAL B 378 24.86 6.84 10.22
C VAL B 378 25.93 7.63 9.49
N CYS B 379 25.50 8.54 8.61
CA CYS B 379 26.40 9.28 7.74
C CYS B 379 25.78 10.65 7.47
N TYR B 380 26.30 11.33 6.45
CA TYR B 380 25.75 12.61 6.02
C TYR B 380 25.79 12.67 4.49
N ARG B 381 25.21 13.72 3.94
CA ARG B 381 25.15 13.95 2.51
C ARG B 381 25.98 15.19 2.18
N ARG B 382 26.98 15.03 1.32
CA ARG B 382 27.88 16.14 1.03
C ARG B 382 27.26 17.16 0.08
N ASN B 383 26.49 16.66 -0.90
CA ASN B 383 25.89 17.58 -1.89
C ASN B 383 24.37 17.54 -1.76
N GLY B 384 23.67 18.18 -2.69
CA GLY B 384 22.23 18.19 -2.71
C GLY B 384 21.66 16.83 -3.07
N HIS B 385 20.33 16.79 -3.19
CA HIS B 385 19.66 15.55 -3.57
C HIS B 385 20.19 15.05 -4.91
N ASN B 386 20.27 15.98 -5.86
CA ASN B 386 20.90 15.66 -7.17
C ASN B 386 22.28 16.33 -7.13
N GLU B 387 23.09 16.11 -8.15
CA GLU B 387 24.46 16.64 -8.17
C GLU B 387 24.51 18.12 -8.54
N MET B 388 23.35 18.75 -8.77
CA MET B 388 23.30 20.16 -9.11
C MET B 388 22.17 20.87 -8.37
N ASP B 389 21.73 20.32 -7.25
CA ASP B 389 20.69 20.92 -6.44
C ASP B 389 21.29 21.89 -5.43
N GLU B 390 20.48 22.85 -5.01
CA GLU B 390 20.93 23.87 -4.05
C GLU B 390 20.34 23.57 -2.68
N PRO B 391 21.14 23.07 -1.72
CA PRO B 391 20.61 22.75 -0.40
C PRO B 391 20.67 23.87 0.63
N MET B 392 21.28 25.00 0.30
CA MET B 392 21.32 26.12 1.24
C MET B 392 20.00 26.85 1.35
N PHE B 393 19.07 26.61 0.43
CA PHE B 393 17.77 27.28 0.48
C PHE B 393 16.97 26.86 1.71
N THR B 394 17.04 25.58 2.07
CA THR B 394 16.19 25.01 3.12
C THR B 394 16.93 24.67 4.39
N GLN B 395 18.15 24.16 4.30
CA GLN B 395 18.95 23.77 5.47
C GLN B 395 20.27 24.51 5.45
N PRO B 396 20.30 25.75 5.95
CA PRO B 396 21.56 26.52 5.93
C PRO B 396 22.60 26.01 6.92
N LEU B 397 22.18 25.73 8.16
CA LEU B 397 23.13 25.31 9.19
C LEU B 397 23.74 23.96 8.85
N MET B 398 22.93 23.04 8.31
CA MET B 398 23.44 21.71 7.98
C MET B 398 24.64 21.78 7.06
N TYR B 399 24.49 22.49 5.94
CA TYR B 399 25.57 22.54 4.96
C TYR B 399 26.67 23.51 5.36
N LYS B 400 26.33 24.53 6.18
CA LYS B 400 27.37 25.37 6.75
C LYS B 400 28.32 24.55 7.63
N GLN B 401 27.77 23.60 8.40
CA GLN B 401 28.61 22.70 9.18
C GLN B 401 29.29 21.65 8.30
N ILE B 402 28.60 21.21 7.24
CA ILE B 402 29.16 20.19 6.35
C ILE B 402 30.43 20.71 5.68
N ARG B 403 30.40 21.96 5.20
CA ARG B 403 31.51 22.50 4.43
C ARG B 403 32.77 22.73 5.26
N LYS B 404 32.73 22.34 6.53
CA LYS B 404 33.90 22.53 7.44
C LYS B 404 34.32 21.17 8.03
N GLN B 405 34.25 20.09 7.25
CA GLN B 405 34.61 18.77 7.74
C GLN B 405 35.43 18.04 6.69
N LYS B 406 36.47 17.34 7.15
CA LYS B 406 37.33 16.55 6.29
C LYS B 406 36.62 15.27 5.85
N PRO B 407 36.90 14.80 4.63
CA PRO B 407 36.35 13.51 4.20
C PRO B 407 36.96 12.35 4.99
N VAL B 408 36.25 11.22 4.97
CA VAL B 408 36.69 10.07 5.77
C VAL B 408 38.01 9.52 5.26
N LEU B 409 38.22 9.54 3.93
CA LEU B 409 39.46 9.02 3.37
C LEU B 409 40.66 9.82 3.85
N GLN B 410 40.53 11.14 3.89
CA GLN B 410 41.66 11.99 4.28
C GLN B 410 42.08 11.71 5.73
N LYS B 411 41.11 11.68 6.65
CA LYS B 411 41.44 11.45 8.05
C LYS B 411 41.93 10.03 8.27
N TYR B 412 41.36 9.05 7.58
CA TYR B 412 41.85 7.69 7.70
C TYR B 412 43.28 7.57 7.22
N ALA B 413 43.60 8.20 6.08
CA ALA B 413 44.96 8.17 5.56
C ALA B 413 45.93 8.85 6.52
N GLU B 414 45.52 9.99 7.08
CA GLU B 414 46.38 10.67 8.05
C GLU B 414 46.62 9.80 9.28
N LEU B 415 45.57 9.15 9.79
CA LEU B 415 45.72 8.29 10.95
C LEU B 415 46.65 7.12 10.65
N LEU B 416 46.52 6.50 9.47
CA LEU B 416 47.37 5.38 9.13
C LEU B 416 48.81 5.81 8.90
N VAL B 417 49.02 7.00 8.33
CA VAL B 417 50.38 7.52 8.20
C VAL B 417 51.00 7.76 9.57
N SER B 418 50.22 8.33 10.49
CA SER B 418 50.72 8.54 11.85
C SER B 418 51.05 7.22 12.53
N GLN B 419 50.21 6.20 12.34
CA GLN B 419 50.47 4.91 12.95
C GLN B 419 51.67 4.21 12.31
N GLY B 420 51.92 4.46 11.03
CA GLY B 420 53.02 3.84 10.32
C GLY B 420 52.67 2.66 9.45
N VAL B 421 51.38 2.37 9.28
CA VAL B 421 50.98 1.23 8.45
C VAL B 421 51.37 1.47 7.00
N VAL B 422 51.11 2.66 6.49
CA VAL B 422 51.36 3.00 5.09
C VAL B 422 52.19 4.27 5.03
N ASN B 423 53.12 4.32 4.07
CA ASN B 423 53.91 5.50 3.84
C ASN B 423 53.24 6.39 2.80
N GLN B 424 53.53 7.69 2.89
CA GLN B 424 52.93 8.65 1.96
C GLN B 424 53.21 8.34 0.49
N PRO B 425 54.45 8.01 0.08
CA PRO B 425 54.66 7.70 -1.35
C PRO B 425 53.83 6.55 -1.86
N GLU B 426 53.62 5.52 -1.04
CA GLU B 426 52.80 4.39 -1.46
C GLU B 426 51.36 4.82 -1.70
N TYR B 427 50.81 5.63 -0.80
CA TYR B 427 49.44 6.12 -0.97
C TYR B 427 49.31 7.00 -2.20
N GLU B 428 50.29 7.88 -2.44
CA GLU B 428 50.27 8.71 -3.64
C GLU B 428 50.37 7.86 -4.90
N GLU B 429 51.22 6.84 -4.87
CA GLU B 429 51.34 5.95 -6.03
C GLU B 429 50.05 5.19 -6.28
N GLU B 430 49.37 4.77 -5.21
CA GLU B 430 48.07 4.10 -5.37
C GLU B 430 47.07 5.03 -6.04
N ILE B 431 47.00 6.28 -5.58
CA ILE B 431 46.08 7.25 -6.19
C ILE B 431 46.42 7.44 -7.66
N SER B 432 47.71 7.61 -7.96
CA SER B 432 48.11 7.87 -9.34
C SER B 432 47.80 6.69 -10.26
N LYS B 433 48.08 5.47 -9.79
CA LYS B 433 47.82 4.29 -10.63
C LYS B 433 46.33 4.08 -10.84
N TYR B 434 45.51 4.35 -9.81
CA TYR B 434 44.06 4.21 -10.00
C TYR B 434 43.54 5.28 -10.94
N ASP B 435 44.10 6.50 -10.87
CA ASP B 435 43.73 7.54 -11.82
C ASP B 435 44.09 7.13 -13.25
N LYS B 436 45.27 6.52 -13.42
CA LYS B 436 45.66 6.06 -14.75
C LYS B 436 44.75 4.95 -15.25
N ILE B 437 44.33 4.05 -14.36
CA ILE B 437 43.39 3.00 -14.76
C ILE B 437 42.08 3.61 -15.23
N CYS B 438 41.56 4.59 -14.48
CA CYS B 438 40.32 5.25 -14.90
C CYS B 438 40.48 5.96 -16.23
N GLU B 439 41.62 6.64 -16.43
CA GLU B 439 41.83 7.35 -17.68
C GLU B 439 41.94 6.39 -18.86
N GLU B 440 42.63 5.26 -18.68
CA GLU B 440 42.72 4.27 -19.75
C GLU B 440 41.35 3.68 -20.06
N ALA B 441 40.56 3.38 -19.03
CA ALA B 441 39.21 2.85 -19.25
C ALA B 441 38.35 3.86 -19.99
N PHE B 442 38.43 5.13 -19.62
CA PHE B 442 37.66 6.16 -20.31
C PHE B 442 38.10 6.30 -21.76
N ALA B 443 39.41 6.23 -22.01
CA ALA B 443 39.91 6.31 -23.38
C ALA B 443 39.44 5.14 -24.22
N ARG B 444 39.44 3.94 -23.65
CA ARG B 444 38.97 2.77 -24.39
C ARG B 444 37.46 2.82 -24.61
N SER B 445 36.70 3.39 -23.66
CA SER B 445 35.25 3.44 -23.81
C SER B 445 34.84 4.27 -25.03
N LYS B 446 35.50 5.40 -25.24
CA LYS B 446 35.18 6.26 -26.38
C LYS B 446 36.43 6.53 -27.21
N MET B 474 8.47 -22.80 -34.24
CA MET B 474 7.51 -22.82 -33.15
C MET B 474 6.11 -23.12 -33.65
N SER B 475 5.34 -23.87 -32.87
CA SER B 475 3.97 -24.21 -33.22
C SER B 475 3.18 -24.47 -31.94
N CYS B 476 1.86 -24.41 -32.07
CA CYS B 476 0.99 -24.64 -30.91
C CYS B 476 0.99 -26.12 -30.57
N PRO B 477 1.34 -26.50 -29.34
CA PRO B 477 1.37 -27.92 -28.97
C PRO B 477 -0.04 -28.50 -28.83
N SER B 478 -0.08 -29.81 -28.65
CA SER B 478 -1.30 -30.52 -28.33
C SER B 478 -1.32 -30.78 -26.83
N THR B 479 -2.37 -30.31 -26.16
CA THR B 479 -2.46 -30.36 -24.71
C THR B 479 -3.34 -31.50 -24.21
N GLY B 480 -3.76 -32.41 -25.08
CA GLY B 480 -4.64 -33.48 -24.68
C GLY B 480 -3.93 -34.55 -23.87
N LEU B 481 -4.75 -35.44 -23.29
CA LEU B 481 -4.25 -36.55 -22.48
C LEU B 481 -5.01 -37.81 -22.84
N THR B 482 -4.32 -38.94 -22.78
CA THR B 482 -4.99 -40.22 -22.99
C THR B 482 -5.92 -40.53 -21.82
N GLU B 483 -6.87 -41.43 -22.07
CA GLU B 483 -7.99 -41.61 -21.14
C GLU B 483 -7.56 -42.21 -19.82
N ASP B 484 -6.51 -43.04 -19.81
CA ASP B 484 -6.13 -43.72 -18.58
C ASP B 484 -5.61 -42.74 -17.53
N ILE B 485 -4.83 -41.73 -17.95
CA ILE B 485 -4.36 -40.73 -17.00
C ILE B 485 -5.54 -39.96 -16.39
N LEU B 486 -6.49 -39.56 -17.23
CA LEU B 486 -7.66 -38.83 -16.75
C LEU B 486 -8.46 -39.68 -15.77
N THR B 487 -8.67 -40.96 -16.11
CA THR B 487 -9.42 -41.84 -15.21
C THR B 487 -8.70 -42.02 -13.88
N HIS B 488 -7.38 -42.20 -13.93
CA HIS B 488 -6.61 -42.39 -12.69
C HIS B 488 -6.70 -41.16 -11.80
N ILE B 489 -6.53 -39.97 -12.38
CA ILE B 489 -6.60 -38.75 -11.59
C ILE B 489 -8.01 -38.56 -11.04
N GLY B 490 -9.03 -38.88 -11.84
CA GLY B 490 -10.40 -38.76 -11.37
C GLY B 490 -10.70 -39.67 -10.20
N ASN B 491 -10.26 -40.92 -10.27
CA ASN B 491 -10.49 -41.85 -9.17
C ASN B 491 -9.72 -41.45 -7.92
N VAL B 492 -8.48 -41.00 -8.06
CA VAL B 492 -7.71 -40.63 -6.88
C VAL B 492 -8.27 -39.36 -6.24
N ALA B 493 -8.72 -38.41 -7.07
CA ALA B 493 -9.22 -37.14 -6.56
C ALA B 493 -10.58 -37.27 -5.88
N SER B 494 -11.37 -38.29 -6.25
CA SER B 494 -12.74 -38.44 -5.71
C SER B 494 -12.77 -39.48 -4.57
N SER B 495 -11.70 -39.58 -3.78
CA SER B 495 -11.63 -40.53 -2.69
C SER B 495 -10.60 -40.05 -1.68
N VAL B 496 -10.28 -40.92 -0.73
CA VAL B 496 -9.26 -40.62 0.28
C VAL B 496 -8.19 -41.72 0.28
N PRO B 497 -6.93 -41.38 0.03
CA PRO B 497 -5.89 -42.43 -0.01
C PRO B 497 -5.59 -43.05 1.35
N VAL B 498 -5.65 -42.26 2.42
CA VAL B 498 -5.24 -42.75 3.73
C VAL B 498 -6.27 -43.75 4.24
N GLU B 499 -5.79 -44.82 4.87
CA GLU B 499 -6.64 -45.93 5.30
C GLU B 499 -7.61 -45.51 6.41
N ASN B 500 -7.07 -44.95 7.50
CA ASN B 500 -7.90 -44.59 8.68
C ASN B 500 -8.11 -43.08 8.75
N PHE B 501 -8.50 -42.47 7.63
CA PHE B 501 -8.73 -41.03 7.56
C PHE B 501 -10.23 -40.79 7.40
N THR B 502 -10.85 -40.19 8.40
CA THR B 502 -12.27 -39.92 8.41
C THR B 502 -12.54 -38.44 8.15
N ILE B 503 -13.57 -38.16 7.36
CA ILE B 503 -13.86 -36.79 6.95
C ILE B 503 -15.29 -36.43 7.33
N HIS B 504 -15.70 -35.20 7.02
CA HIS B 504 -17.02 -34.71 7.34
C HIS B 504 -18.06 -35.34 6.40
N GLY B 505 -19.32 -35.32 6.85
CA GLY B 505 -20.39 -35.87 6.02
C GLY B 505 -20.61 -35.08 4.74
N GLY B 506 -20.60 -33.76 4.83
CA GLY B 506 -20.72 -32.94 3.63
C GLY B 506 -19.58 -33.16 2.67
N LEU B 507 -18.36 -33.29 3.19
CA LEU B 507 -17.22 -33.61 2.34
C LEU B 507 -17.38 -34.98 1.70
N SER B 508 -17.94 -35.94 2.44
CA SER B 508 -18.19 -37.26 1.87
C SER B 508 -19.20 -37.16 0.73
N ARG B 509 -20.24 -36.35 0.89
CA ARG B 509 -21.21 -36.16 -0.19
C ARG B 509 -20.55 -35.49 -1.39
N ILE B 510 -19.67 -34.53 -1.16
CA ILE B 510 -18.95 -33.88 -2.25
C ILE B 510 -18.10 -34.89 -3.01
N LEU B 511 -17.39 -35.76 -2.28
CA LEU B 511 -16.56 -36.76 -2.93
C LEU B 511 -17.40 -37.79 -3.67
N LYS B 512 -18.57 -38.13 -3.13
CA LYS B 512 -19.46 -39.05 -3.84
C LYS B 512 -19.96 -38.43 -5.14
N THR B 513 -20.31 -37.14 -5.11
CA THR B 513 -20.69 -36.46 -6.34
C THR B 513 -19.54 -36.41 -7.33
N ARG B 514 -18.32 -36.20 -6.83
CA ARG B 514 -17.14 -36.21 -7.71
C ARG B 514 -16.97 -37.58 -8.37
N GLY B 515 -17.13 -38.65 -7.60
CA GLY B 515 -17.02 -39.99 -8.18
C GLY B 515 -18.11 -40.26 -9.18
N GLU B 516 -19.34 -39.79 -8.91
CA GLU B 516 -20.42 -39.97 -9.87
C GLU B 516 -20.12 -39.23 -11.17
N MET B 517 -19.56 -38.02 -11.08
CA MET B 517 -19.18 -37.29 -12.28
C MET B 517 -18.06 -38.01 -13.03
N VAL B 518 -17.07 -38.53 -12.30
CA VAL B 518 -15.95 -39.21 -12.95
C VAL B 518 -16.42 -40.45 -13.70
N LYS B 519 -17.26 -41.26 -13.05
CA LYS B 519 -17.74 -42.48 -13.67
C LYS B 519 -18.62 -42.21 -14.88
N ASN B 520 -19.22 -41.03 -14.98
CA ASN B 520 -20.08 -40.66 -16.08
C ASN B 520 -19.36 -39.88 -17.17
N ARG B 521 -18.04 -39.76 -17.08
CA ARG B 521 -17.22 -39.03 -18.05
C ARG B 521 -17.65 -37.56 -18.14
N THR B 522 -17.58 -36.89 -16.99
CA THR B 522 -17.96 -35.49 -16.89
C THR B 522 -17.03 -34.82 -15.89
N VAL B 523 -16.65 -33.57 -16.18
CA VAL B 523 -15.67 -32.84 -15.38
C VAL B 523 -16.24 -31.47 -15.02
N ASP B 524 -16.04 -31.06 -13.78
CA ASP B 524 -16.40 -29.72 -13.30
C ASP B 524 -15.12 -28.93 -13.04
N TRP B 525 -15.29 -27.74 -12.45
CA TRP B 525 -14.17 -26.81 -12.30
C TRP B 525 -13.06 -27.42 -11.44
N ALA B 526 -13.42 -27.97 -10.28
CA ALA B 526 -12.42 -28.55 -9.38
C ALA B 526 -11.74 -29.75 -10.02
N LEU B 527 -12.51 -30.63 -10.66
CA LEU B 527 -11.91 -31.80 -11.31
C LEU B 527 -11.00 -31.38 -12.45
N ALA B 528 -11.37 -30.33 -13.19
CA ALA B 528 -10.49 -29.82 -14.24
C ALA B 528 -9.19 -29.29 -13.66
N GLU B 529 -9.27 -28.59 -12.52
CA GLU B 529 -8.06 -28.12 -11.86
C GLU B 529 -7.16 -29.28 -11.45
N TYR B 530 -7.74 -30.30 -10.81
CA TYR B 530 -6.95 -31.49 -10.46
C TYR B 530 -6.33 -32.13 -11.69
N MET B 531 -7.10 -32.30 -12.76
CA MET B 531 -6.56 -32.99 -13.92
C MET B 531 -5.40 -32.22 -14.54
N ALA B 532 -5.55 -30.89 -14.68
CA ALA B 532 -4.47 -30.09 -15.24
C ALA B 532 -3.22 -30.14 -14.36
N PHE B 533 -3.40 -29.92 -13.05
CA PHE B 533 -2.24 -29.88 -12.16
C PHE B 533 -1.54 -31.23 -12.10
N GLY B 534 -2.31 -32.31 -12.04
CA GLY B 534 -1.70 -33.64 -12.00
C GLY B 534 -1.00 -34.00 -13.30
N SER B 535 -1.60 -33.62 -14.44
CA SER B 535 -0.93 -33.87 -15.71
C SER B 535 0.41 -33.13 -15.78
N LEU B 536 0.44 -31.89 -15.31
CA LEU B 536 1.71 -31.17 -15.28
C LEU B 536 2.69 -31.80 -14.29
N LEU B 537 2.19 -32.25 -13.14
CA LEU B 537 3.07 -32.88 -12.14
C LEU B 537 3.67 -34.18 -12.65
N LYS B 538 2.97 -34.87 -13.55
CA LYS B 538 3.53 -36.10 -14.11
C LYS B 538 4.78 -35.82 -14.93
N GLU B 539 4.79 -34.72 -15.68
CA GLU B 539 5.92 -34.40 -16.55
C GLU B 539 7.14 -33.89 -15.77
N GLY B 540 7.01 -33.64 -14.48
CA GLY B 540 8.11 -33.13 -13.68
C GLY B 540 8.13 -31.64 -13.47
N ILE B 541 7.05 -30.94 -13.81
CA ILE B 541 6.97 -29.50 -13.64
C ILE B 541 6.46 -29.19 -12.24
N HIS B 542 7.20 -28.37 -11.50
CA HIS B 542 6.78 -27.96 -10.16
C HIS B 542 5.59 -27.03 -10.24
N ILE B 543 4.67 -27.16 -9.29
CA ILE B 543 3.47 -26.34 -9.22
C ILE B 543 3.33 -25.77 -7.82
N ARG B 544 3.13 -24.47 -7.73
CA ARG B 544 2.92 -23.77 -6.47
C ARG B 544 1.69 -22.90 -6.59
N LEU B 545 0.79 -23.00 -5.62
CA LEU B 545 -0.44 -22.22 -5.58
C LEU B 545 -0.49 -21.48 -4.24
N SER B 546 -0.59 -20.16 -4.34
CA SER B 546 -0.61 -19.34 -3.11
C SER B 546 -1.70 -18.28 -3.20
N GLY B 547 -1.98 -17.64 -2.07
CA GLY B 547 -2.97 -16.59 -1.97
C GLY B 547 -3.74 -16.73 -0.68
N GLN B 548 -4.92 -16.12 -0.70
CA GLN B 548 -5.79 -16.19 0.49
C GLN B 548 -6.76 -17.35 0.32
N ASP B 549 -7.07 -18.08 1.39
CA ASP B 549 -8.06 -19.16 1.48
C ASP B 549 -8.11 -20.04 0.23
N VAL B 550 -6.93 -20.46 -0.23
CA VAL B 550 -6.84 -21.33 -1.39
C VAL B 550 -6.87 -22.81 -1.04
N GLU B 551 -6.52 -23.18 0.20
CA GLU B 551 -6.52 -24.59 0.57
C GLU B 551 -7.93 -25.17 0.52
N ARG B 552 -8.91 -24.42 0.99
CA ARG B 552 -10.31 -24.85 0.95
C ARG B 552 -11.08 -24.23 -0.21
N GLY B 553 -10.73 -23.02 -0.62
CA GLY B 553 -11.45 -22.29 -1.63
C GLY B 553 -12.36 -21.26 -0.99
N THR B 554 -12.39 -20.07 -1.58
CA THR B 554 -13.22 -19.01 -1.02
C THR B 554 -14.70 -19.33 -1.14
N PHE B 555 -15.08 -20.20 -2.08
CA PHE B 555 -16.44 -20.66 -2.22
C PHE B 555 -16.59 -22.13 -1.84
N SER B 556 -15.56 -22.73 -1.24
CA SER B 556 -15.60 -24.10 -0.74
C SER B 556 -15.96 -25.09 -1.85
N HIS B 557 -15.22 -25.01 -2.96
CA HIS B 557 -15.51 -25.83 -4.14
C HIS B 557 -14.39 -26.79 -4.52
N ARG B 558 -13.13 -26.48 -4.18
CA ARG B 558 -11.98 -27.31 -4.65
C ARG B 558 -11.51 -28.31 -3.59
N HIS B 559 -11.54 -27.94 -2.31
CA HIS B 559 -11.13 -28.84 -1.20
C HIS B 559 -9.82 -29.57 -1.55
N HIS B 560 -8.77 -28.82 -1.90
CA HIS B 560 -7.48 -29.42 -2.23
C HIS B 560 -6.79 -30.03 -1.03
N VAL B 561 -7.15 -29.61 0.18
CA VAL B 561 -6.55 -30.11 1.41
C VAL B 561 -7.65 -30.72 2.27
N LEU B 562 -7.43 -31.95 2.73
CA LEU B 562 -8.40 -32.67 3.56
C LEU B 562 -7.93 -32.66 5.00
N HIS B 563 -8.85 -32.37 5.91
CA HIS B 563 -8.56 -32.32 7.34
C HIS B 563 -9.27 -33.45 8.06
N ASP B 564 -8.61 -34.02 9.05
CA ASP B 564 -9.16 -35.12 9.83
C ASP B 564 -9.98 -34.56 10.99
N GLN B 565 -11.15 -35.13 11.26
CA GLN B 565 -12.00 -34.55 12.33
C GLN B 565 -11.42 -34.85 13.73
N ASN B 566 -10.99 -36.08 14.01
CA ASN B 566 -10.53 -36.42 15.38
C ASN B 566 -9.10 -35.92 15.68
N VAL B 567 -8.08 -36.42 14.98
CA VAL B 567 -6.65 -36.06 15.28
C VAL B 567 -6.41 -34.57 15.03
N ASP B 568 -5.60 -33.92 15.88
CA ASP B 568 -5.40 -32.45 15.80
C ASP B 568 -4.74 -31.95 14.51
N LYS B 569 -3.63 -32.57 14.07
CA LYS B 569 -2.88 -32.01 12.92
C LYS B 569 -2.89 -32.94 11.70
N ARG B 570 -3.67 -34.04 11.75
CA ARG B 570 -3.64 -35.02 10.63
C ARG B 570 -4.13 -34.31 9.35
N THR B 571 -3.30 -34.30 8.30
CA THR B 571 -3.66 -33.56 7.07
C THR B 571 -3.32 -34.42 5.86
N CYS B 572 -4.23 -34.53 4.90
CA CYS B 572 -4.01 -35.39 3.75
C CYS B 572 -4.20 -34.59 2.47
N ILE B 573 -3.20 -34.62 1.60
CA ILE B 573 -3.30 -34.03 0.27
C ILE B 573 -3.29 -35.19 -0.73
N PRO B 574 -4.45 -35.57 -1.27
CA PRO B 574 -4.50 -36.76 -2.13
C PRO B 574 -3.72 -36.61 -3.41
N MET B 575 -3.33 -35.38 -3.78
CA MET B 575 -2.72 -35.16 -5.07
C MET B 575 -1.28 -35.65 -5.10
N ASN B 576 -0.61 -35.65 -3.96
CA ASN B 576 0.77 -36.16 -3.90
C ASN B 576 0.81 -37.67 -4.11
N HIS B 577 -0.35 -38.29 -4.09
CA HIS B 577 -0.37 -39.75 -4.17
C HIS B 577 -0.65 -40.19 -5.60
N LEU B 578 -0.73 -39.26 -6.55
CA LEU B 578 -1.15 -39.69 -7.92
C LEU B 578 -0.14 -40.62 -8.61
N TRP B 579 1.16 -40.30 -8.65
CA TRP B 579 2.16 -41.12 -9.41
C TRP B 579 3.36 -41.35 -8.49
N PRO B 580 4.15 -42.46 -8.61
CA PRO B 580 5.27 -42.76 -7.67
C PRO B 580 6.42 -41.74 -7.72
N ASN B 581 6.73 -41.23 -8.91
CA ASN B 581 7.81 -40.23 -9.18
C ASN B 581 7.18 -39.00 -9.85
N GLN B 582 7.14 -37.86 -9.15
CA GLN B 582 6.50 -36.69 -9.71
C GLN B 582 7.04 -35.45 -9.02
N ALA B 583 6.82 -34.29 -9.64
CA ALA B 583 7.25 -33.03 -9.07
C ALA B 583 6.46 -32.71 -7.80
N PRO B 584 7.06 -32.00 -6.86
CA PRO B 584 6.34 -31.65 -5.63
C PRO B 584 5.19 -30.70 -5.90
N TYR B 585 4.23 -30.71 -4.97
CA TYR B 585 3.05 -29.86 -5.05
C TYR B 585 2.90 -29.12 -3.73
N THR B 586 2.71 -27.80 -3.81
CA THR B 586 2.66 -26.97 -2.61
C THR B 586 1.44 -26.05 -2.70
N VAL B 587 0.64 -26.02 -1.64
CA VAL B 587 -0.47 -25.08 -1.49
C VAL B 587 -0.29 -24.36 -0.16
N CYS B 588 -0.40 -23.03 -0.20
CA CYS B 588 -0.07 -22.20 0.95
C CYS B 588 -1.17 -21.18 1.20
N ASN B 589 -1.44 -20.92 2.48
CA ASN B 589 -2.28 -19.82 2.89
C ASN B 589 -1.40 -18.64 3.29
N SER B 590 -1.72 -17.47 2.75
CA SER B 590 -0.92 -16.27 2.94
C SER B 590 -1.62 -15.30 3.87
N SER B 591 -0.92 -14.22 4.20
CA SER B 591 -1.46 -13.18 5.05
C SER B 591 -2.44 -12.31 4.25
N LEU B 592 -2.99 -11.30 4.93
CA LEU B 592 -3.94 -10.39 4.29
C LEU B 592 -3.28 -9.40 3.35
N SER B 593 -1.96 -9.30 3.36
CA SER B 593 -1.29 -8.38 2.45
C SER B 593 -1.40 -8.88 1.01
N GLU B 594 -2.04 -8.08 0.16
CA GLU B 594 -2.13 -8.37 -1.26
C GLU B 594 -0.94 -7.83 -2.02
N TYR B 595 -0.06 -7.06 -1.38
CA TYR B 595 1.06 -6.42 -2.06
C TYR B 595 2.35 -7.21 -1.93
N GLY B 596 2.68 -7.69 -0.73
CA GLY B 596 3.87 -8.46 -0.52
C GLY B 596 3.81 -9.86 -1.09
N VAL B 597 2.63 -10.49 -1.01
CA VAL B 597 2.48 -11.85 -1.51
C VAL B 597 2.64 -11.90 -3.03
N LEU B 598 2.06 -10.92 -3.73
CA LEU B 598 2.18 -10.88 -5.18
C LEU B 598 3.63 -10.67 -5.61
N GLY B 599 4.35 -9.79 -4.92
CA GLY B 599 5.75 -9.59 -5.23
C GLY B 599 6.59 -10.83 -4.94
N PHE B 600 6.30 -11.51 -3.83
CA PHE B 600 6.98 -12.76 -3.52
C PHE B 600 6.75 -13.79 -4.62
N GLU B 601 5.50 -13.93 -5.07
CA GLU B 601 5.20 -14.88 -6.13
C GLU B 601 5.90 -14.52 -7.42
N LEU B 602 5.96 -13.22 -7.75
CA LEU B 602 6.63 -12.79 -8.97
C LEU B 602 8.13 -13.11 -8.91
N GLY B 603 8.76 -12.80 -7.78
CA GLY B 603 10.18 -13.12 -7.62
C GLY B 603 10.44 -14.61 -7.69
N PHE B 604 9.55 -15.42 -7.12
CA PHE B 604 9.66 -16.86 -7.26
C PHE B 604 9.52 -17.28 -8.72
N ALA B 605 8.64 -16.66 -9.48
CA ALA B 605 8.44 -17.13 -10.87
C ALA B 605 9.67 -16.80 -11.73
N MET B 606 10.47 -15.82 -11.33
CA MET B 606 11.67 -15.38 -12.11
C MET B 606 12.76 -16.45 -12.16
N ALA B 607 12.91 -17.28 -11.12
CA ALA B 607 14.03 -18.25 -11.06
C ALA B 607 14.04 -19.22 -12.25
N SER B 608 12.99 -20.05 -12.44
CA SER B 608 13.07 -21.05 -13.52
C SER B 608 11.83 -21.06 -14.42
N PRO B 609 11.96 -21.29 -15.74
CA PRO B 609 10.82 -21.42 -16.64
C PRO B 609 9.95 -22.64 -16.34
N ASN B 610 10.57 -23.75 -15.94
CA ASN B 610 9.83 -25.02 -15.68
C ASN B 610 9.18 -24.98 -14.30
N ALA B 611 8.20 -24.08 -14.11
CA ALA B 611 7.49 -23.96 -12.82
C ALA B 611 6.18 -23.23 -13.09
N LEU B 612 5.13 -23.59 -12.35
CA LEU B 612 3.82 -22.96 -12.52
C LEU B 612 3.43 -22.35 -11.18
N VAL B 613 3.55 -21.03 -11.07
CA VAL B 613 3.23 -20.29 -9.85
C VAL B 613 1.92 -19.58 -10.08
N LEU B 614 0.95 -19.82 -9.20
CA LEU B 614 -0.38 -19.24 -9.29
C LEU B 614 -0.68 -18.44 -8.04
N TRP B 615 -1.22 -17.24 -8.22
CA TRP B 615 -1.64 -16.38 -7.11
C TRP B 615 -3.15 -16.17 -7.21
N GLU B 616 -3.85 -16.40 -6.10
CA GLU B 616 -5.30 -16.32 -6.04
C GLU B 616 -5.73 -15.23 -5.08
N ALA B 617 -6.64 -14.39 -5.53
CA ALA B 617 -7.24 -13.35 -4.71
C ALA B 617 -8.65 -13.76 -4.31
N GLN B 618 -9.04 -13.37 -3.09
CA GLN B 618 -10.38 -13.70 -2.60
C GLN B 618 -11.46 -13.09 -3.49
N PHE B 619 -11.28 -11.84 -3.89
CA PHE B 619 -12.18 -11.19 -4.83
C PHE B 619 -11.35 -10.34 -5.79
N GLY B 620 -11.93 -10.07 -6.95
CA GLY B 620 -11.24 -9.32 -7.97
C GLY B 620 -11.13 -7.84 -7.73
N ASP B 621 -11.67 -7.33 -6.62
CA ASP B 621 -11.63 -5.90 -6.32
C ASP B 621 -10.45 -5.51 -5.45
N PHE B 622 -9.75 -6.47 -4.84
CA PHE B 622 -8.69 -6.17 -3.90
C PHE B 622 -7.30 -6.22 -4.54
N HIS B 623 -7.23 -6.35 -5.87
CA HIS B 623 -5.94 -6.35 -6.54
C HIS B 623 -5.33 -4.95 -6.57
N ASN B 624 -6.18 -3.92 -6.48
CA ASN B 624 -5.70 -2.54 -6.57
C ASN B 624 -4.81 -2.15 -5.40
N THR B 625 -4.78 -2.96 -4.34
CA THR B 625 -3.85 -2.72 -3.25
C THR B 625 -2.40 -2.96 -3.69
N ALA B 626 -2.18 -3.77 -4.72
CA ALA B 626 -0.85 -4.09 -5.22
C ALA B 626 -0.64 -3.55 -6.64
N GLN B 627 -1.34 -2.48 -6.99
CA GLN B 627 -1.23 -1.90 -8.33
C GLN B 627 0.22 -1.61 -8.70
N CYS B 628 1.01 -1.13 -7.74
CA CYS B 628 2.41 -0.83 -8.00
C CYS B 628 3.13 -2.03 -8.60
N ILE B 629 2.92 -3.22 -8.01
CA ILE B 629 3.57 -4.43 -8.53
C ILE B 629 3.15 -4.67 -9.98
N ILE B 630 1.86 -4.48 -10.27
CA ILE B 630 1.41 -4.63 -11.65
C ILE B 630 1.94 -3.48 -12.51
N ASP B 631 2.09 -2.29 -11.92
CA ASP B 631 2.47 -1.12 -12.71
C ASP B 631 3.93 -1.17 -13.12
N GLN B 632 4.81 -1.62 -12.24
CA GLN B 632 6.24 -1.50 -12.53
C GLN B 632 6.93 -2.82 -12.82
N PHE B 633 6.40 -3.94 -12.36
CA PHE B 633 7.16 -5.20 -12.47
C PHE B 633 6.55 -6.16 -13.49
N ILE B 634 5.25 -6.38 -13.48
CA ILE B 634 4.64 -7.42 -14.39
C ILE B 634 4.42 -6.81 -15.77
N CYS B 635 3.91 -5.56 -15.83
CA CYS B 635 3.63 -4.89 -17.13
C CYS B 635 4.87 -4.73 -18.01
N PRO B 636 5.98 -4.03 -17.62
CA PRO B 636 7.11 -3.82 -18.52
C PRO B 636 8.36 -4.64 -18.15
N GLY B 637 8.17 -5.89 -17.70
CA GLY B 637 9.31 -6.75 -17.33
C GLY B 637 10.25 -7.06 -18.49
N GLN B 638 9.80 -7.07 -19.72
CA GLN B 638 10.68 -7.51 -20.83
C GLN B 638 11.01 -6.33 -21.73
N ALA B 639 10.13 -5.33 -21.78
CA ALA B 639 10.37 -4.11 -22.56
C ALA B 639 11.58 -3.42 -21.97
N LYS B 640 11.63 -3.35 -20.65
CA LYS B 640 12.84 -2.84 -19.97
C LYS B 640 13.32 -4.00 -19.10
N TRP B 641 14.62 -4.33 -19.11
CA TRP B 641 15.22 -5.43 -18.30
C TRP B 641 15.40 -6.71 -19.12
N VAL B 642 14.59 -6.95 -20.16
CA VAL B 642 14.80 -8.12 -21.07
C VAL B 642 15.03 -9.41 -20.28
N ARG B 643 14.10 -9.78 -19.39
CA ARG B 643 14.14 -11.06 -18.63
C ARG B 643 12.73 -11.67 -18.70
N GLN B 644 12.58 -12.99 -18.69
CA GLN B 644 11.21 -13.56 -18.91
C GLN B 644 10.54 -14.01 -17.62
N ASN B 645 9.20 -13.91 -17.57
CA ASN B 645 8.39 -14.35 -16.39
C ASN B 645 7.11 -15.02 -16.90
N GLY B 646 6.52 -15.92 -16.10
CA GLY B 646 5.29 -16.64 -16.49
C GLY B 646 4.35 -16.90 -15.31
N ILE B 647 4.20 -15.94 -14.40
CA ILE B 647 3.28 -16.05 -13.22
C ILE B 647 1.83 -16.14 -13.70
N VAL B 648 0.99 -16.94 -13.03
CA VAL B 648 -0.46 -16.96 -13.39
C VAL B 648 -1.24 -16.17 -12.34
N LEU B 649 -2.05 -15.21 -12.78
CA LEU B 649 -2.90 -14.48 -11.84
C LEU B 649 -4.35 -14.89 -12.03
N LEU B 650 -4.99 -15.30 -10.94
CA LEU B 650 -6.38 -15.72 -10.93
C LEU B 650 -7.22 -14.71 -10.16
N LEU B 651 -8.25 -14.18 -10.79
CA LEU B 651 -9.08 -13.12 -10.20
C LEU B 651 -10.55 -13.45 -10.37
N PRO B 652 -11.27 -13.74 -9.29
CA PRO B 652 -12.72 -13.96 -9.41
C PRO B 652 -13.42 -12.68 -9.83
N HIS B 653 -14.37 -12.81 -10.75
CA HIS B 653 -15.02 -11.65 -11.36
C HIS B 653 -16.44 -12.01 -11.76
N GLY B 654 -17.41 -11.24 -11.29
CA GLY B 654 -18.79 -11.46 -11.63
C GLY B 654 -19.76 -10.56 -10.89
N MET B 655 -20.87 -10.19 -11.55
CA MET B 655 -21.88 -9.33 -10.96
C MET B 655 -23.05 -10.20 -10.50
N GLU B 656 -23.23 -10.30 -9.18
CA GLU B 656 -24.31 -11.17 -8.63
C GLU B 656 -25.03 -10.48 -7.47
N GLY B 657 -24.90 -9.18 -7.29
CA GLY B 657 -25.68 -8.46 -6.26
C GLY B 657 -25.14 -8.59 -4.86
N MET B 658 -23.90 -9.03 -4.73
CA MET B 658 -23.33 -9.23 -3.38
C MET B 658 -22.65 -7.95 -2.93
N GLY B 659 -22.72 -6.91 -3.74
CA GLY B 659 -22.17 -5.63 -3.28
C GLY B 659 -21.63 -4.72 -4.36
N PRO B 660 -21.42 -3.40 -4.12
CA PRO B 660 -20.73 -2.54 -5.09
C PRO B 660 -19.24 -2.80 -5.19
N GLU B 661 -18.64 -3.44 -4.19
CA GLU B 661 -17.21 -3.69 -4.18
C GLU B 661 -16.83 -5.15 -3.92
N HIS B 662 -17.80 -6.03 -3.72
CA HIS B 662 -17.58 -7.47 -3.80
C HIS B 662 -17.97 -7.99 -5.18
N SER B 663 -17.95 -7.09 -6.17
CA SER B 663 -18.37 -7.47 -7.55
C SER B 663 -17.45 -6.82 -8.58
N SER B 664 -17.12 -7.52 -9.68
CA SER B 664 -16.28 -6.98 -10.78
C SER B 664 -14.78 -7.01 -10.45
N ALA B 665 -13.92 -7.29 -11.44
CA ALA B 665 -12.45 -7.37 -11.21
C ALA B 665 -11.72 -6.21 -11.90
N ARG B 666 -12.41 -5.19 -12.39
CA ARG B 666 -11.78 -4.07 -13.12
C ARG B 666 -11.02 -4.64 -14.31
N PRO B 667 -11.65 -5.33 -15.29
CA PRO B 667 -10.86 -5.80 -16.45
C PRO B 667 -10.48 -4.68 -17.41
N GLU B 668 -11.20 -3.56 -17.40
CA GLU B 668 -10.85 -2.45 -18.28
C GLU B 668 -9.55 -1.78 -17.87
N ARG B 669 -9.12 -1.96 -16.62
CA ARG B 669 -7.81 -1.45 -16.21
C ARG B 669 -6.69 -2.31 -16.78
N PHE B 670 -6.86 -3.63 -16.78
CA PHE B 670 -5.86 -4.52 -17.35
C PHE B 670 -5.83 -4.42 -18.87
N LEU B 671 -6.99 -4.25 -19.49
CA LEU B 671 -7.05 -4.29 -20.95
C LEU B 671 -6.45 -3.04 -21.60
N GLN B 672 -6.34 -1.94 -20.86
CA GLN B 672 -5.74 -0.73 -21.42
C GLN B 672 -4.23 -0.71 -21.35
N MET B 673 -3.65 -1.58 -20.50
CA MET B 673 -2.17 -1.63 -20.33
C MET B 673 -1.59 -2.65 -21.30
N CYS B 674 -1.89 -2.53 -22.59
CA CYS B 674 -1.45 -3.47 -23.61
C CYS B 674 -0.81 -2.72 -24.76
N ASN B 675 0.36 -3.17 -25.19
CA ASN B 675 1.10 -2.54 -26.29
C ASN B 675 0.55 -2.98 -27.64
N ASP B 676 -0.74 -2.72 -27.84
CA ASP B 676 -1.42 -3.05 -29.08
C ASP B 676 -2.04 -1.79 -29.66
N ASP B 677 -1.91 -1.63 -30.98
CA ASP B 677 -2.49 -0.49 -31.68
C ASP B 677 -3.86 -0.88 -32.21
N PRO B 678 -4.95 -0.30 -31.71
CA PRO B 678 -6.29 -0.71 -32.18
C PRO B 678 -6.56 -0.39 -33.63
N ASP B 679 -5.80 0.51 -34.26
CA ASP B 679 -6.12 1.00 -35.59
C ASP B 679 -5.46 0.21 -36.71
N VAL B 680 -4.65 -0.80 -36.39
CA VAL B 680 -3.95 -1.59 -37.40
C VAL B 680 -4.44 -3.03 -37.32
N LEU B 681 -4.77 -3.61 -38.48
CA LEU B 681 -5.17 -5.00 -38.57
C LEU B 681 -3.97 -5.82 -38.99
N PRO B 682 -3.47 -6.73 -38.15
CA PRO B 682 -2.28 -7.51 -38.51
C PRO B 682 -2.54 -8.42 -39.69
N ASP B 683 -1.45 -9.00 -40.20
CA ASP B 683 -1.53 -9.93 -41.32
C ASP B 683 -2.13 -11.24 -40.85
N LEU B 684 -3.36 -11.53 -41.28
CA LEU B 684 -4.07 -12.72 -40.84
C LEU B 684 -3.68 -13.97 -41.61
N LYS B 685 -2.83 -13.85 -42.63
CA LYS B 685 -2.44 -14.98 -43.47
C LYS B 685 -0.98 -15.37 -43.25
N GLU B 686 -0.50 -15.21 -42.02
CA GLU B 686 0.90 -15.61 -41.67
C GLU B 686 0.97 -17.13 -41.54
N ALA B 687 2.18 -17.68 -41.42
CA ALA B 687 2.35 -19.15 -41.26
C ALA B 687 1.44 -19.64 -40.13
N ASN B 688 1.57 -19.08 -38.92
CA ASN B 688 0.74 -19.53 -37.76
C ASN B 688 -0.15 -18.39 -37.28
N PHE B 689 0.43 -17.23 -36.96
CA PHE B 689 -0.32 -16.05 -36.43
C PHE B 689 -0.56 -16.21 -34.92
N ASP B 690 -1.41 -17.14 -34.52
CA ASP B 690 -1.63 -17.43 -33.08
C ASP B 690 -0.35 -17.40 -32.24
N ILE B 691 0.71 -18.11 -32.62
CA ILE B 691 1.93 -18.19 -31.76
C ILE B 691 2.79 -16.94 -31.95
N ASN B 692 2.83 -16.41 -33.16
CA ASN B 692 3.54 -15.16 -33.45
C ASN B 692 2.91 -13.98 -32.73
N GLN B 693 1.57 -13.89 -32.77
CA GLN B 693 0.87 -12.84 -32.04
C GLN B 693 1.12 -12.92 -30.54
N LEU B 694 1.11 -14.14 -30.00
CA LEU B 694 1.37 -14.35 -28.59
C LEU B 694 2.82 -14.06 -28.22
N TYR B 695 3.75 -14.15 -29.18
CA TYR B 695 5.15 -13.88 -28.91
C TYR B 695 5.39 -12.38 -28.70
N ASP B 696 4.68 -11.55 -29.47
CA ASP B 696 4.88 -10.08 -29.40
C ASP B 696 3.79 -9.44 -28.54
N CYS B 697 3.86 -9.63 -27.22
CA CYS B 697 2.91 -9.03 -26.30
C CYS B 697 3.52 -8.97 -24.91
N ASN B 698 2.85 -8.23 -24.01
CA ASN B 698 3.35 -8.11 -22.60
C ASN B 698 2.78 -9.28 -21.80
N TRP B 699 1.44 -9.37 -21.68
CA TRP B 699 0.89 -10.54 -21.00
C TRP B 699 -0.34 -11.02 -21.77
N VAL B 700 -1.04 -11.97 -21.17
CA VAL B 700 -2.25 -12.54 -21.75
C VAL B 700 -3.40 -12.33 -20.77
N VAL B 701 -4.59 -12.04 -21.29
CA VAL B 701 -5.80 -11.87 -20.49
C VAL B 701 -6.86 -12.82 -21.02
N VAL B 702 -7.41 -13.66 -20.14
CA VAL B 702 -8.43 -14.64 -20.52
C VAL B 702 -9.55 -14.61 -19.50
N ASN B 703 -10.76 -14.98 -19.95
CA ASN B 703 -11.93 -15.08 -19.10
C ASN B 703 -12.60 -16.42 -19.41
N CYS B 704 -12.32 -17.43 -18.60
CA CYS B 704 -12.76 -18.79 -18.86
C CYS B 704 -14.12 -19.05 -18.22
N SER B 705 -15.02 -19.65 -18.98
CA SER B 705 -16.34 -20.03 -18.49
C SER B 705 -16.54 -21.53 -18.38
N THR B 706 -15.86 -22.32 -19.21
CA THR B 706 -15.98 -23.77 -19.21
C THR B 706 -14.73 -24.43 -18.63
N PRO B 707 -14.88 -25.55 -17.92
CA PRO B 707 -13.70 -26.19 -17.31
C PRO B 707 -12.66 -26.69 -18.30
N GLY B 708 -13.07 -27.04 -19.53
CA GLY B 708 -12.12 -27.56 -20.49
C GLY B 708 -11.09 -26.53 -20.92
N ASN B 709 -11.53 -25.31 -21.18
CA ASN B 709 -10.60 -24.24 -21.56
C ASN B 709 -9.68 -23.89 -20.39
N PHE B 710 -10.22 -23.88 -19.17
CA PHE B 710 -9.38 -23.65 -18.00
C PHE B 710 -8.35 -24.75 -17.82
N PHE B 711 -8.69 -25.98 -18.24
CA PHE B 711 -7.72 -27.07 -18.21
C PHE B 711 -6.63 -26.86 -19.26
N HIS B 712 -7.03 -26.49 -20.49
CA HIS B 712 -6.05 -26.37 -21.56
C HIS B 712 -5.13 -25.18 -21.39
N VAL B 713 -5.61 -24.10 -20.78
CA VAL B 713 -4.81 -22.88 -20.65
C VAL B 713 -3.59 -23.12 -19.78
N LEU B 714 -3.77 -23.81 -18.66
CA LEU B 714 -2.65 -24.04 -17.74
C LEU B 714 -1.59 -24.93 -18.38
N ARG B 715 -2.01 -25.91 -19.18
CA ARG B 715 -1.05 -26.74 -19.89
C ARG B 715 -0.31 -25.96 -20.97
N ARG B 716 -1.04 -25.12 -21.72
CA ARG B 716 -0.41 -24.31 -22.75
C ARG B 716 0.57 -23.30 -22.15
N GLN B 717 0.35 -22.92 -20.89
CA GLN B 717 1.25 -21.94 -20.22
C GLN B 717 2.65 -22.54 -20.08
N ILE B 718 2.76 -23.84 -19.83
CA ILE B 718 4.04 -24.50 -19.62
C ILE B 718 4.60 -25.07 -20.92
N LEU B 719 3.75 -25.69 -21.74
CA LEU B 719 4.25 -26.38 -22.93
C LEU B 719 4.84 -25.45 -23.97
N LEU B 720 4.63 -24.14 -23.85
CA LEU B 720 5.17 -23.20 -24.83
C LEU B 720 6.67 -22.99 -24.60
N PRO B 721 7.48 -22.60 -25.63
CA PRO B 721 8.92 -22.39 -25.44
C PRO B 721 9.21 -21.21 -24.52
N PHE B 722 8.64 -20.04 -24.83
CA PHE B 722 8.87 -18.81 -24.02
C PHE B 722 7.84 -18.75 -22.89
N ARG B 723 7.94 -17.73 -22.03
CA ARG B 723 7.02 -17.59 -20.91
C ARG B 723 6.45 -16.19 -20.98
N LYS B 724 5.20 -15.95 -20.59
CA LYS B 724 4.57 -14.64 -20.48
C LYS B 724 3.56 -14.66 -19.33
N PRO B 725 3.35 -13.54 -18.67
CA PRO B 725 2.36 -13.50 -17.58
C PRO B 725 0.95 -13.75 -18.08
N LEU B 726 0.13 -14.35 -17.21
CA LEU B 726 -1.23 -14.75 -17.55
C LEU B 726 -2.18 -14.22 -16.49
N ILE B 727 -3.27 -13.60 -16.94
CA ILE B 727 -4.33 -13.10 -16.09
C ILE B 727 -5.60 -13.85 -16.46
N ILE B 728 -6.24 -14.48 -15.48
CA ILE B 728 -7.45 -15.26 -15.71
C ILE B 728 -8.56 -14.70 -14.83
N PHE B 729 -9.73 -14.47 -15.44
CA PHE B 729 -10.91 -13.99 -14.73
C PHE B 729 -11.80 -15.20 -14.47
N THR B 730 -11.69 -15.77 -13.26
CA THR B 730 -12.44 -16.96 -12.91
C THR B 730 -13.87 -16.61 -12.50
N PRO B 731 -14.83 -17.49 -12.75
CA PRO B 731 -16.21 -17.21 -12.36
C PRO B 731 -16.43 -17.42 -10.87
N LYS B 732 -17.60 -16.97 -10.41
CA LYS B 732 -17.98 -17.09 -9.01
C LYS B 732 -19.23 -17.93 -8.78
N SER B 733 -20.19 -17.91 -9.71
CA SER B 733 -21.41 -18.68 -9.58
C SER B 733 -21.51 -19.87 -10.52
N LEU B 734 -20.59 -20.02 -11.48
CA LEU B 734 -20.60 -21.17 -12.36
C LEU B 734 -19.96 -22.40 -11.75
N LEU B 735 -19.40 -22.30 -10.54
CA LEU B 735 -18.79 -23.45 -9.90
C LEU B 735 -19.82 -24.53 -9.60
N ARG B 736 -21.00 -24.13 -9.13
CA ARG B 736 -22.09 -25.08 -8.75
C ARG B 736 -23.15 -25.12 -9.86
N HIS B 737 -22.94 -24.45 -11.00
CA HIS B 737 -23.98 -24.39 -12.03
C HIS B 737 -24.24 -25.78 -12.61
N PRO B 738 -25.50 -26.19 -12.75
CA PRO B 738 -25.78 -27.56 -13.21
C PRO B 738 -25.23 -27.89 -14.58
N GLU B 739 -25.22 -26.93 -15.51
CA GLU B 739 -24.77 -27.19 -16.88
C GLU B 739 -23.39 -26.63 -17.17
N ALA B 740 -22.66 -26.22 -16.12
CA ALA B 740 -21.26 -25.74 -16.30
C ALA B 740 -20.33 -26.96 -16.26
N ARG B 741 -20.53 -27.90 -17.18
CA ARG B 741 -19.76 -29.14 -17.23
C ARG B 741 -19.36 -29.44 -18.66
N SER B 742 -18.31 -30.25 -18.81
CA SER B 742 -17.83 -30.67 -20.11
C SER B 742 -17.46 -32.14 -20.07
N SER B 743 -17.47 -32.77 -21.25
CA SER B 743 -17.16 -34.19 -21.35
C SER B 743 -15.65 -34.41 -21.39
N PHE B 744 -15.27 -35.69 -21.34
CA PHE B 744 -13.86 -36.04 -21.51
C PHE B 744 -13.40 -35.92 -22.95
N ASP B 745 -14.34 -35.86 -23.90
CA ASP B 745 -13.98 -35.79 -25.32
C ASP B 745 -13.27 -34.51 -25.69
N GLU B 746 -13.34 -33.47 -24.86
CA GLU B 746 -12.59 -32.24 -25.06
C GLU B 746 -11.26 -32.24 -24.33
N MET B 747 -10.89 -33.34 -23.68
CA MET B 747 -9.66 -33.46 -22.91
C MET B 747 -8.76 -34.56 -23.46
N LEU B 748 -9.08 -35.09 -24.63
CA LEU B 748 -8.38 -36.22 -25.23
C LEU B 748 -7.27 -35.73 -26.15
N PRO B 749 -6.39 -36.63 -26.60
CA PRO B 749 -5.34 -36.21 -27.55
C PRO B 749 -5.94 -35.66 -28.84
N GLY B 750 -5.24 -34.67 -29.40
CA GLY B 750 -5.70 -33.99 -30.59
C GLY B 750 -6.55 -32.77 -30.34
N THR B 751 -6.63 -32.30 -29.10
CA THR B 751 -7.45 -31.16 -28.74
C THR B 751 -6.56 -30.00 -28.31
N HIS B 752 -6.83 -28.81 -28.84
CA HIS B 752 -6.11 -27.59 -28.50
C HIS B 752 -7.04 -26.62 -27.78
N PHE B 753 -6.44 -25.66 -27.09
CA PHE B 753 -7.23 -24.62 -26.45
C PHE B 753 -7.95 -23.79 -27.49
N GLN B 754 -9.21 -23.46 -27.21
CA GLN B 754 -10.06 -22.71 -28.12
C GLN B 754 -10.13 -21.27 -27.63
N ARG B 755 -9.51 -20.36 -28.36
CA ARG B 755 -9.53 -18.95 -27.97
C ARG B 755 -10.92 -18.36 -28.11
N VAL B 756 -11.67 -18.78 -29.12
CA VAL B 756 -13.04 -18.34 -29.34
C VAL B 756 -13.90 -19.58 -29.54
N ILE B 757 -15.00 -19.67 -28.78
CA ILE B 757 -15.94 -20.78 -28.89
C ILE B 757 -17.08 -20.34 -29.78
N PRO B 758 -17.24 -20.89 -30.99
CA PRO B 758 -18.39 -20.54 -31.81
C PRO B 758 -19.68 -21.07 -31.22
N GLU B 759 -20.82 -20.60 -31.75
CA GLU B 759 -22.15 -21.01 -31.23
C GLU B 759 -22.52 -22.38 -31.80
N ASP B 760 -22.99 -23.28 -30.93
CA ASP B 760 -23.44 -24.62 -31.38
C ASP B 760 -24.94 -24.74 -31.07
N GLY B 761 -25.74 -25.09 -32.09
CA GLY B 761 -27.17 -25.22 -31.93
C GLY B 761 -27.90 -25.08 -33.25
N PRO B 762 -29.23 -24.90 -33.18
CA PRO B 762 -30.01 -24.75 -34.42
C PRO B 762 -29.62 -23.52 -35.23
N ALA B 763 -29.02 -22.51 -34.59
CA ALA B 763 -28.59 -21.33 -35.34
C ALA B 763 -27.52 -21.68 -36.36
N ALA B 764 -26.57 -22.54 -35.98
CA ALA B 764 -25.51 -22.93 -36.90
C ALA B 764 -26.04 -23.79 -38.04
N GLN B 765 -27.09 -24.58 -37.79
CA GLN B 765 -27.65 -25.42 -38.84
C GLN B 765 -28.22 -24.58 -39.98
N ASN B 766 -28.91 -23.49 -39.64
CA ASN B 766 -29.50 -22.57 -40.60
C ASN B 766 -28.96 -21.17 -40.29
N PRO B 767 -27.78 -20.83 -40.82
CA PRO B 767 -27.13 -19.57 -40.42
C PRO B 767 -27.66 -18.34 -41.13
N GLU B 768 -28.36 -18.49 -42.25
CA GLU B 768 -28.85 -17.33 -42.98
C GLU B 768 -30.08 -16.70 -42.33
N ASN B 769 -30.79 -17.43 -41.47
CA ASN B 769 -31.98 -16.92 -40.82
C ASN B 769 -31.70 -16.31 -39.45
N VAL B 770 -30.44 -16.24 -39.04
CA VAL B 770 -30.09 -15.74 -37.72
C VAL B 770 -30.02 -14.22 -37.75
N LYS B 771 -30.63 -13.58 -36.76
CA LYS B 771 -30.51 -12.15 -36.53
C LYS B 771 -29.79 -11.91 -35.22
N ARG B 772 -29.39 -10.66 -34.99
CA ARG B 772 -28.78 -10.26 -33.69
C ARG B 772 -27.59 -11.14 -33.29
N LEU B 773 -26.54 -11.17 -34.12
CA LEU B 773 -25.32 -11.84 -33.70
C LEU B 773 -24.84 -11.20 -32.40
N LEU B 774 -24.56 -12.02 -31.40
CA LEU B 774 -24.37 -11.52 -30.04
C LEU B 774 -23.05 -12.04 -29.48
N PHE B 775 -22.28 -11.14 -28.87
CA PHE B 775 -21.01 -11.47 -28.25
C PHE B 775 -21.13 -11.35 -26.74
N CYS B 776 -20.50 -12.27 -26.02
CA CYS B 776 -20.49 -12.23 -24.57
C CYS B 776 -19.13 -12.68 -24.07
N THR B 777 -18.91 -12.55 -22.75
CA THR B 777 -17.62 -12.97 -22.14
C THR B 777 -17.83 -13.35 -20.66
N GLY B 778 -18.09 -14.63 -20.37
CA GLY B 778 -18.22 -15.11 -19.01
C GLY B 778 -19.59 -15.74 -18.77
N LYS B 779 -20.08 -15.57 -17.54
CA LYS B 779 -21.36 -16.17 -17.14
C LYS B 779 -22.54 -15.58 -17.90
N VAL B 780 -22.39 -14.38 -18.45
CA VAL B 780 -23.49 -13.71 -19.14
C VAL B 780 -24.07 -14.60 -20.23
N TYR B 781 -23.26 -15.51 -20.78
CA TYR B 781 -23.76 -16.45 -21.78
C TYR B 781 -24.94 -17.25 -21.25
N TYR B 782 -24.78 -17.88 -20.09
CA TYR B 782 -25.82 -18.76 -19.58
C TYR B 782 -27.11 -17.99 -19.32
N ASP B 783 -27.00 -16.84 -18.65
CA ASP B 783 -28.17 -16.01 -18.41
C ASP B 783 -28.88 -15.65 -19.71
N LEU B 784 -28.14 -15.51 -20.80
CA LEU B 784 -28.78 -15.29 -22.09
C LEU B 784 -29.49 -16.55 -22.58
N THR B 785 -28.80 -17.68 -22.54
CA THR B 785 -29.32 -18.89 -23.19
C THR B 785 -30.65 -19.31 -22.56
N ARG B 786 -30.72 -19.29 -21.23
CA ARG B 786 -31.98 -19.59 -20.55
C ARG B 786 -33.10 -18.75 -21.11
N GLU B 787 -32.89 -17.44 -21.22
CA GLU B 787 -33.94 -16.57 -21.72
C GLU B 787 -34.25 -16.86 -23.18
N ARG B 788 -33.23 -17.25 -23.96
CA ARG B 788 -33.50 -17.63 -25.34
C ARG B 788 -34.44 -18.83 -25.39
N LYS B 789 -34.38 -19.70 -24.39
CA LYS B 789 -35.35 -20.78 -24.30
C LYS B 789 -36.68 -20.29 -23.77
N ALA B 790 -36.68 -19.28 -22.90
CA ALA B 790 -37.92 -18.77 -22.35
C ALA B 790 -38.72 -17.98 -23.38
N ARG B 791 -38.04 -17.18 -24.19
CA ARG B 791 -38.70 -16.35 -25.19
C ARG B 791 -38.85 -17.04 -26.54
N ASP B 792 -38.42 -18.30 -26.66
CA ASP B 792 -38.45 -19.04 -27.91
C ASP B 792 -37.71 -18.27 -29.01
N MET B 793 -36.50 -17.81 -28.67
CA MET B 793 -35.65 -17.10 -29.60
C MET B 793 -34.59 -17.98 -30.23
N VAL B 794 -34.65 -19.29 -29.99
CA VAL B 794 -33.68 -20.21 -30.58
C VAL B 794 -33.84 -20.22 -32.09
N GLY B 795 -32.72 -20.13 -32.80
CA GLY B 795 -32.74 -19.98 -34.24
C GLY B 795 -32.88 -18.56 -34.72
N GLN B 796 -33.07 -17.60 -33.81
CA GLN B 796 -33.15 -16.20 -34.16
C GLN B 796 -32.06 -15.36 -33.52
N VAL B 797 -31.30 -15.91 -32.58
CA VAL B 797 -30.19 -15.21 -31.92
C VAL B 797 -29.03 -16.16 -31.79
N ALA B 798 -27.83 -15.71 -32.16
CA ALA B 798 -26.61 -16.48 -32.02
C ALA B 798 -25.72 -15.82 -30.98
N ILE B 799 -25.28 -16.59 -29.99
CA ILE B 799 -24.49 -16.07 -28.89
C ILE B 799 -23.13 -16.76 -28.90
N THR B 800 -22.06 -15.97 -28.93
CA THR B 800 -20.70 -16.50 -28.98
C THR B 800 -19.85 -15.90 -27.89
N ARG B 801 -18.99 -16.72 -27.30
CA ARG B 801 -18.08 -16.30 -26.25
C ARG B 801 -16.72 -15.95 -26.85
N ILE B 802 -15.91 -15.26 -26.06
CA ILE B 802 -14.54 -14.88 -26.42
C ILE B 802 -13.69 -15.15 -25.18
N GLU B 803 -12.95 -16.26 -25.19
CA GLU B 803 -12.18 -16.64 -24.02
C GLU B 803 -10.94 -15.78 -23.84
N GLN B 804 -10.24 -15.49 -24.93
CA GLN B 804 -9.00 -14.72 -24.90
C GLN B 804 -9.25 -13.31 -25.44
N LEU B 805 -8.92 -12.30 -24.63
CA LEU B 805 -9.13 -10.89 -25.05
C LEU B 805 -7.78 -10.28 -25.44
N SER B 806 -6.72 -10.62 -24.72
CA SER B 806 -5.35 -10.12 -25.07
C SER B 806 -4.45 -11.33 -25.37
N PRO B 807 -3.69 -11.36 -26.49
CA PRO B 807 -3.96 -10.53 -27.68
C PRO B 807 -5.32 -10.79 -28.34
N PHE B 808 -5.77 -9.87 -29.19
CA PHE B 808 -7.12 -9.99 -29.79
C PHE B 808 -7.15 -11.06 -30.90
N PRO B 809 -8.02 -12.10 -30.87
CA PRO B 809 -8.11 -13.06 -32.01
C PRO B 809 -8.84 -12.48 -33.22
N PHE B 810 -8.10 -11.72 -34.03
CA PHE B 810 -8.70 -11.11 -35.22
C PHE B 810 -9.14 -12.17 -36.22
N ASP B 811 -8.33 -13.21 -36.42
CA ASP B 811 -8.60 -14.20 -37.46
C ASP B 811 -9.88 -14.98 -37.18
N LEU B 812 -10.00 -15.54 -35.97
CA LEU B 812 -11.18 -16.34 -35.65
C LEU B 812 -12.45 -15.49 -35.63
N LEU B 813 -12.37 -14.28 -35.08
CA LEU B 813 -13.52 -13.40 -35.05
C LEU B 813 -13.96 -13.00 -36.44
N LEU B 814 -13.01 -12.70 -37.32
CA LEU B 814 -13.36 -12.38 -38.70
C LEU B 814 -13.97 -13.59 -39.40
N LYS B 815 -13.45 -14.79 -39.09
CA LYS B 815 -13.99 -16.00 -39.69
C LYS B 815 -15.44 -16.24 -39.25
N GLU B 816 -15.74 -16.00 -37.99
CA GLU B 816 -17.10 -16.29 -37.50
C GLU B 816 -18.08 -15.17 -37.80
N VAL B 817 -17.61 -13.93 -37.93
CA VAL B 817 -18.50 -12.84 -38.30
C VAL B 817 -18.98 -13.01 -39.74
N GLN B 818 -18.09 -13.47 -40.62
CA GLN B 818 -18.48 -13.72 -42.01
C GLN B 818 -19.43 -14.91 -42.14
N LYS B 819 -19.57 -15.72 -41.10
CA LYS B 819 -20.48 -16.86 -41.16
C LYS B 819 -21.93 -16.40 -41.28
N TYR B 820 -22.28 -15.29 -40.64
CA TYR B 820 -23.63 -14.76 -40.66
C TYR B 820 -23.66 -13.44 -41.43
N PRO B 821 -24.06 -13.45 -42.71
CA PRO B 821 -24.00 -12.21 -43.50
C PRO B 821 -24.96 -11.13 -43.00
N ASN B 822 -26.15 -11.56 -42.54
CA ASN B 822 -27.20 -10.60 -42.10
C ASN B 822 -27.49 -10.74 -40.60
N ALA B 823 -26.68 -10.10 -39.76
CA ALA B 823 -26.85 -10.16 -38.32
C ALA B 823 -26.23 -8.91 -37.69
N GLU B 824 -26.98 -8.28 -36.80
CA GLU B 824 -26.53 -7.04 -36.16
C GLU B 824 -25.58 -7.36 -35.02
N LEU B 825 -24.34 -6.90 -35.11
CA LEU B 825 -23.36 -7.12 -34.06
C LEU B 825 -23.79 -6.38 -32.79
N ALA B 826 -23.57 -7.03 -31.64
CA ALA B 826 -23.89 -6.43 -30.36
C ALA B 826 -22.96 -7.03 -29.30
N TRP B 827 -22.77 -6.27 -28.22
CA TRP B 827 -21.93 -6.68 -27.11
C TRP B 827 -22.75 -6.68 -25.84
N CYS B 828 -22.78 -7.82 -25.14
CA CYS B 828 -23.45 -7.92 -23.86
C CYS B 828 -22.45 -7.79 -22.72
N GLN B 829 -22.95 -7.34 -21.57
CA GLN B 829 -22.10 -7.04 -20.44
C GLN B 829 -22.97 -6.97 -19.19
N GLU B 830 -22.49 -7.57 -18.10
CA GLU B 830 -23.15 -7.44 -16.81
C GLU B 830 -22.57 -6.30 -15.99
N GLU B 831 -21.62 -5.55 -16.53
CA GLU B 831 -21.05 -4.39 -15.88
C GLU B 831 -21.60 -3.12 -16.54
N HIS B 832 -21.17 -1.98 -16.03
CA HIS B 832 -21.63 -0.71 -16.54
C HIS B 832 -20.91 -0.35 -17.84
N LYS B 833 -21.42 0.67 -18.54
CA LYS B 833 -20.86 1.03 -19.83
C LYS B 833 -19.42 1.52 -19.71
N ASN B 834 -19.12 2.31 -18.69
CA ASN B 834 -17.78 2.84 -18.50
C ASN B 834 -16.85 1.84 -17.81
N GLN B 835 -17.24 0.58 -17.75
CA GLN B 835 -16.43 -0.46 -17.10
C GLN B 835 -16.54 -1.71 -17.98
N GLY B 836 -15.84 -2.78 -17.63
CA GLY B 836 -15.91 -4.03 -18.36
C GLY B 836 -15.01 -4.12 -19.58
N TYR B 837 -15.55 -4.44 -20.73
CA TYR B 837 -14.75 -4.71 -21.93
C TYR B 837 -15.27 -3.94 -23.13
N TYR B 838 -16.22 -3.04 -22.97
CA TYR B 838 -16.78 -2.36 -24.14
C TYR B 838 -15.77 -1.42 -24.78
N ASP B 839 -15.13 -0.56 -23.98
CA ASP B 839 -14.21 0.42 -24.54
C ASP B 839 -12.97 -0.22 -25.16
N TYR B 840 -12.67 -1.46 -24.78
CA TYR B 840 -11.56 -2.19 -25.38
C TYR B 840 -12.01 -3.00 -26.59
N VAL B 841 -13.11 -3.74 -26.46
CA VAL B 841 -13.53 -4.64 -27.53
C VAL B 841 -14.05 -3.86 -28.73
N LYS B 842 -14.75 -2.74 -28.49
CA LYS B 842 -15.37 -2.01 -29.61
C LYS B 842 -14.37 -1.53 -30.66
N PRO B 843 -13.27 -0.84 -30.30
CA PRO B 843 -12.30 -0.49 -31.36
C PRO B 843 -11.74 -1.69 -32.08
N ARG B 844 -11.48 -2.78 -31.36
CA ARG B 844 -10.90 -3.96 -32.00
C ARG B 844 -11.92 -4.66 -32.89
N LEU B 845 -13.18 -4.72 -32.46
CA LEU B 845 -14.21 -5.30 -33.33
C LEU B 845 -14.41 -4.46 -34.58
N ARG B 846 -14.37 -3.13 -34.45
CA ARG B 846 -14.52 -2.27 -35.62
C ARG B 846 -13.28 -2.30 -36.50
N THR B 847 -12.12 -2.65 -35.95
CA THR B 847 -10.92 -2.85 -36.76
C THR B 847 -10.94 -4.18 -37.50
N THR B 848 -11.46 -5.22 -36.86
CA THR B 848 -11.46 -6.55 -37.47
C THR B 848 -12.23 -6.55 -38.78
N ILE B 849 -13.42 -5.93 -38.79
CA ILE B 849 -14.23 -5.76 -40.03
C ILE B 849 -13.73 -4.44 -40.65
N SER B 850 -14.19 -4.05 -41.83
CA SER B 850 -13.74 -2.80 -42.52
C SER B 850 -14.57 -1.61 -42.01
N ARG B 851 -14.78 -1.46 -40.69
CA ARG B 851 -15.68 -0.43 -40.12
C ARG B 851 -16.92 -0.48 -41.00
N ALA B 852 -17.34 -1.68 -41.39
CA ALA B 852 -18.50 -1.81 -42.28
C ALA B 852 -19.80 -2.00 -41.48
N LYS B 853 -19.70 -2.18 -40.16
CA LYS B 853 -20.91 -2.42 -39.34
C LYS B 853 -20.78 -1.78 -37.94
N PRO B 854 -21.79 -1.04 -37.39
CA PRO B 854 -21.70 -0.55 -36.02
C PRO B 854 -21.70 -1.65 -34.98
N VAL B 855 -21.02 -1.42 -33.87
CA VAL B 855 -21.02 -2.42 -32.78
C VAL B 855 -21.87 -1.80 -31.69
N TRP B 856 -23.06 -2.34 -31.42
CA TRP B 856 -24.02 -1.73 -30.47
C TRP B 856 -23.70 -2.19 -29.06
N TYR B 857 -24.45 -1.74 -28.08
CA TYR B 857 -24.24 -2.13 -26.68
C TYR B 857 -25.54 -2.64 -26.08
N ALA B 858 -25.44 -3.63 -25.20
CA ALA B 858 -26.62 -4.21 -24.50
C ALA B 858 -26.20 -4.54 -23.07
N GLY B 859 -26.19 -3.55 -22.18
CA GLY B 859 -25.70 -3.73 -20.84
C GLY B 859 -26.20 -2.63 -19.92
N ARG B 860 -25.56 -2.55 -18.75
CA ARG B 860 -25.93 -1.54 -17.78
C ARG B 860 -25.48 -0.16 -18.22
N ASP B 861 -26.09 0.86 -17.61
CA ASP B 861 -25.75 2.25 -17.89
C ASP B 861 -24.52 2.66 -17.09
N PRO B 862 -23.81 3.71 -17.52
CA PRO B 862 -22.62 4.16 -16.80
C PRO B 862 -22.92 4.56 -15.37
N ALA B 863 -21.95 4.32 -14.49
CA ALA B 863 -22.10 4.67 -13.08
C ALA B 863 -20.73 4.94 -12.50
N ALA B 864 -20.72 5.65 -11.36
CA ALA B 864 -19.48 5.99 -10.68
C ALA B 864 -18.99 4.88 -9.75
N ALA B 865 -19.73 3.79 -9.62
CA ALA B 865 -19.35 2.67 -8.77
C ALA B 865 -19.45 1.38 -9.56
N PRO B 866 -18.67 0.36 -9.18
CA PRO B 866 -18.73 -0.91 -9.91
C PRO B 866 -20.11 -1.55 -9.91
N ALA B 867 -20.86 -1.42 -8.83
CA ALA B 867 -22.21 -1.98 -8.76
C ALA B 867 -23.05 -1.13 -7.81
N THR B 868 -24.32 -1.51 -7.70
CA THR B 868 -25.25 -0.77 -6.85
C THR B 868 -25.38 -1.43 -5.48
N GLY B 869 -25.64 -0.60 -4.47
CA GLY B 869 -25.84 -1.05 -3.11
C GLY B 869 -27.27 -1.33 -2.72
N ASN B 870 -28.21 -1.27 -3.66
CA ASN B 870 -29.62 -1.52 -3.40
C ASN B 870 -30.02 -2.84 -4.06
N LYS B 871 -30.62 -3.73 -3.27
CA LYS B 871 -30.97 -5.06 -3.77
C LYS B 871 -32.12 -5.00 -4.76
N LYS B 872 -33.07 -4.08 -4.56
CA LYS B 872 -34.26 -4.04 -5.39
C LYS B 872 -33.92 -3.61 -6.82
N THR B 873 -33.03 -2.63 -6.98
CA THR B 873 -32.73 -2.10 -8.31
C THR B 873 -31.90 -3.07 -9.15
N HIS B 874 -31.23 -4.03 -8.52
CA HIS B 874 -30.45 -5.01 -9.27
C HIS B 874 -31.34 -5.82 -10.20
N LEU B 875 -32.49 -6.28 -9.70
CA LEU B 875 -33.38 -7.08 -10.52
C LEU B 875 -33.93 -6.26 -11.69
N THR B 876 -34.29 -5.00 -11.45
CA THR B 876 -34.78 -4.15 -12.52
C THR B 876 -33.71 -3.89 -13.55
N GLU B 877 -32.47 -3.66 -13.11
CA GLU B 877 -31.36 -3.45 -14.04
C GLU B 877 -31.14 -4.69 -14.89
N LEU B 878 -31.15 -5.87 -14.28
CA LEU B 878 -30.95 -7.11 -15.02
C LEU B 878 -32.08 -7.35 -16.00
N GLN B 879 -33.32 -7.06 -15.60
CA GLN B 879 -34.45 -7.25 -16.52
C GLN B 879 -34.35 -6.30 -17.69
N ARG B 880 -33.86 -5.07 -17.49
CA ARG B 880 -33.65 -4.06 -18.58
C ARG B 880 -32.49 -4.51 -19.47
N LEU B 881 -31.39 -4.99 -18.90
CA LEU B 881 -30.22 -5.51 -19.64
C LEU B 881 -30.72 -6.61 -20.56
N LEU B 882 -31.54 -7.51 -20.03
CA LEU B 882 -32.04 -8.69 -20.78
C LEU B 882 -33.17 -8.27 -21.72
N ASP B 883 -33.84 -7.16 -21.47
CA ASP B 883 -34.89 -6.63 -22.38
C ASP B 883 -34.24 -6.44 -23.74
N THR B 884 -33.24 -5.56 -23.87
CA THR B 884 -32.63 -5.23 -25.20
C THR B 884 -32.25 -6.51 -25.96
N ALA B 885 -31.59 -7.49 -25.34
CA ALA B 885 -31.25 -8.79 -25.97
C ALA B 885 -32.57 -9.56 -26.12
N PHE B 886 -32.79 -10.33 -27.21
CA PHE B 886 -34.02 -11.15 -27.43
C PHE B 886 -35.25 -10.25 -27.62
N ASP B 887 -35.04 -8.96 -27.89
CA ASP B 887 -36.13 -8.00 -28.22
C ASP B 887 -35.48 -7.15 -29.29
N LEU B 888 -35.74 -7.44 -30.56
CA LEU B 888 -35.00 -6.74 -31.63
C LEU B 888 -35.56 -5.34 -31.88
N ASP B 889 -34.91 -4.57 -32.74
CA ASP B 889 -35.39 -3.23 -33.17
C ASP B 889 -35.19 -2.22 -32.03
N VAL B 890 -34.32 -2.49 -31.05
CA VAL B 890 -33.98 -1.50 -29.98
C VAL B 890 -33.12 -0.41 -30.63
N PHE B 891 -32.39 -0.72 -31.71
CA PHE B 891 -31.48 0.23 -32.43
C PHE B 891 -31.98 0.53 -33.85
N LYS B 892 -32.76 -0.35 -34.49
CA LYS B 892 -33.38 -0.12 -35.83
C LYS B 892 -34.48 0.95 -35.74
N ASN B 893 -34.89 1.33 -34.52
CA ASN B 893 -35.99 2.32 -34.30
C ASN B 893 -35.62 3.70 -34.88
N PHE B 894 -34.32 4.04 -35.04
CA PHE B 894 -33.91 5.36 -35.51
C PHE B 894 -34.41 5.62 -36.93
N SER B 895 -34.33 4.62 -37.80
CA SER B 895 -34.79 4.77 -39.17
C SER B 895 -36.21 4.24 -39.34
#